data_8OE2
#
_entry.id   8OE2
#
_cell.length_a   67.350
_cell.length_b   143.144
_cell.length_c   106.676
_cell.angle_alpha   90.00
_cell.angle_beta   108.38
_cell.angle_gamma   90.00
#
_symmetry.space_group_name_H-M   'P 1 21 1'
#
loop_
_entity.id
_entity.type
_entity.pdbx_description
1 polymer 'Haloalkane dehalogenase'
2 non-polymer 'CHLORIDE ION'
3 non-polymer 'SULFATE ION'
4 non-polymer 'TETRAETHYLENE GLYCOL'
5 non-polymer GLYCEROL
6 non-polymer 2-AMINO-2-HYDROXYMETHYL-PROPANE-1,3-DIOL
7 water water
#
_entity_poly.entity_id   1
_entity_poly.type   'polypeptide(L)'
_entity_poly.pdbx_seq_one_letter_code
;MSEIGTGFPFDPHYVEVLGSRMHYVDVGPRDGTPVLFLHGNPTSSYLWRNIIPHVAPSHRCIAPDLIGMGKSDKPDLDYR
FDDHVRYLDAFIEALGLEEVVLVIHDWGSALGFHWAKRNPERVKGIAFMEFIRPIPTWDEWPEFARELFQAFRTPDVGRE
LIIDYNAFIEIILPKFVVRPLTEEEMDHYREPFLKPEWREPLWRFPNELPINGEPADIWALVEAYMNWLHQSPVPKLLFW
GTPGVLIPPAEAARLAESLPNLKTVFIGPGLHYLQEDNPDLIGSEIARWLPALHHHHHH
;
_entity_poly.pdbx_strand_id   A,B,C,D,E,F
#
loop_
_chem_comp.id
_chem_comp.type
_chem_comp.name
_chem_comp.formula
CL non-polymer 'CHLORIDE ION' 'Cl -1'
GOL non-polymer GLYCEROL 'C3 H8 O3'
PG4 non-polymer 'TETRAETHYLENE GLYCOL' 'C8 H18 O5'
SO4 non-polymer 'SULFATE ION' 'O4 S -2'
TRS non-polymer 2-AMINO-2-HYDROXYMETHYL-PROPANE-1,3-DIOL 'C4 H12 N O3 1'
#
# COMPACT_ATOMS: atom_id res chain seq x y z
N GLU A 3 19.06 -15.91 21.24
CA GLU A 3 17.97 -16.45 20.39
C GLU A 3 18.52 -17.53 19.46
N ILE A 4 17.75 -18.60 19.20
CA ILE A 4 18.26 -19.72 18.41
C ILE A 4 18.49 -19.29 16.96
N GLY A 5 19.67 -19.61 16.43
CA GLY A 5 20.01 -19.11 15.11
C GLY A 5 19.21 -19.76 13.99
N THR A 6 18.85 -18.95 12.99
CA THR A 6 18.09 -19.46 11.85
C THR A 6 18.95 -19.60 10.60
N GLY A 7 20.17 -19.06 10.63
CA GLY A 7 21.01 -19.05 9.46
C GLY A 7 21.70 -20.39 9.27
N PHE A 8 22.22 -20.61 8.06
CA PHE A 8 22.97 -21.82 7.75
C PHE A 8 24.31 -21.39 7.15
N PRO A 9 25.29 -20.99 7.97
CA PRO A 9 26.54 -20.40 7.46
C PRO A 9 27.60 -21.46 7.18
N PHE A 10 27.27 -22.38 6.29
CA PHE A 10 28.20 -23.45 5.93
C PHE A 10 28.31 -23.51 4.41
N ASP A 11 29.55 -23.49 3.91
CA ASP A 11 29.74 -23.57 2.47
C ASP A 11 29.35 -24.96 1.99
N PRO A 12 28.73 -25.07 0.83
CA PRO A 12 28.33 -26.39 0.34
C PRO A 12 29.52 -27.21 -0.08
N HIS A 13 29.47 -28.51 0.22
CA HIS A 13 30.38 -29.50 -0.36
C HIS A 13 29.56 -30.62 -0.98
N TYR A 14 30.06 -31.21 -2.08
CA TYR A 14 29.33 -32.26 -2.74
C TYR A 14 30.27 -33.39 -3.09
N VAL A 15 29.75 -34.60 -3.06
CA VAL A 15 30.50 -35.76 -3.48
C VAL A 15 29.59 -36.59 -4.38
N GLU A 16 30.14 -37.16 -5.44
CA GLU A 16 29.29 -37.97 -6.32
C GLU A 16 29.31 -39.40 -5.82
N VAL A 17 28.15 -39.96 -5.52
CA VAL A 17 28.08 -41.37 -5.20
C VAL A 17 26.93 -42.05 -5.93
N LEU A 18 27.21 -43.24 -6.42
CA LEU A 18 26.24 -44.09 -7.09
C LEU A 18 25.51 -43.34 -8.20
N GLY A 19 26.21 -42.41 -8.85
CA GLY A 19 25.61 -41.61 -9.90
C GLY A 19 24.86 -40.36 -9.49
N SER A 20 24.84 -40.02 -8.19
CA SER A 20 24.12 -38.85 -7.65
C SER A 20 25.04 -37.97 -6.81
N ARG A 21 24.74 -36.69 -6.74
CA ARG A 21 25.52 -35.81 -5.84
C ARG A 21 24.87 -35.83 -4.45
N MET A 22 25.69 -35.92 -3.40
CA MET A 22 25.21 -35.69 -2.04
C MET A 22 25.92 -34.47 -1.49
N HIS A 23 25.15 -33.63 -0.82
CA HIS A 23 25.62 -32.41 -0.16
C HIS A 23 26.02 -32.69 1.28
N TYR A 24 27.06 -31.98 1.72
CA TYR A 24 27.41 -32.12 3.12
C TYR A 24 28.12 -30.89 3.62
N VAL A 25 27.93 -30.66 4.92
CA VAL A 25 28.72 -29.70 5.69
C VAL A 25 30.06 -30.34 6.04
N ASP A 26 31.14 -29.58 5.94
CA ASP A 26 32.44 -30.12 6.34
C ASP A 26 33.23 -28.93 6.87
N VAL A 27 33.36 -28.87 8.20
CA VAL A 27 34.06 -27.78 8.85
C VAL A 27 34.98 -28.36 9.92
N GLY A 28 35.78 -27.47 10.54
CA GLY A 28 36.70 -27.95 11.58
C GLY A 28 38.02 -28.41 10.99
N PRO A 29 38.94 -28.89 11.86
CA PRO A 29 40.24 -29.36 11.37
C PRO A 29 40.11 -30.48 10.36
N ARG A 30 41.13 -30.61 9.51
CA ARG A 30 41.02 -31.54 8.38
C ARG A 30 41.42 -32.96 8.74
N ASP A 31 41.99 -33.17 9.91
CA ASP A 31 42.39 -34.49 10.32
C ASP A 31 41.76 -34.78 11.68
N GLY A 32 42.30 -35.80 12.36
CA GLY A 32 41.69 -36.27 13.60
C GLY A 32 40.45 -37.09 13.34
N THR A 33 39.86 -37.56 14.45
CA THR A 33 38.62 -38.32 14.30
C THR A 33 37.46 -37.40 13.96
N PRO A 34 36.77 -37.61 12.86
CA PRO A 34 35.67 -36.73 12.51
C PRO A 34 34.41 -37.11 13.27
N VAL A 35 33.56 -36.11 13.41
CA VAL A 35 32.27 -36.26 14.07
C VAL A 35 31.24 -36.18 12.97
N LEU A 36 30.53 -37.30 12.75
CA LEU A 36 29.59 -37.46 11.64
C LEU A 36 28.17 -37.31 12.18
N PHE A 37 27.47 -36.26 11.70
CA PHE A 37 26.12 -35.89 12.16
C PHE A 37 25.08 -36.39 11.18
N LEU A 38 24.12 -37.21 11.65
CA LEU A 38 23.13 -37.84 10.77
C LEU A 38 21.73 -37.42 11.18
N HIS A 39 21.09 -36.65 10.29
CA HIS A 39 19.72 -36.21 10.53
C HIS A 39 18.78 -37.34 10.12
N GLY A 40 17.49 -37.08 10.29
CA GLY A 40 16.44 -38.01 9.89
C GLY A 40 15.28 -37.30 9.18
N ASN A 41 14.06 -37.75 9.45
CA ASN A 41 12.86 -37.27 8.72
C ASN A 41 12.24 -36.10 9.46
N PRO A 42 11.85 -35.00 8.82
CA PRO A 42 11.98 -34.65 7.39
C PRO A 42 13.03 -33.60 7.27
N THR A 43 14.16 -33.79 7.97
CA THR A 43 15.14 -32.69 8.16
C THR A 43 16.34 -32.83 7.21
N SER A 44 17.47 -32.23 7.57
CA SER A 44 18.68 -32.24 6.77
C SER A 44 19.79 -31.81 7.71
N SER A 45 20.98 -31.52 7.14
CA SER A 45 22.05 -30.96 7.98
C SER A 45 21.65 -29.61 8.61
N TYR A 46 20.58 -28.96 8.11
CA TYR A 46 20.08 -27.73 8.75
C TYR A 46 19.75 -27.98 10.21
N LEU A 47 19.35 -29.19 10.53
CA LEU A 47 18.98 -29.49 11.91
C LEU A 47 20.16 -29.40 12.85
N TRP A 48 21.38 -29.49 12.34
CA TRP A 48 22.56 -29.48 13.18
C TRP A 48 23.25 -28.12 13.20
N ARG A 49 22.62 -27.10 12.56
CA ARG A 49 23.31 -25.82 12.31
C ARG A 49 23.81 -25.14 13.60
N ASN A 50 23.10 -25.30 14.72
CA ASN A 50 23.47 -24.59 15.95
C ASN A 50 24.23 -25.47 16.91
N ILE A 51 24.47 -26.72 16.51
CA ILE A 51 25.18 -27.68 17.31
C ILE A 51 26.61 -27.82 16.81
N ILE A 52 26.79 -27.98 15.51
CA ILE A 52 28.12 -28.07 14.89
C ILE A 52 29.07 -26.98 15.38
N PRO A 53 28.68 -25.70 15.53
CA PRO A 53 29.70 -24.68 15.89
C PRO A 53 30.30 -24.89 17.25
N HIS A 54 29.65 -25.66 18.12
CA HIS A 54 30.24 -26.01 19.41
C HIS A 54 31.37 -27.02 19.26
N VAL A 55 31.32 -27.85 18.22
CA VAL A 55 32.22 -28.99 18.05
C VAL A 55 33.35 -28.68 17.07
N ALA A 56 33.06 -27.84 16.06
CA ALA A 56 34.05 -27.53 15.02
C ALA A 56 35.37 -26.91 15.52
N PRO A 57 35.43 -26.22 16.67
CA PRO A 57 36.76 -25.69 17.04
C PRO A 57 37.72 -26.80 17.35
N SER A 58 37.24 -27.97 17.78
CA SER A 58 38.10 -29.06 18.17
C SER A 58 38.12 -30.24 17.21
N HIS A 59 37.06 -30.46 16.42
CA HIS A 59 37.00 -31.67 15.62
C HIS A 59 36.41 -31.37 14.27
N ARG A 60 36.84 -32.12 13.29
CA ARG A 60 36.16 -32.09 11.99
C ARG A 60 34.67 -32.48 12.17
N CYS A 61 33.78 -31.72 11.54
CA CYS A 61 32.34 -31.98 11.62
C CYS A 61 31.87 -32.22 10.20
N ILE A 62 31.24 -33.37 9.94
CA ILE A 62 30.75 -33.75 8.62
C ILE A 62 29.26 -34.00 8.83
N ALA A 63 28.40 -33.34 8.04
CA ALA A 63 26.94 -33.52 8.22
C ALA A 63 26.34 -33.65 6.82
N PRO A 64 26.13 -34.89 6.34
CA PRO A 64 25.55 -35.10 5.01
C PRO A 64 24.06 -34.90 5.06
N ASP A 65 23.54 -34.50 3.91
CA ASP A 65 22.11 -34.57 3.62
C ASP A 65 21.81 -35.95 3.03
N LEU A 66 20.90 -36.72 3.66
CA LEU A 66 20.56 -38.03 3.11
C LEU A 66 20.06 -37.90 1.66
N ILE A 67 20.19 -38.97 0.89
CA ILE A 67 19.77 -38.92 -0.50
C ILE A 67 18.29 -38.57 -0.58
N GLY A 68 17.96 -37.73 -1.57
CA GLY A 68 16.61 -37.16 -1.69
C GLY A 68 16.24 -36.10 -0.67
N MET A 69 17.21 -35.65 0.15
CA MET A 69 16.89 -34.69 1.22
C MET A 69 17.91 -33.55 1.23
N GLY A 70 17.52 -32.45 1.86
CA GLY A 70 18.40 -31.28 1.88
C GLY A 70 18.81 -30.84 0.50
N LYS A 71 20.10 -30.57 0.35
CA LYS A 71 20.67 -30.19 -0.95
C LYS A 71 21.22 -31.38 -1.76
N SER A 72 20.99 -32.61 -1.31
CA SER A 72 21.41 -33.75 -2.10
C SER A 72 20.44 -34.03 -3.26
N ASP A 73 20.99 -34.76 -4.23
CA ASP A 73 20.23 -35.10 -5.43
C ASP A 73 18.99 -35.95 -5.12
N LYS A 74 18.14 -36.07 -6.13
CA LYS A 74 16.85 -36.73 -6.00
C LYS A 74 16.72 -37.84 -7.07
N PRO A 75 17.47 -38.91 -6.93
CA PRO A 75 17.33 -40.02 -7.89
C PRO A 75 15.97 -40.71 -7.76
N ASP A 76 15.64 -41.47 -8.81
CA ASP A 76 14.33 -42.12 -8.86
C ASP A 76 14.39 -43.43 -8.09
N LEU A 77 14.23 -43.34 -6.76
CA LEU A 77 14.32 -44.48 -5.86
C LEU A 77 12.98 -44.68 -5.18
N ASP A 78 12.84 -45.83 -4.52
CA ASP A 78 11.72 -45.99 -3.60
C ASP A 78 11.97 -45.25 -2.31
N TYR A 79 13.26 -44.93 -2.00
CA TYR A 79 13.63 -44.34 -0.72
C TYR A 79 13.28 -45.23 0.45
N ARG A 80 13.43 -46.53 0.25
CA ARG A 80 13.33 -47.46 1.36
C ARG A 80 14.55 -47.32 2.27
N PHE A 81 14.45 -47.86 3.50
CA PHE A 81 15.58 -47.77 4.41
C PHE A 81 16.86 -48.26 3.75
N ASP A 82 16.80 -49.39 3.04
CA ASP A 82 18.02 -49.91 2.44
C ASP A 82 18.60 -48.99 1.40
N ASP A 83 17.79 -48.20 0.69
CA ASP A 83 18.36 -47.14 -0.17
C ASP A 83 19.19 -46.15 0.63
N HIS A 84 18.66 -45.69 1.76
CA HIS A 84 19.46 -44.77 2.57
C HIS A 84 20.69 -45.42 3.14
N VAL A 85 20.62 -46.71 3.51
CA VAL A 85 21.83 -47.43 3.95
C VAL A 85 22.86 -47.42 2.84
N ARG A 86 22.43 -47.77 1.62
CA ARG A 86 23.38 -47.87 0.51
C ARG A 86 24.06 -46.52 0.23
N TYR A 87 23.26 -45.45 0.17
CA TYR A 87 23.85 -44.15 -0.15
C TYR A 87 24.69 -43.61 0.99
N LEU A 88 24.29 -43.80 2.26
CA LEU A 88 25.17 -43.32 3.32
C LEU A 88 26.45 -44.13 3.38
N ASP A 89 26.38 -45.45 3.10
CA ASP A 89 27.60 -46.25 3.07
C ASP A 89 28.53 -45.70 1.98
N ALA A 90 27.95 -45.34 0.84
CA ALA A 90 28.74 -44.82 -0.27
C ALA A 90 29.30 -43.42 0.06
N PHE A 91 28.55 -42.62 0.81
CA PHE A 91 29.05 -41.31 1.25
C PHE A 91 30.23 -41.46 2.19
N ILE A 92 30.08 -42.32 3.21
CA ILE A 92 31.20 -42.57 4.15
C ILE A 92 32.44 -43.06 3.41
N GLU A 93 32.26 -43.96 2.43
CA GLU A 93 33.37 -44.45 1.61
C GLU A 93 34.03 -43.33 0.81
N ALA A 94 33.21 -42.50 0.17
CA ALA A 94 33.74 -41.42 -0.69
C ALA A 94 34.51 -40.39 0.13
N LEU A 95 34.15 -40.22 1.40
N LEU A 95 34.11 -40.19 1.40
CA LEU A 95 34.92 -39.29 2.23
CA LEU A 95 34.85 -39.29 2.28
C LEU A 95 36.09 -39.96 2.94
C LEU A 95 36.08 -39.95 2.91
N GLY A 96 36.29 -41.26 2.72
CA GLY A 96 37.45 -41.94 3.25
C GLY A 96 37.47 -42.12 4.74
N LEU A 97 36.31 -42.09 5.40
CA LEU A 97 36.30 -42.10 6.84
C LEU A 97 36.81 -43.46 7.29
N GLU A 98 37.69 -43.46 8.30
CA GLU A 98 38.12 -44.69 8.94
C GLU A 98 37.41 -44.83 10.31
N GLU A 99 37.95 -44.20 11.33
CA GLU A 99 37.27 -44.07 12.62
C GLU A 99 36.35 -42.85 12.61
N VAL A 100 35.22 -42.95 13.34
N VAL A 100 35.32 -42.89 13.44
CA VAL A 100 34.29 -41.82 13.44
CA VAL A 100 34.38 -41.78 13.47
C VAL A 100 33.71 -41.76 14.85
C VAL A 100 33.67 -41.76 14.81
N VAL A 101 33.27 -40.56 15.24
CA VAL A 101 32.29 -40.39 16.33
C VAL A 101 30.94 -40.11 15.65
N LEU A 102 29.90 -40.81 16.02
CA LEU A 102 28.56 -40.57 15.45
C LEU A 102 27.74 -39.63 16.34
N VAL A 103 26.97 -38.70 15.73
CA VAL A 103 25.99 -37.87 16.43
C VAL A 103 24.70 -38.03 15.62
N ILE A 104 23.68 -38.66 16.19
CA ILE A 104 22.61 -39.24 15.36
C ILE A 104 21.22 -39.05 15.96
N HIS A 105 20.23 -39.01 15.06
CA HIS A 105 18.86 -38.67 15.47
C HIS A 105 17.90 -39.39 14.54
N ASP A 106 16.78 -39.87 15.09
CA ASP A 106 15.66 -40.36 14.23
C ASP A 106 16.18 -41.37 13.20
N TRP A 107 15.80 -41.27 11.90
CA TRP A 107 16.27 -42.28 10.97
C TRP A 107 17.78 -42.21 10.78
N GLY A 108 18.38 -41.06 11.04
CA GLY A 108 19.85 -40.97 11.06
C GLY A 108 20.44 -41.84 12.15
N SER A 109 19.68 -42.07 13.23
CA SER A 109 20.17 -42.98 14.25
C SER A 109 20.01 -44.42 13.84
N ALA A 110 18.95 -44.79 13.10
CA ALA A 110 18.89 -46.17 12.62
C ALA A 110 20.04 -46.42 11.63
N LEU A 111 20.33 -45.43 10.80
CA LEU A 111 21.44 -45.56 9.87
C LEU A 111 22.75 -45.65 10.63
N GLY A 112 22.89 -44.81 11.65
CA GLY A 112 24.15 -44.76 12.36
C GLY A 112 24.41 -45.99 13.18
N PHE A 113 23.40 -46.45 13.94
CA PHE A 113 23.56 -47.65 14.76
C PHE A 113 23.73 -48.90 13.89
N HIS A 114 23.05 -48.97 12.73
CA HIS A 114 23.25 -50.09 11.82
C HIS A 114 24.67 -50.10 11.24
N TRP A 115 25.20 -48.92 10.85
CA TRP A 115 26.58 -48.84 10.40
C TRP A 115 27.56 -49.19 11.53
N ALA A 116 27.28 -48.73 12.75
CA ALA A 116 28.19 -49.03 13.87
C ALA A 116 28.25 -50.53 14.14
N LYS A 117 27.09 -51.20 14.21
CA LYS A 117 27.05 -52.65 14.35
C LYS A 117 27.92 -53.33 13.30
N ARG A 118 27.94 -52.78 12.09
CA ARG A 118 28.70 -53.44 11.03
C ARG A 118 30.16 -53.06 11.04
N ASN A 119 30.53 -52.02 11.78
CA ASN A 119 31.85 -51.41 11.80
C ASN A 119 32.27 -51.12 13.23
N PRO A 120 32.18 -52.11 14.14
CA PRO A 120 32.31 -51.80 15.58
C PRO A 120 33.69 -51.27 15.94
N GLU A 121 34.72 -51.67 15.23
CA GLU A 121 36.06 -51.18 15.55
C GLU A 121 36.31 -49.77 15.02
N ARG A 122 35.42 -49.27 14.15
CA ARG A 122 35.59 -47.94 13.63
C ARG A 122 34.90 -46.88 14.45
N VAL A 123 33.97 -47.26 15.34
CA VAL A 123 33.14 -46.26 15.99
C VAL A 123 33.75 -45.96 17.34
N LYS A 124 34.14 -44.69 17.55
CA LYS A 124 34.83 -44.31 18.78
C LYS A 124 33.90 -43.72 19.82
N GLY A 125 32.66 -43.42 19.46
CA GLY A 125 31.68 -42.87 20.37
C GLY A 125 30.38 -42.69 19.62
N ILE A 126 29.25 -42.70 20.34
CA ILE A 126 27.96 -42.42 19.74
C ILE A 126 27.20 -41.49 20.65
N ALA A 127 26.84 -40.32 20.15
CA ALA A 127 25.90 -39.42 20.80
C ALA A 127 24.58 -39.51 20.05
N PHE A 128 23.51 -39.72 20.78
CA PHE A 128 22.22 -40.01 20.17
C PHE A 128 21.09 -39.38 20.98
N MET A 129 19.97 -39.17 20.29
CA MET A 129 18.82 -38.49 20.89
C MET A 129 17.62 -38.83 20.03
N GLU A 130 16.47 -39.07 20.70
CA GLU A 130 15.22 -39.30 20.00
C GLU A 130 15.43 -40.23 18.80
N PHE A 131 15.92 -41.42 19.14
CA PHE A 131 16.42 -42.42 18.19
C PHE A 131 15.39 -43.51 17.97
N ILE A 132 15.59 -44.31 16.92
N ILE A 132 15.62 -44.31 16.91
CA ILE A 132 14.60 -45.33 16.58
CA ILE A 132 14.71 -45.38 16.50
C ILE A 132 14.95 -46.63 17.26
C ILE A 132 15.00 -46.64 17.32
N ARG A 133 13.97 -47.15 17.99
CA ARG A 133 14.01 -48.39 18.75
C ARG A 133 12.72 -49.12 18.40
N PRO A 134 12.65 -50.42 18.65
CA PRO A 134 11.38 -51.12 18.40
C PRO A 134 10.28 -50.56 19.29
N ILE A 135 9.13 -50.28 18.69
CA ILE A 135 7.97 -49.76 19.41
C ILE A 135 7.01 -50.93 19.61
N PRO A 136 6.85 -51.45 20.84
CA PRO A 136 6.14 -52.75 20.99
C PRO A 136 4.73 -52.72 20.43
N THR A 137 3.96 -51.69 20.73
CA THR A 137 2.62 -51.55 20.16
C THR A 137 2.34 -50.07 19.93
N TRP A 138 1.20 -49.79 19.28
CA TRP A 138 0.78 -48.39 19.14
C TRP A 138 0.56 -47.70 20.48
N ASP A 139 0.34 -48.46 21.55
CA ASP A 139 0.18 -47.81 22.85
C ASP A 139 1.48 -47.20 23.36
N GLU A 140 2.63 -47.64 22.87
CA GLU A 140 3.88 -46.97 23.23
C GLU A 140 4.26 -45.83 22.28
N TRP A 141 3.42 -45.56 21.24
CA TRP A 141 3.55 -44.33 20.49
C TRP A 141 2.78 -43.22 21.20
N PRO A 142 3.31 -42.00 21.33
CA PRO A 142 2.61 -40.95 22.08
C PRO A 142 1.16 -40.74 21.61
N GLU A 143 0.21 -40.67 22.55
CA GLU A 143 -1.18 -40.56 22.13
C GLU A 143 -1.42 -39.34 21.27
N PHE A 144 -0.77 -38.20 21.59
CA PHE A 144 -1.09 -37.00 20.82
C PHE A 144 -0.66 -37.07 19.35
N ALA A 145 0.17 -38.02 18.95
CA ALA A 145 0.57 -38.18 17.55
C ALA A 145 0.18 -39.54 16.98
N ARG A 146 -0.66 -40.29 17.70
CA ARG A 146 -0.97 -41.64 17.27
C ARG A 146 -1.84 -41.65 16.01
N GLU A 147 -2.95 -40.90 16.02
CA GLU A 147 -3.83 -40.93 14.85
C GLU A 147 -3.06 -40.54 13.60
N LEU A 148 -2.16 -39.55 13.73
CA LEU A 148 -1.46 -39.10 12.54
C LEU A 148 -0.55 -40.19 12.00
N PHE A 149 0.23 -40.83 12.90
CA PHE A 149 1.18 -41.79 12.36
C PHE A 149 0.46 -43.05 11.91
N GLN A 150 -0.68 -43.38 12.53
CA GLN A 150 -1.47 -44.49 12.02
C GLN A 150 -1.99 -44.18 10.61
N ALA A 151 -2.39 -42.92 10.39
CA ALA A 151 -2.86 -42.51 9.06
C ALA A 151 -1.72 -42.51 8.05
N PHE A 152 -0.51 -42.08 8.49
CA PHE A 152 0.59 -42.10 7.54
C PHE A 152 0.82 -43.50 7.00
N ARG A 153 0.56 -44.50 7.86
CA ARG A 153 0.76 -45.89 7.51
C ARG A 153 -0.50 -46.55 6.99
N THR A 154 -1.52 -45.77 6.64
CA THR A 154 -2.75 -46.31 6.05
C THR A 154 -2.75 -46.17 4.54
N PRO A 155 -3.03 -47.23 3.78
CA PRO A 155 -3.03 -47.12 2.32
C PRO A 155 -3.84 -45.94 1.80
N ASP A 156 -3.25 -45.20 0.82
CA ASP A 156 -3.80 -44.02 0.15
C ASP A 156 -3.82 -42.81 1.07
N VAL A 157 -4.43 -42.94 2.26
CA VAL A 157 -4.54 -41.82 3.20
C VAL A 157 -3.17 -41.23 3.49
N GLY A 158 -2.22 -42.09 3.83
CA GLY A 158 -0.91 -41.56 4.22
C GLY A 158 -0.21 -40.81 3.11
N ARG A 159 -0.33 -41.30 1.88
CA ARG A 159 0.29 -40.62 0.76
C ARG A 159 -0.39 -39.28 0.51
N GLU A 160 -1.73 -39.25 0.63
CA GLU A 160 -2.42 -37.97 0.51
C GLU A 160 -1.91 -36.97 1.53
N LEU A 161 -1.79 -37.41 2.79
CA LEU A 161 -1.37 -36.49 3.85
C LEU A 161 0.05 -36.00 3.62
N ILE A 162 0.99 -36.92 3.35
CA ILE A 162 2.40 -36.57 3.31
C ILE A 162 2.85 -36.03 1.95
N ILE A 163 2.39 -36.67 0.86
N ILE A 163 2.38 -36.60 0.84
CA ILE A 163 2.80 -36.30 -0.50
CA ILE A 163 2.86 -36.18 -0.48
C ILE A 163 2.02 -35.07 -0.97
C ILE A 163 2.01 -35.05 -1.05
N ASP A 164 0.68 -35.15 -0.93
CA ASP A 164 -0.13 -34.07 -1.49
C ASP A 164 -0.16 -32.85 -0.56
N TYR A 165 -0.34 -33.05 0.74
CA TYR A 165 -0.55 -31.95 1.65
C TYR A 165 0.65 -31.65 2.53
N ASN A 166 1.78 -32.33 2.29
CA ASN A 166 3.07 -32.05 2.95
C ASN A 166 2.95 -32.07 4.47
N ALA A 167 2.19 -33.03 5.01
CA ALA A 167 1.97 -33.08 6.46
C ALA A 167 3.28 -33.19 7.27
N PHE A 168 4.28 -33.87 6.75
CA PHE A 168 5.49 -34.07 7.59
C PHE A 168 6.21 -32.75 7.83
N ILE A 169 6.16 -31.84 6.87
CA ILE A 169 6.76 -30.53 7.05
C ILE A 169 5.82 -29.57 7.76
N GLU A 170 4.54 -29.50 7.31
CA GLU A 170 3.67 -28.43 7.83
C GLU A 170 3.00 -28.77 9.17
N ILE A 171 2.85 -30.04 9.49
CA ILE A 171 2.25 -30.49 10.74
C ILE A 171 3.29 -31.03 11.67
N ILE A 172 4.05 -32.06 11.24
CA ILE A 172 4.81 -32.84 12.22
C ILE A 172 5.97 -32.02 12.76
N LEU A 173 6.65 -31.31 11.89
N LEU A 173 6.70 -31.32 11.88
CA LEU A 173 7.82 -30.56 12.34
CA LEU A 173 7.85 -30.54 12.35
C LEU A 173 7.51 -29.54 13.43
C LEU A 173 7.47 -29.58 13.46
N PRO A 174 6.50 -28.68 13.29
CA PRO A 174 6.16 -27.77 14.39
C PRO A 174 5.56 -28.50 15.57
N LYS A 175 4.80 -29.58 15.31
CA LYS A 175 4.20 -30.37 16.38
C LYS A 175 5.23 -30.94 17.32
N PHE A 176 6.43 -31.20 16.81
CA PHE A 176 7.44 -31.97 17.55
C PHE A 176 8.61 -31.10 17.99
N VAL A 177 8.41 -29.78 18.02
CA VAL A 177 9.28 -28.81 18.68
C VAL A 177 8.43 -28.09 19.74
N VAL A 178 8.98 -27.94 20.98
CA VAL A 178 8.19 -27.29 22.03
C VAL A 178 8.07 -25.81 21.76
N ARG A 179 9.17 -25.17 21.49
CA ARG A 179 9.16 -23.75 21.23
C ARG A 179 8.63 -23.53 19.83
N PRO A 180 8.16 -22.33 19.51
CA PRO A 180 7.62 -22.09 18.15
C PRO A 180 8.74 -21.91 17.14
N LEU A 181 8.59 -22.61 16.00
CA LEU A 181 9.53 -22.40 14.89
C LEU A 181 9.24 -21.06 14.23
N THR A 182 10.26 -20.44 13.66
CA THR A 182 10.03 -19.20 12.93
C THR A 182 9.74 -19.50 11.46
N GLU A 183 9.17 -18.52 10.76
CA GLU A 183 8.94 -18.68 9.32
C GLU A 183 10.26 -18.94 8.57
N GLU A 184 11.34 -18.23 8.95
CA GLU A 184 12.64 -18.47 8.31
C GLU A 184 13.10 -19.93 8.46
N GLU A 185 12.93 -20.51 9.66
CA GLU A 185 13.30 -21.90 9.86
C GLU A 185 12.42 -22.85 9.05
N MET A 186 11.09 -22.61 9.06
CA MET A 186 10.21 -23.42 8.23
C MET A 186 10.61 -23.34 6.78
N ASP A 187 10.96 -22.14 6.28
CA ASP A 187 11.32 -22.05 4.86
C ASP A 187 12.59 -22.84 4.53
N HIS A 188 13.57 -22.86 5.47
CA HIS A 188 14.72 -23.75 5.24
C HIS A 188 14.26 -25.21 5.14
N TYR A 189 13.42 -25.64 6.08
CA TYR A 189 12.99 -27.03 6.01
C TYR A 189 12.13 -27.33 4.78
N ARG A 190 11.38 -26.35 4.29
CA ARG A 190 10.47 -26.57 3.17
C ARG A 190 11.23 -26.67 1.87
N GLU A 191 12.39 -26.01 1.77
N GLU A 191 12.41 -26.08 1.77
CA GLU A 191 13.07 -25.90 0.47
CA GLU A 191 13.03 -25.91 0.45
C GLU A 191 13.22 -27.22 -0.30
C GLU A 191 13.22 -27.23 -0.30
N PRO A 192 13.60 -28.35 0.31
CA PRO A 192 13.83 -29.56 -0.49
C PRO A 192 12.57 -30.24 -0.97
N PHE A 193 11.39 -29.79 -0.50
CA PHE A 193 10.13 -30.50 -0.70
C PHE A 193 9.03 -29.60 -1.24
N LEU A 194 9.39 -28.50 -1.91
CA LEU A 194 8.41 -27.57 -2.47
C LEU A 194 7.50 -28.26 -3.47
N LYS A 195 7.96 -29.33 -4.13
CA LYS A 195 7.12 -29.97 -5.14
C LYS A 195 6.80 -31.37 -4.69
N PRO A 196 5.59 -31.83 -4.90
CA PRO A 196 5.17 -33.13 -4.35
C PRO A 196 5.95 -34.33 -4.89
N GLU A 197 6.46 -34.27 -6.13
CA GLU A 197 7.28 -35.36 -6.67
C GLU A 197 8.59 -35.53 -5.91
N TRP A 198 8.90 -34.63 -4.97
CA TRP A 198 10.10 -34.72 -4.16
C TRP A 198 9.81 -35.32 -2.79
N ARG A 199 8.57 -35.70 -2.51
CA ARG A 199 8.23 -36.03 -1.13
C ARG A 199 8.19 -37.53 -0.83
N GLU A 200 8.57 -38.40 -1.77
CA GLU A 200 8.54 -39.82 -1.49
C GLU A 200 9.32 -40.21 -0.23
N PRO A 201 10.54 -39.70 0.02
CA PRO A 201 11.27 -40.11 1.24
C PRO A 201 10.47 -39.85 2.50
N LEU A 202 9.67 -38.79 2.49
CA LEU A 202 8.94 -38.34 3.66
C LEU A 202 7.84 -39.32 4.01
N TRP A 203 7.26 -39.96 2.97
CA TRP A 203 6.20 -40.92 3.21
C TRP A 203 6.79 -42.30 3.50
N ARG A 204 7.88 -42.67 2.84
CA ARG A 204 8.40 -44.01 3.09
C ARG A 204 8.93 -44.16 4.53
N PHE A 205 9.54 -43.08 5.09
CA PHE A 205 10.13 -43.21 6.44
C PHE A 205 9.11 -43.66 7.50
N PRO A 206 7.94 -43.01 7.68
CA PRO A 206 7.02 -43.51 8.72
C PRO A 206 6.45 -44.89 8.42
N ASN A 207 6.43 -45.29 7.14
CA ASN A 207 6.06 -46.64 6.75
C ASN A 207 7.13 -47.66 7.02
N GLU A 208 8.32 -47.22 7.44
CA GLU A 208 9.39 -48.13 7.86
C GLU A 208 9.53 -48.25 9.37
N LEU A 209 8.83 -47.42 10.15
CA LEU A 209 9.01 -47.40 11.60
C LEU A 209 8.70 -48.79 12.15
N PRO A 210 9.52 -49.30 13.06
CA PRO A 210 9.30 -50.67 13.56
C PRO A 210 8.30 -50.69 14.70
N ILE A 211 7.04 -51.04 14.35
CA ILE A 211 5.94 -50.96 15.30
C ILE A 211 5.24 -52.32 15.33
N ASN A 212 5.22 -52.94 16.50
CA ASN A 212 4.54 -54.23 16.68
C ASN A 212 4.96 -55.24 15.62
N GLY A 213 6.27 -55.34 15.39
CA GLY A 213 6.77 -56.35 14.51
C GLY A 213 6.79 -55.99 13.06
N GLU A 214 6.33 -54.81 12.70
CA GLU A 214 6.11 -54.52 11.29
C GLU A 214 6.66 -53.16 10.91
N PRO A 215 7.35 -53.03 9.78
CA PRO A 215 7.69 -54.09 8.86
C PRO A 215 8.74 -54.99 9.45
N ALA A 216 8.64 -56.28 9.12
CA ALA A 216 9.48 -57.27 9.80
C ALA A 216 10.96 -57.06 9.55
N ASP A 217 11.34 -56.61 8.35
CA ASP A 217 12.79 -56.49 8.10
C ASP A 217 13.40 -55.36 8.92
N ILE A 218 12.71 -54.22 9.03
CA ILE A 218 13.23 -53.13 9.84
C ILE A 218 13.21 -53.54 11.31
N TRP A 219 12.12 -54.15 11.76
CA TRP A 219 12.04 -54.63 13.15
C TRP A 219 13.26 -55.49 13.51
N ALA A 220 13.57 -56.47 12.67
CA ALA A 220 14.76 -57.30 12.90
C ALA A 220 16.05 -56.47 12.90
N LEU A 221 16.21 -55.55 11.93
CA LEU A 221 17.43 -54.76 11.86
C LEU A 221 17.62 -53.88 13.11
N VAL A 222 16.49 -53.30 13.61
CA VAL A 222 16.58 -52.40 14.76
C VAL A 222 16.80 -53.20 16.03
N GLU A 223 16.10 -54.34 16.17
CA GLU A 223 16.42 -55.20 17.31
C GLU A 223 17.89 -55.59 17.31
N ALA A 224 18.43 -55.90 16.13
CA ALA A 224 19.83 -56.31 16.06
C ALA A 224 20.77 -55.21 16.54
N TYR A 225 20.57 -53.97 16.07
CA TYR A 225 21.54 -52.97 16.48
C TYR A 225 21.33 -52.55 17.93
N MET A 226 20.09 -52.67 18.47
CA MET A 226 19.89 -52.42 19.90
C MET A 226 20.56 -53.49 20.74
N ASN A 227 20.51 -54.75 20.29
CA ASN A 227 21.27 -55.78 21.01
C ASN A 227 22.78 -55.48 20.98
N TRP A 228 23.29 -55.09 19.81
CA TRP A 228 24.68 -54.69 19.72
C TRP A 228 25.00 -53.57 20.71
N LEU A 229 24.16 -52.54 20.73
CA LEU A 229 24.41 -51.37 21.58
C LEU A 229 24.45 -51.77 23.05
N HIS A 230 23.55 -52.70 23.45
CA HIS A 230 23.50 -53.08 24.86
C HIS A 230 24.72 -53.85 25.26
N GLN A 231 25.41 -54.51 24.30
CA GLN A 231 26.60 -55.30 24.64
C GLN A 231 27.92 -54.58 24.34
N SER A 232 27.90 -53.46 23.65
CA SER A 232 29.11 -52.78 23.19
C SER A 232 29.68 -51.89 24.28
N PRO A 233 31.01 -51.86 24.45
CA PRO A 233 31.60 -50.91 25.39
C PRO A 233 31.77 -49.51 24.83
N VAL A 234 31.34 -49.26 23.60
CA VAL A 234 31.60 -47.95 22.98
C VAL A 234 31.12 -46.81 23.89
N PRO A 235 31.83 -45.70 24.02
CA PRO A 235 31.27 -44.55 24.76
C PRO A 235 29.99 -44.04 24.12
N LYS A 236 29.04 -43.67 24.96
CA LYS A 236 27.67 -43.33 24.55
C LYS A 236 27.27 -42.07 25.28
N LEU A 237 26.49 -41.24 24.60
CA LEU A 237 25.99 -39.98 25.16
C LEU A 237 24.56 -39.83 24.68
N LEU A 238 23.60 -39.84 25.60
CA LEU A 238 22.18 -39.72 25.25
C LEU A 238 21.66 -38.38 25.71
N PHE A 239 20.97 -37.69 24.81
CA PHE A 239 20.24 -36.48 25.16
C PHE A 239 18.77 -36.82 25.14
N TRP A 240 18.04 -36.38 26.17
CA TRP A 240 16.61 -36.67 26.25
C TRP A 240 15.87 -35.46 26.83
N GLY A 241 14.62 -35.33 26.42
CA GLY A 241 13.77 -34.24 26.87
C GLY A 241 12.44 -34.75 27.43
N THR A 242 11.66 -33.80 27.91
CA THR A 242 10.35 -34.19 28.40
C THR A 242 9.27 -33.43 27.65
N PRO A 243 8.23 -34.12 27.16
CA PRO A 243 7.95 -35.52 27.41
C PRO A 243 8.61 -36.49 26.45
N GLY A 244 9.28 -35.91 25.42
CA GLY A 244 9.89 -36.81 24.46
C GLY A 244 8.84 -37.31 23.48
N VAL A 245 9.32 -38.10 22.51
CA VAL A 245 8.41 -38.74 21.54
C VAL A 245 8.82 -40.19 21.40
N LEU A 246 10.00 -40.46 20.79
CA LEU A 246 10.47 -41.83 20.70
C LEU A 246 11.13 -42.31 22.01
N ILE A 247 11.67 -41.37 22.76
CA ILE A 247 12.42 -41.71 23.98
C ILE A 247 11.81 -40.93 25.14
N PRO A 248 10.73 -41.44 25.72
CA PRO A 248 10.15 -40.76 26.89
C PRO A 248 11.07 -40.94 28.09
N PRO A 249 10.78 -40.22 29.18
CA PRO A 249 11.66 -40.32 30.35
C PRO A 249 11.84 -41.73 30.88
N ALA A 250 10.78 -42.57 30.93
CA ALA A 250 10.94 -43.96 31.37
C ALA A 250 11.92 -44.72 30.52
N GLU A 251 11.94 -44.44 29.20
CA GLU A 251 12.92 -45.09 28.35
C GLU A 251 14.33 -44.52 28.58
N ALA A 252 14.45 -43.18 28.72
CA ALA A 252 15.77 -42.64 29.07
C ALA A 252 16.31 -43.29 30.34
N ALA A 253 15.43 -43.53 31.36
CA ALA A 253 15.92 -44.18 32.58
C ALA A 253 16.32 -45.62 32.33
N ARG A 254 15.53 -46.36 31.50
CA ARG A 254 15.93 -47.74 31.19
C ARG A 254 17.29 -47.78 30.54
N LEU A 255 17.54 -46.83 29.64
CA LEU A 255 18.83 -46.80 28.95
C LEU A 255 19.96 -46.43 29.91
N ALA A 256 19.68 -45.50 30.84
CA ALA A 256 20.67 -45.14 31.84
C ALA A 256 21.08 -46.34 32.67
N GLU A 257 20.15 -47.24 32.92
N GLU A 257 20.16 -47.26 32.91
CA GLU A 257 20.49 -48.45 33.66
CA GLU A 257 20.47 -48.47 33.66
C GLU A 257 21.13 -49.53 32.80
C GLU A 257 21.13 -49.53 32.79
N SER A 258 20.77 -49.63 31.52
CA SER A 258 21.17 -50.82 30.77
C SER A 258 22.37 -50.63 29.86
N LEU A 259 22.63 -49.40 29.38
CA LEU A 259 23.68 -49.39 28.35
C LEU A 259 25.06 -49.17 28.98
N PRO A 260 26.08 -49.87 28.51
CA PRO A 260 27.40 -49.64 29.07
C PRO A 260 27.96 -48.27 28.68
N ASN A 261 28.77 -47.72 29.58
CA ASN A 261 29.58 -46.54 29.30
C ASN A 261 28.75 -45.37 28.76
N LEU A 262 27.62 -45.13 29.39
CA LEU A 262 26.63 -44.15 28.95
C LEU A 262 26.63 -42.93 29.86
N LYS A 263 26.72 -41.75 29.29
CA LYS A 263 26.41 -40.48 29.94
C LYS A 263 25.07 -39.99 29.43
N THR A 264 24.19 -39.50 30.32
CA THR A 264 22.90 -38.96 29.90
C THR A 264 22.83 -37.48 30.24
N VAL A 265 22.19 -36.72 29.36
CA VAL A 265 21.99 -35.29 29.55
C VAL A 265 20.51 -34.97 29.31
N PHE A 266 19.85 -34.46 30.32
CA PHE A 266 18.48 -33.95 30.22
C PHE A 266 18.49 -32.54 29.66
N ILE A 267 17.72 -32.32 28.56
CA ILE A 267 17.81 -31.01 27.91
C ILE A 267 16.66 -30.09 28.27
N GLY A 268 15.76 -30.51 29.16
CA GLY A 268 14.58 -29.70 29.40
C GLY A 268 13.39 -30.09 28.55
N PRO A 269 12.51 -29.13 28.28
CA PRO A 269 11.33 -29.44 27.45
C PRO A 269 11.79 -29.90 26.08
N GLY A 270 11.20 -31.00 25.60
CA GLY A 270 11.55 -31.48 24.28
C GLY A 270 10.57 -32.54 23.86
N LEU A 271 10.35 -32.61 22.53
CA LEU A 271 9.45 -33.60 21.96
C LEU A 271 10.28 -34.51 21.07
N HIS A 272 10.44 -34.22 19.77
CA HIS A 272 11.25 -35.08 18.94
C HIS A 272 12.49 -34.38 18.39
N TYR A 273 12.34 -33.15 17.87
CA TYR A 273 13.49 -32.43 17.29
C TYR A 273 14.16 -31.63 18.40
N LEU A 274 14.83 -32.37 19.30
CA LEU A 274 15.44 -31.76 20.48
C LEU A 274 16.45 -30.67 20.11
N GLN A 275 17.10 -30.81 18.95
CA GLN A 275 18.07 -29.83 18.50
C GLN A 275 17.45 -28.43 18.33
N GLU A 276 16.11 -28.33 18.05
CA GLU A 276 15.49 -27.03 17.92
C GLU A 276 15.05 -26.46 19.27
N ASP A 277 15.05 -27.27 20.33
CA ASP A 277 14.67 -26.73 21.65
C ASP A 277 15.88 -26.35 22.48
N ASN A 278 16.98 -27.10 22.40
CA ASN A 278 18.14 -26.77 23.24
C ASN A 278 19.45 -27.09 22.52
N PRO A 279 19.69 -26.44 21.36
CA PRO A 279 20.91 -26.75 20.62
C PRO A 279 22.15 -26.43 21.43
N ASP A 280 22.11 -25.42 22.29
CA ASP A 280 23.40 -25.07 22.86
C ASP A 280 23.85 -26.05 23.92
N LEU A 281 22.91 -26.61 24.69
CA LEU A 281 23.33 -27.63 25.66
C LEU A 281 23.76 -28.90 24.94
N ILE A 282 23.04 -29.28 23.86
CA ILE A 282 23.47 -30.46 23.10
C ILE A 282 24.89 -30.25 22.57
N GLY A 283 25.14 -29.10 21.91
CA GLY A 283 26.47 -28.87 21.34
C GLY A 283 27.58 -28.75 22.38
N SER A 284 27.32 -28.01 23.46
CA SER A 284 28.35 -27.86 24.47
C SER A 284 28.67 -29.19 25.13
N GLU A 285 27.65 -30.01 25.43
CA GLU A 285 27.92 -31.30 26.08
C GLU A 285 28.61 -32.26 25.14
N ILE A 286 28.28 -32.25 23.83
CA ILE A 286 29.08 -33.07 22.93
C ILE A 286 30.55 -32.63 22.98
N ALA A 287 30.77 -31.33 22.89
CA ALA A 287 32.15 -30.85 22.91
C ALA A 287 32.89 -31.23 24.19
N ARG A 288 32.18 -31.26 25.33
CA ARG A 288 32.84 -31.58 26.62
C ARG A 288 33.12 -33.07 26.73
N TRP A 289 32.33 -33.88 26.05
CA TRP A 289 32.46 -35.33 26.11
C TRP A 289 33.50 -35.88 25.16
N LEU A 290 33.73 -35.18 24.04
CA LEU A 290 34.69 -35.68 23.05
C LEU A 290 36.11 -35.89 23.56
N PRO A 291 36.70 -35.01 24.38
CA PRO A 291 38.14 -35.16 24.67
C PRO A 291 38.51 -36.50 25.27
N ALA A 292 37.67 -37.06 26.15
CA ALA A 292 37.98 -38.36 26.74
C ALA A 292 37.98 -39.51 25.73
N LEU A 293 37.38 -39.34 24.54
CA LEU A 293 37.43 -40.40 23.55
C LEU A 293 38.83 -40.57 22.95
N HIS A 294 39.69 -39.57 23.12
CA HIS A 294 41.08 -39.56 22.66
C HIS A 294 41.94 -39.91 23.88
N HIS A 295 42.42 -41.14 23.95
CA HIS A 295 43.11 -41.62 25.17
C HIS A 295 44.49 -41.01 25.45
N SER B 2 -14.73 10.74 6.13
CA SER B 2 -14.34 10.16 4.85
C SER B 2 -15.34 9.14 4.31
N GLU B 3 -15.98 9.44 3.19
CA GLU B 3 -16.89 8.50 2.57
C GLU B 3 -16.11 7.42 1.83
N ILE B 4 -16.72 6.24 1.73
CA ILE B 4 -16.12 5.18 0.92
C ILE B 4 -15.99 5.70 -0.50
N GLY B 5 -14.81 5.47 -1.11
CA GLY B 5 -14.48 6.10 -2.41
C GLY B 5 -15.32 5.52 -3.54
N THR B 6 -15.74 6.38 -4.44
CA THR B 6 -16.53 5.90 -5.58
C THR B 6 -15.74 5.90 -6.88
N GLY B 7 -14.53 6.46 -6.87
CA GLY B 7 -13.76 6.51 -8.11
C GLY B 7 -13.01 5.21 -8.40
N PHE B 8 -12.57 5.08 -9.65
CA PHE B 8 -11.84 3.89 -10.10
C PHE B 8 -10.53 4.38 -10.71
N PRO B 9 -9.58 4.77 -9.89
CA PRO B 9 -8.35 5.43 -10.39
C PRO B 9 -7.28 4.46 -10.86
N PHE B 10 -7.65 3.59 -11.79
CA PHE B 10 -6.73 2.57 -12.29
C PHE B 10 -6.71 2.62 -13.80
N ASP B 11 -5.51 2.67 -14.35
CA ASP B 11 -5.41 2.71 -15.80
C ASP B 11 -5.77 1.34 -16.37
N PRO B 12 -6.44 1.30 -17.52
CA PRO B 12 -6.82 -0.01 -18.08
C PRO B 12 -5.64 -0.78 -18.63
N HIS B 13 -5.64 -2.09 -18.39
CA HIS B 13 -4.72 -3.00 -19.10
C HIS B 13 -5.51 -4.08 -19.80
N TYR B 14 -5.01 -4.54 -20.95
CA TYR B 14 -5.76 -5.53 -21.73
C TYR B 14 -4.86 -6.64 -22.18
N VAL B 15 -5.40 -7.84 -22.22
CA VAL B 15 -4.68 -9.00 -22.78
C VAL B 15 -5.62 -9.82 -23.66
N GLU B 16 -5.09 -10.35 -24.76
CA GLU B 16 -5.91 -11.15 -25.65
C GLU B 16 -5.89 -12.60 -25.19
N VAL B 17 -7.08 -13.18 -25.01
CA VAL B 17 -7.34 -14.44 -24.37
C VAL B 17 -8.36 -15.15 -25.27
N LEU B 18 -7.96 -16.22 -26.01
CA LEU B 18 -8.95 -17.07 -26.70
C LEU B 18 -9.75 -16.26 -27.72
N GLY B 19 -9.10 -15.28 -28.34
CA GLY B 19 -9.72 -14.42 -29.33
C GLY B 19 -10.57 -13.29 -28.81
N SER B 20 -10.56 -13.04 -27.49
CA SER B 20 -11.26 -11.92 -26.86
C SER B 20 -10.27 -11.12 -26.04
N ARG B 21 -10.60 -9.85 -25.79
CA ARG B 21 -9.79 -8.99 -24.93
C ARG B 21 -10.34 -9.07 -23.50
N MET B 22 -9.46 -9.24 -22.50
CA MET B 22 -9.89 -9.13 -21.08
C MET B 22 -9.20 -7.91 -20.49
N HIS B 23 -9.95 -7.16 -19.70
CA HIS B 23 -9.44 -6.02 -18.95
C HIS B 23 -8.97 -6.42 -17.57
N TYR B 24 -7.92 -5.76 -17.11
CA TYR B 24 -7.49 -5.98 -15.72
C TYR B 24 -6.81 -4.73 -15.17
N VAL B 25 -6.94 -4.58 -13.85
CA VAL B 25 -6.14 -3.66 -13.05
C VAL B 25 -4.79 -4.31 -12.80
N ASP B 26 -3.72 -3.53 -12.94
CA ASP B 26 -2.37 -4.06 -12.65
C ASP B 26 -1.59 -2.92 -12.01
N VAL B 27 -1.39 -2.97 -10.70
CA VAL B 27 -0.70 -1.87 -10.01
C VAL B 27 0.29 -2.49 -9.02
N GLY B 28 1.03 -1.64 -8.33
CA GLY B 28 2.01 -2.11 -7.38
C GLY B 28 3.32 -2.52 -8.08
N PRO B 29 4.25 -3.05 -7.30
CA PRO B 29 5.54 -3.47 -7.86
C PRO B 29 5.39 -4.51 -8.95
N ARG B 30 6.39 -4.54 -9.82
CA ARG B 30 6.25 -5.33 -11.03
C ARG B 30 6.72 -6.75 -10.85
N ASP B 31 7.33 -7.06 -9.72
CA ASP B 31 7.83 -8.40 -9.46
C ASP B 31 7.24 -8.87 -8.14
N GLY B 32 7.84 -9.94 -7.63
CA GLY B 32 7.38 -10.55 -6.38
C GLY B 32 6.11 -11.35 -6.64
N THR B 33 5.53 -11.86 -5.56
CA THR B 33 4.30 -12.64 -5.67
C THR B 33 3.11 -11.71 -5.87
N PRO B 34 2.36 -11.84 -6.95
CA PRO B 34 1.23 -10.94 -7.16
C PRO B 34 0.06 -11.39 -6.32
N VAL B 35 -0.79 -10.42 -6.03
CA VAL B 35 -2.06 -10.65 -5.32
C VAL B 35 -3.15 -10.54 -6.39
N LEU B 36 -3.86 -11.66 -6.63
CA LEU B 36 -4.81 -11.77 -7.71
C LEU B 36 -6.22 -11.67 -7.11
N PHE B 37 -6.98 -10.62 -7.48
CA PHE B 37 -8.29 -10.30 -6.92
C PHE B 37 -9.37 -10.77 -7.90
N LEU B 38 -10.29 -11.64 -7.44
CA LEU B 38 -11.31 -12.23 -8.33
C LEU B 38 -12.69 -11.86 -7.80
N HIS B 39 -13.38 -11.02 -8.57
CA HIS B 39 -14.76 -10.65 -8.28
C HIS B 39 -15.70 -11.76 -8.73
N GLY B 40 -16.99 -11.60 -8.38
CA GLY B 40 -18.05 -12.48 -8.86
C GLY B 40 -19.24 -11.72 -9.44
N ASN B 41 -20.48 -12.26 -9.16
CA ASN B 41 -21.68 -11.73 -9.79
C ASN B 41 -22.30 -10.64 -8.93
N PRO B 42 -22.76 -9.49 -9.48
CA PRO B 42 -22.67 -8.97 -10.86
C PRO B 42 -21.64 -7.89 -10.91
N THR B 43 -20.46 -8.12 -10.34
CA THR B 43 -19.52 -7.03 -10.09
C THR B 43 -18.37 -7.08 -11.12
N SER B 44 -17.25 -6.45 -10.77
CA SER B 44 -16.08 -6.38 -11.63
C SER B 44 -14.93 -6.02 -10.73
N SER B 45 -13.80 -5.67 -11.36
CA SER B 45 -12.68 -5.18 -10.55
C SER B 45 -13.06 -3.91 -9.74
N TYR B 46 -14.12 -3.21 -10.14
CA TYR B 46 -14.59 -2.06 -9.36
C TYR B 46 -14.85 -2.43 -7.89
N LEU B 47 -15.27 -3.67 -7.64
CA LEU B 47 -15.55 -4.12 -6.27
C LEU B 47 -14.32 -4.02 -5.38
N TRP B 48 -13.13 -4.10 -5.98
CA TRP B 48 -11.86 -4.12 -5.23
C TRP B 48 -11.19 -2.75 -5.16
N ARG B 49 -11.86 -1.70 -5.66
CA ARG B 49 -11.19 -0.40 -5.86
C ARG B 49 -10.66 0.23 -4.56
N ASN B 50 -11.36 0.02 -3.42
CA ASN B 50 -10.93 0.59 -2.15
C ASN B 50 -10.09 -0.35 -1.32
N ILE B 51 -9.88 -1.59 -1.78
CA ILE B 51 -9.07 -2.56 -1.08
C ILE B 51 -7.66 -2.61 -1.66
N ILE B 52 -7.60 -2.57 -3.01
CA ILE B 52 -6.32 -2.61 -3.73
C ILE B 52 -5.32 -1.59 -3.17
N PRO B 53 -5.70 -0.32 -2.90
CA PRO B 53 -4.67 0.64 -2.49
C PRO B 53 -4.01 0.30 -1.18
N HIS B 54 -4.59 -0.57 -0.35
CA HIS B 54 -3.89 -0.99 0.88
C HIS B 54 -2.75 -1.96 0.60
N VAL B 55 -2.82 -2.68 -0.52
CA VAL B 55 -1.94 -3.78 -0.83
C VAL B 55 -0.88 -3.34 -1.83
N ALA B 56 -1.29 -2.48 -2.77
CA ALA B 56 -0.38 -2.09 -3.86
C ALA B 56 0.96 -1.47 -3.44
N PRO B 57 1.10 -0.76 -2.33
CA PRO B 57 2.46 -0.24 -2.01
C PRO B 57 3.48 -1.32 -1.91
N SER B 58 3.11 -2.55 -1.56
N SER B 58 3.10 -2.53 -1.49
CA SER B 58 4.11 -3.57 -1.32
CA SER B 58 4.05 -3.61 -1.23
C SER B 58 3.97 -4.82 -2.18
C SER B 58 3.98 -4.80 -2.18
N HIS B 59 2.85 -5.00 -2.89
CA HIS B 59 2.67 -6.18 -3.70
C HIS B 59 2.03 -5.77 -5.00
N ARG B 60 2.42 -6.47 -6.05
CA ARG B 60 1.66 -6.38 -7.29
C ARG B 60 0.21 -6.78 -7.03
N CYS B 61 -0.72 -6.01 -7.59
CA CYS B 61 -2.16 -6.28 -7.48
C CYS B 61 -2.69 -6.40 -8.89
N ILE B 62 -3.26 -7.56 -9.19
CA ILE B 62 -3.87 -7.85 -10.50
C ILE B 62 -5.36 -8.15 -10.27
N ALA B 63 -6.26 -7.44 -10.95
CA ALA B 63 -7.69 -7.67 -10.73
C ALA B 63 -8.34 -7.74 -12.11
N PRO B 64 -8.55 -8.94 -12.66
CA PRO B 64 -9.22 -9.07 -13.97
C PRO B 64 -10.71 -8.88 -13.86
N ASP B 65 -11.30 -8.40 -14.95
CA ASP B 65 -12.76 -8.49 -15.13
C ASP B 65 -13.06 -9.81 -15.81
N LEU B 66 -13.89 -10.65 -15.21
CA LEU B 66 -14.24 -11.93 -15.83
C LEU B 66 -14.80 -11.70 -17.22
N ILE B 67 -14.72 -12.74 -18.05
CA ILE B 67 -15.21 -12.59 -19.42
C ILE B 67 -16.70 -12.26 -19.38
N GLY B 68 -17.09 -11.32 -20.24
CA GLY B 68 -18.47 -10.83 -20.26
C GLY B 68 -18.81 -9.80 -19.18
N MET B 69 -17.85 -9.38 -18.37
CA MET B 69 -18.10 -8.52 -17.21
C MET B 69 -17.11 -7.36 -17.23
N GLY B 70 -17.48 -6.30 -16.48
CA GLY B 70 -16.58 -5.15 -16.37
C GLY B 70 -16.23 -4.60 -17.78
N LYS B 71 -14.94 -4.34 -18.03
CA LYS B 71 -14.46 -3.88 -19.35
C LYS B 71 -13.88 -4.99 -20.21
N SER B 72 -14.11 -6.24 -19.84
CA SER B 72 -13.69 -7.35 -20.68
C SER B 72 -14.69 -7.51 -21.83
N ASP B 73 -14.22 -8.17 -22.88
CA ASP B 73 -15.08 -8.40 -24.04
C ASP B 73 -16.27 -9.30 -23.70
N LYS B 74 -17.19 -9.37 -24.67
CA LYS B 74 -18.47 -10.08 -24.53
C LYS B 74 -18.63 -11.08 -25.67
N PRO B 75 -17.82 -12.14 -25.70
CA PRO B 75 -18.02 -13.18 -26.72
C PRO B 75 -19.36 -13.91 -26.56
N ASP B 76 -19.74 -14.57 -27.67
CA ASP B 76 -21.03 -15.27 -27.71
C ASP B 76 -20.90 -16.63 -27.04
N LEU B 77 -20.92 -16.62 -25.72
CA LEU B 77 -20.83 -17.82 -24.90
C LEU B 77 -22.13 -18.08 -24.15
N ASP B 78 -22.27 -19.29 -23.60
CA ASP B 78 -23.35 -19.49 -22.64
C ASP B 78 -23.01 -18.89 -21.29
N TYR B 79 -21.71 -18.63 -21.04
CA TYR B 79 -21.25 -18.07 -19.74
C TYR B 79 -21.53 -19.02 -18.59
N ARG B 80 -21.44 -20.32 -18.87
CA ARG B 80 -21.40 -21.33 -17.85
C ARG B 80 -20.11 -21.22 -17.02
N PHE B 81 -20.11 -21.94 -15.90
CA PHE B 81 -18.93 -21.89 -15.05
C PHE B 81 -17.68 -22.25 -15.84
N ASP B 82 -17.73 -23.35 -16.60
CA ASP B 82 -16.50 -23.76 -17.29
C ASP B 82 -16.00 -22.70 -18.28
N ASP B 83 -16.91 -21.91 -18.85
CA ASP B 83 -16.46 -20.81 -19.70
C ASP B 83 -15.57 -19.85 -18.91
N HIS B 84 -16.03 -19.46 -17.72
CA HIS B 84 -15.18 -18.59 -16.89
C HIS B 84 -13.90 -19.28 -16.50
N VAL B 85 -13.97 -20.59 -16.22
CA VAL B 85 -12.75 -21.32 -15.89
C VAL B 85 -11.74 -21.21 -17.03
N ARG B 86 -12.20 -21.40 -18.27
CA ARG B 86 -11.26 -21.39 -19.41
C ARG B 86 -10.65 -20.03 -19.61
N TYR B 87 -11.46 -18.97 -19.54
CA TYR B 87 -10.92 -17.64 -19.78
C TYR B 87 -9.99 -17.20 -18.66
N LEU B 88 -10.34 -17.49 -17.38
CA LEU B 88 -9.39 -17.13 -16.32
C LEU B 88 -8.12 -17.96 -16.40
N ASP B 89 -8.21 -19.25 -16.71
CA ASP B 89 -6.99 -20.03 -16.87
C ASP B 89 -6.11 -19.43 -17.96
N ALA B 90 -6.71 -19.01 -19.07
CA ALA B 90 -5.91 -18.44 -20.15
C ALA B 90 -5.33 -17.07 -19.79
N PHE B 91 -6.07 -16.26 -19.04
CA PHE B 91 -5.61 -15.00 -18.50
C PHE B 91 -4.40 -15.19 -17.63
N ILE B 92 -4.45 -16.14 -16.71
CA ILE B 92 -3.31 -16.36 -15.81
C ILE B 92 -2.08 -16.76 -16.63
N GLU B 93 -2.29 -17.63 -17.62
CA GLU B 93 -1.16 -18.04 -18.47
C GLU B 93 -0.63 -16.87 -19.29
N ALA B 94 -1.51 -16.07 -19.86
CA ALA B 94 -1.09 -14.95 -20.70
C ALA B 94 -0.23 -13.95 -19.92
N LEU B 95 -0.52 -13.75 -18.61
CA LEU B 95 0.27 -12.85 -17.77
C LEU B 95 1.52 -13.53 -17.22
N GLY B 96 1.70 -14.84 -17.49
CA GLY B 96 2.91 -15.53 -17.08
C GLY B 96 3.00 -15.63 -15.58
N LEU B 97 1.85 -15.69 -14.91
CA LEU B 97 1.90 -15.73 -13.45
C LEU B 97 2.40 -17.09 -13.00
N GLU B 98 3.23 -17.09 -11.95
CA GLU B 98 3.78 -18.32 -11.41
C GLU B 98 3.09 -18.59 -10.09
N GLU B 99 3.64 -18.15 -8.96
CA GLU B 99 2.96 -18.26 -7.68
C GLU B 99 2.11 -17.01 -7.46
N VAL B 100 0.97 -17.16 -6.73
CA VAL B 100 0.07 -16.03 -6.50
C VAL B 100 -0.46 -16.10 -5.08
N VAL B 101 -0.94 -14.96 -4.57
CA VAL B 101 -1.88 -14.96 -3.45
C VAL B 101 -3.27 -14.63 -4.02
N LEU B 102 -4.29 -15.36 -3.62
CA LEU B 102 -5.66 -15.13 -4.13
C LEU B 102 -6.48 -14.29 -3.15
N VAL B 103 -7.28 -13.35 -3.65
CA VAL B 103 -8.23 -12.56 -2.84
C VAL B 103 -9.56 -12.67 -3.57
N ILE B 104 -10.52 -13.38 -2.97
CA ILE B 104 -11.64 -13.87 -3.78
C ILE B 104 -12.97 -13.74 -3.09
N HIS B 105 -14.01 -13.69 -3.92
CA HIS B 105 -15.38 -13.44 -3.46
C HIS B 105 -16.40 -14.10 -4.38
N ASP B 106 -17.48 -14.65 -3.82
CA ASP B 106 -18.66 -15.06 -4.66
C ASP B 106 -18.18 -15.99 -5.80
N TRP B 107 -18.59 -15.79 -7.06
CA TRP B 107 -18.12 -16.70 -8.09
C TRP B 107 -16.63 -16.62 -8.35
N GLY B 108 -16.01 -15.47 -8.01
CA GLY B 108 -14.56 -15.38 -8.06
C GLY B 108 -13.92 -16.33 -7.08
N SER B 109 -14.61 -16.64 -5.97
CA SER B 109 -14.11 -17.61 -5.05
C SER B 109 -14.26 -19.03 -5.57
N ALA B 110 -15.37 -19.36 -6.25
CA ALA B 110 -15.42 -20.69 -6.89
C ALA B 110 -14.29 -20.84 -7.93
N LEU B 111 -14.09 -19.83 -8.77
CA LEU B 111 -12.98 -19.87 -9.73
C LEU B 111 -11.63 -19.97 -9.03
N GLY B 112 -11.42 -19.19 -7.95
CA GLY B 112 -10.11 -19.14 -7.33
C GLY B 112 -9.81 -20.43 -6.59
N PHE B 113 -10.78 -20.94 -5.81
CA PHE B 113 -10.54 -22.19 -5.11
C PHE B 113 -10.37 -23.36 -6.09
N HIS B 114 -11.15 -23.40 -7.21
CA HIS B 114 -10.99 -24.45 -8.18
C HIS B 114 -9.61 -24.37 -8.83
N TRP B 115 -9.13 -23.13 -9.06
CA TRP B 115 -7.80 -23.01 -9.64
C TRP B 115 -6.75 -23.43 -8.61
N ALA B 116 -6.97 -23.09 -7.34
CA ALA B 116 -6.00 -23.40 -6.28
C ALA B 116 -5.87 -24.91 -6.11
N LYS B 117 -7.02 -25.62 -6.08
CA LYS B 117 -7.02 -27.08 -5.95
C LYS B 117 -6.25 -27.71 -7.09
N ARG B 118 -6.36 -27.11 -8.29
CA ARG B 118 -5.57 -27.62 -9.43
C ARG B 118 -4.11 -27.20 -9.43
N ASN B 119 -3.74 -26.12 -8.71
CA ASN B 119 -2.39 -25.55 -8.76
C ASN B 119 -1.86 -25.35 -7.34
N PRO B 120 -1.86 -26.38 -6.53
CA PRO B 120 -1.67 -26.10 -5.07
C PRO B 120 -0.31 -25.55 -4.71
N GLU B 121 0.72 -25.86 -5.48
CA GLU B 121 2.02 -25.28 -5.11
C GLU B 121 2.20 -23.86 -5.63
N ARG B 122 1.32 -23.39 -6.49
CA ARG B 122 1.38 -22.01 -6.90
C ARG B 122 0.62 -21.07 -6.00
N VAL B 123 -0.19 -21.58 -5.08
CA VAL B 123 -0.98 -20.70 -4.22
C VAL B 123 -0.26 -20.47 -2.90
N LYS B 124 0.10 -19.23 -2.64
CA LYS B 124 0.87 -18.91 -1.42
C LYS B 124 -0.03 -18.51 -0.28
N GLY B 125 -1.28 -18.22 -0.58
CA GLY B 125 -2.24 -17.81 0.45
C GLY B 125 -3.56 -17.54 -0.25
N ILE B 126 -4.66 -17.60 0.54
CA ILE B 126 -5.98 -17.26 0.00
C ILE B 126 -6.73 -16.44 1.04
N ALA B 127 -7.16 -15.23 0.66
CA ALA B 127 -8.08 -14.42 1.46
C ALA B 127 -9.41 -14.47 0.75
N PHE B 128 -10.46 -14.66 1.54
CA PHE B 128 -11.75 -14.96 0.94
C PHE B 128 -12.85 -14.45 1.87
N MET B 129 -14.04 -14.27 1.31
CA MET B 129 -15.15 -13.70 2.02
C MET B 129 -16.41 -14.00 1.21
N GLU B 130 -17.53 -14.32 1.90
CA GLU B 130 -18.82 -14.51 1.21
C GLU B 130 -18.63 -15.35 -0.07
N PHE B 131 -18.11 -16.55 0.16
CA PHE B 131 -17.62 -17.44 -0.87
C PHE B 131 -18.64 -18.55 -1.11
N ILE B 132 -18.49 -19.25 -2.24
CA ILE B 132 -19.43 -20.27 -2.67
C ILE B 132 -19.04 -21.61 -2.06
N ARG B 133 -19.98 -22.18 -1.30
CA ARG B 133 -19.86 -23.48 -0.68
C ARG B 133 -21.12 -24.25 -1.04
N PRO B 134 -21.13 -25.56 -0.87
CA PRO B 134 -22.39 -26.27 -1.15
C PRO B 134 -23.47 -25.83 -0.16
N ILE B 135 -24.66 -25.54 -0.68
CA ILE B 135 -25.75 -25.09 0.18
C ILE B 135 -26.71 -26.26 0.32
N PRO B 136 -26.84 -26.87 1.52
CA PRO B 136 -27.49 -28.19 1.55
C PRO B 136 -28.96 -28.15 1.12
N THR B 137 -29.72 -27.14 1.54
CA THR B 137 -31.08 -27.00 1.09
C THR B 137 -31.40 -25.53 1.00
N TRP B 138 -32.58 -25.22 0.44
CA TRP B 138 -33.02 -23.83 0.42
C TRP B 138 -33.18 -23.23 1.81
N ASP B 139 -33.34 -24.05 2.86
CA ASP B 139 -33.44 -23.47 4.19
C ASP B 139 -32.15 -22.83 4.65
N GLU B 140 -31.01 -23.17 4.05
CA GLU B 140 -29.73 -22.56 4.41
C GLU B 140 -29.40 -21.30 3.59
N TRP B 141 -30.27 -20.91 2.64
CA TRP B 141 -30.23 -19.63 1.97
C TRP B 141 -31.02 -18.64 2.79
N PRO B 142 -30.50 -17.42 3.00
CA PRO B 142 -31.21 -16.44 3.87
C PRO B 142 -32.65 -16.21 3.45
N GLU B 143 -33.55 -16.31 4.41
CA GLU B 143 -34.97 -16.12 4.12
C GLU B 143 -35.23 -14.84 3.31
N PHE B 144 -34.57 -13.74 3.66
CA PHE B 144 -34.94 -12.48 3.03
C PHE B 144 -34.58 -12.39 1.54
N ALA B 145 -33.76 -13.32 1.04
CA ALA B 145 -33.38 -13.35 -0.38
C ALA B 145 -33.84 -14.63 -1.06
N ARG B 146 -34.56 -15.48 -0.32
CA ARG B 146 -34.83 -16.83 -0.81
C ARG B 146 -35.79 -16.78 -1.99
N GLU B 147 -36.89 -16.05 -1.85
CA GLU B 147 -37.83 -15.94 -2.95
C GLU B 147 -37.15 -15.50 -4.24
N LEU B 148 -36.26 -14.50 -4.14
CA LEU B 148 -35.68 -13.97 -5.38
C LEU B 148 -34.81 -15.02 -6.04
N PHE B 149 -33.93 -15.67 -5.25
CA PHE B 149 -33.01 -16.60 -5.88
C PHE B 149 -33.73 -17.82 -6.38
N GLN B 150 -34.88 -18.15 -5.73
CA GLN B 150 -35.68 -19.23 -6.29
C GLN B 150 -36.29 -18.81 -7.63
N ALA B 151 -36.68 -17.56 -7.75
CA ALA B 151 -37.24 -17.06 -8.99
C ALA B 151 -36.17 -16.99 -10.08
N PHE B 152 -34.93 -16.68 -9.70
CA PHE B 152 -33.86 -16.60 -10.70
C PHE B 152 -33.64 -17.95 -11.35
N ARG B 153 -33.88 -19.02 -10.58
CA ARG B 153 -33.71 -20.40 -11.01
C ARG B 153 -35.01 -21.01 -11.56
N THR B 154 -36.06 -20.20 -11.74
CA THR B 154 -37.32 -20.70 -12.30
C THR B 154 -37.39 -20.41 -13.80
N PRO B 155 -37.71 -21.41 -14.61
CA PRO B 155 -37.81 -21.18 -16.05
C PRO B 155 -38.67 -19.97 -16.38
N ASP B 156 -38.19 -19.19 -17.37
CA ASP B 156 -38.79 -17.97 -17.89
C ASP B 156 -38.77 -16.82 -16.90
N VAL B 157 -39.29 -17.07 -15.69
CA VAL B 157 -39.37 -16.04 -14.66
C VAL B 157 -37.99 -15.43 -14.39
N GLY B 158 -36.99 -16.29 -14.21
CA GLY B 158 -35.67 -15.78 -13.83
C GLY B 158 -35.02 -14.95 -14.93
N ARG B 159 -35.23 -15.36 -16.20
CA ARG B 159 -34.68 -14.56 -17.29
C ARG B 159 -35.39 -13.23 -17.40
N GLU B 160 -36.71 -13.22 -17.20
CA GLU B 160 -37.44 -11.96 -17.22
C GLU B 160 -36.89 -11.01 -16.14
N LEU B 161 -36.70 -11.52 -14.93
CA LEU B 161 -36.18 -10.67 -13.85
C LEU B 161 -34.77 -10.16 -14.14
N ILE B 162 -33.85 -11.06 -14.52
CA ILE B 162 -32.43 -10.68 -14.57
C ILE B 162 -32.09 -10.02 -15.91
N ILE B 163 -32.60 -10.60 -17.02
CA ILE B 163 -32.24 -10.12 -18.34
C ILE B 163 -33.10 -8.91 -18.70
N ASP B 164 -34.43 -9.01 -18.50
CA ASP B 164 -35.26 -7.91 -19.01
C ASP B 164 -35.23 -6.71 -18.06
N TYR B 165 -35.40 -6.97 -16.76
CA TYR B 165 -35.51 -5.90 -15.76
C TYR B 165 -34.26 -5.68 -14.92
N ASN B 166 -33.14 -6.37 -15.26
CA ASN B 166 -31.83 -6.14 -14.63
C ASN B 166 -31.85 -6.29 -13.10
N ALA B 167 -32.56 -7.30 -12.60
CA ALA B 167 -32.74 -7.41 -11.14
C ALA B 167 -31.44 -7.66 -10.43
N PHE B 168 -30.47 -8.32 -11.06
CA PHE B 168 -29.26 -8.56 -10.26
C PHE B 168 -28.51 -7.27 -9.94
N ILE B 169 -28.59 -6.30 -10.83
CA ILE B 169 -27.95 -5.00 -10.60
C ILE B 169 -28.84 -4.09 -9.76
N GLU B 170 -30.14 -4.00 -10.10
CA GLU B 170 -31.00 -2.97 -9.53
C GLU B 170 -31.61 -3.40 -8.21
N ILE B 171 -31.72 -4.71 -7.97
CA ILE B 171 -32.24 -5.22 -6.69
C ILE B 171 -31.14 -5.86 -5.84
N ILE B 172 -30.46 -6.89 -6.37
CA ILE B 172 -29.58 -7.69 -5.49
C ILE B 172 -28.41 -6.89 -4.97
N LEU B 173 -27.75 -6.10 -5.82
CA LEU B 173 -26.53 -5.42 -5.39
C LEU B 173 -26.80 -4.50 -4.20
N PRO B 174 -27.77 -3.56 -4.27
CA PRO B 174 -28.06 -2.75 -3.09
C PRO B 174 -28.65 -3.55 -1.93
N LYS B 175 -29.42 -4.62 -2.21
CA LYS B 175 -29.98 -5.43 -1.13
C LYS B 175 -28.89 -6.07 -0.29
N PHE B 176 -27.72 -6.31 -0.90
CA PHE B 176 -26.68 -7.10 -0.26
C PHE B 176 -25.50 -6.24 0.21
N VAL B 177 -25.72 -4.93 0.35
CA VAL B 177 -24.80 -4.00 1.00
C VAL B 177 -25.61 -3.38 2.14
N VAL B 178 -25.00 -3.32 3.34
CA VAL B 178 -25.77 -2.78 4.48
C VAL B 178 -25.94 -1.27 4.34
N ARG B 179 -24.84 -0.55 4.08
CA ARG B 179 -24.92 0.91 3.88
C ARG B 179 -25.53 1.19 2.51
N PRO B 180 -26.04 2.39 2.26
CA PRO B 180 -26.67 2.66 0.94
C PRO B 180 -25.61 2.87 -0.13
N LEU B 181 -25.78 2.21 -1.27
CA LEU B 181 -24.88 2.52 -2.39
C LEU B 181 -25.31 3.85 -3.00
N THR B 182 -24.33 4.61 -3.48
CA THR B 182 -24.61 5.87 -4.14
C THR B 182 -24.93 5.65 -5.62
N GLU B 183 -25.49 6.69 -6.23
CA GLU B 183 -25.79 6.61 -7.65
C GLU B 183 -24.52 6.51 -8.48
N GLU B 184 -23.44 7.19 -8.06
CA GLU B 184 -22.17 7.03 -8.77
C GLU B 184 -21.69 5.58 -8.73
N GLU B 185 -21.78 4.93 -7.57
CA GLU B 185 -21.37 3.54 -7.47
C GLU B 185 -22.26 2.67 -8.34
N MET B 186 -23.57 2.87 -8.28
CA MET B 186 -24.50 2.08 -9.12
C MET B 186 -24.19 2.25 -10.60
N ASP B 187 -23.89 3.48 -11.03
CA ASP B 187 -23.61 3.70 -12.45
C ASP B 187 -22.32 3.00 -12.88
N HIS B 188 -21.30 2.92 -12.00
CA HIS B 188 -20.17 2.07 -12.32
C HIS B 188 -20.60 0.62 -12.50
N TYR B 189 -21.39 0.10 -11.57
CA TYR B 189 -21.80 -1.31 -11.71
C TYR B 189 -22.76 -1.54 -12.89
N ARG B 190 -23.56 -0.52 -13.27
CA ARG B 190 -24.51 -0.65 -14.36
C ARG B 190 -23.81 -0.67 -15.73
N GLU B 191 -22.63 -0.04 -15.83
CA GLU B 191 -22.07 0.20 -17.17
C GLU B 191 -21.92 -1.04 -18.06
N PRO B 192 -21.44 -2.20 -17.56
CA PRO B 192 -21.28 -3.37 -18.46
C PRO B 192 -22.58 -4.00 -18.88
N PHE B 193 -23.74 -3.58 -18.32
CA PHE B 193 -24.98 -4.33 -18.49
C PHE B 193 -26.10 -3.41 -18.97
N LEU B 194 -25.77 -2.26 -19.59
CA LEU B 194 -26.83 -1.33 -20.02
C LEU B 194 -27.79 -1.98 -20.99
N LYS B 195 -27.33 -2.92 -21.78
CA LYS B 195 -28.24 -3.53 -22.76
C LYS B 195 -28.57 -4.98 -22.36
N PRO B 196 -29.81 -5.45 -22.58
CA PRO B 196 -30.18 -6.80 -22.11
C PRO B 196 -29.37 -7.92 -22.72
N GLU B 197 -28.91 -7.79 -23.98
CA GLU B 197 -28.09 -8.84 -24.61
C GLU B 197 -26.70 -8.98 -24.00
N TRP B 198 -26.36 -8.13 -23.03
CA TRP B 198 -25.14 -8.23 -22.25
C TRP B 198 -25.36 -8.94 -20.93
N ARG B 199 -26.57 -9.39 -20.62
CA ARG B 199 -26.85 -9.81 -19.22
C ARG B 199 -26.84 -11.33 -19.02
N GLU B 200 -26.50 -12.12 -20.06
CA GLU B 200 -26.51 -13.57 -19.87
C GLU B 200 -25.63 -14.04 -18.69
N PRO B 201 -24.42 -13.53 -18.48
CA PRO B 201 -23.66 -14.01 -17.32
C PRO B 201 -24.38 -13.82 -16.02
N LEU B 202 -25.23 -12.78 -15.95
CA LEU B 202 -25.89 -12.45 -14.68
C LEU B 202 -26.96 -13.44 -14.31
N TRP B 203 -27.59 -14.06 -15.34
CA TRP B 203 -28.59 -15.10 -15.17
C TRP B 203 -27.96 -16.47 -15.03
N ARG B 204 -26.87 -16.74 -15.78
CA ARG B 204 -26.31 -18.09 -15.69
C ARG B 204 -25.72 -18.32 -14.30
N PHE B 205 -25.11 -17.29 -13.68
CA PHE B 205 -24.44 -17.52 -12.40
C PHE B 205 -25.40 -18.03 -11.32
N PRO B 206 -26.58 -17.43 -11.06
CA PRO B 206 -27.41 -17.99 -9.96
C PRO B 206 -27.95 -19.36 -10.33
N ASN B 207 -28.04 -19.65 -11.65
CA ASN B 207 -28.45 -20.97 -12.10
C ASN B 207 -27.35 -21.99 -11.97
N GLU B 208 -26.12 -21.53 -11.57
CA GLU B 208 -25.06 -22.47 -11.28
C GLU B 208 -24.85 -22.69 -9.80
N LEU B 209 -25.51 -21.93 -8.94
CA LEU B 209 -25.24 -22.04 -7.51
C LEU B 209 -25.49 -23.48 -7.03
N PRO B 210 -24.60 -24.04 -6.22
CA PRO B 210 -24.76 -25.45 -5.83
C PRO B 210 -25.72 -25.57 -4.65
N ILE B 211 -26.96 -25.95 -4.93
CA ILE B 211 -28.01 -26.00 -3.91
C ILE B 211 -28.69 -27.37 -3.99
N ASN B 212 -28.66 -28.09 -2.87
CA ASN B 212 -29.32 -29.39 -2.74
C ASN B 212 -28.92 -30.30 -3.88
N GLY B 213 -27.62 -30.33 -4.18
CA GLY B 213 -27.10 -31.20 -5.23
C GLY B 213 -27.19 -30.72 -6.66
N GLU B 214 -27.77 -29.54 -6.93
CA GLU B 214 -28.04 -29.18 -8.31
C GLU B 214 -27.50 -27.79 -8.58
N PRO B 215 -26.87 -27.56 -9.74
CA PRO B 215 -26.53 -28.54 -10.79
C PRO B 215 -25.46 -29.48 -10.26
N ALA B 216 -25.50 -30.75 -10.69
CA ALA B 216 -24.64 -31.74 -10.07
C ALA B 216 -23.18 -31.49 -10.38
N ASP B 217 -22.84 -30.93 -11.56
CA ASP B 217 -21.42 -30.78 -11.88
C ASP B 217 -20.78 -29.72 -11.01
N ILE B 218 -21.52 -28.64 -10.72
CA ILE B 218 -21.01 -27.59 -9.85
C ILE B 218 -20.96 -28.08 -8.42
N TRP B 219 -22.03 -28.74 -7.98
CA TRP B 219 -22.04 -29.36 -6.66
C TRP B 219 -20.76 -30.16 -6.46
N ALA B 220 -20.45 -31.04 -7.40
CA ALA B 220 -19.28 -31.89 -7.20
C ALA B 220 -17.97 -31.08 -7.22
N LEU B 221 -17.85 -30.12 -8.14
CA LEU B 221 -16.64 -29.27 -8.21
C LEU B 221 -16.42 -28.49 -6.93
N VAL B 222 -17.48 -27.93 -6.36
CA VAL B 222 -17.36 -27.13 -5.16
C VAL B 222 -17.06 -28.03 -3.98
N GLU B 223 -17.71 -29.20 -3.91
CA GLU B 223 -17.39 -30.14 -2.84
C GLU B 223 -15.92 -30.53 -2.91
N ALA B 224 -15.40 -30.72 -4.13
CA ALA B 224 -13.97 -31.09 -4.29
C ALA B 224 -13.06 -29.98 -3.79
N TYR B 225 -13.36 -28.72 -4.14
CA TYR B 225 -12.40 -27.72 -3.64
C TYR B 225 -12.56 -27.44 -2.16
N MET B 226 -13.77 -27.63 -1.57
CA MET B 226 -13.90 -27.53 -0.12
C MET B 226 -13.14 -28.64 0.60
N ASN B 227 -13.13 -29.84 0.02
CA ASN B 227 -12.33 -30.92 0.61
C ASN B 227 -10.84 -30.54 0.57
N TRP B 228 -10.43 -29.95 -0.55
CA TRP B 228 -9.03 -29.51 -0.70
C TRP B 228 -8.68 -28.45 0.36
N LEU B 229 -9.57 -27.48 0.55
CA LEU B 229 -9.34 -26.42 1.51
C LEU B 229 -9.27 -26.95 2.94
N HIS B 230 -10.08 -27.96 3.25
CA HIS B 230 -10.03 -28.59 4.59
C HIS B 230 -8.74 -29.36 4.81
N GLN B 231 -8.07 -29.82 3.75
CA GLN B 231 -6.84 -30.58 3.91
C GLN B 231 -5.58 -29.74 3.77
N SER B 232 -5.67 -28.61 3.06
CA SER B 232 -4.48 -27.90 2.63
C SER B 232 -3.89 -27.09 3.78
N PRO B 233 -2.56 -27.06 3.92
CA PRO B 233 -1.95 -26.18 4.92
C PRO B 233 -1.77 -24.74 4.47
N VAL B 234 -2.26 -24.38 3.28
CA VAL B 234 -2.00 -23.03 2.74
C VAL B 234 -2.51 -21.97 3.71
N PRO B 235 -1.81 -20.84 3.87
CA PRO B 235 -2.38 -19.75 4.68
C PRO B 235 -3.72 -19.26 4.15
N LYS B 236 -4.66 -18.99 5.06
CA LYS B 236 -6.04 -18.62 4.74
C LYS B 236 -6.48 -17.48 5.64
N LEU B 237 -7.20 -16.53 5.05
CA LEU B 237 -7.71 -15.38 5.77
C LEU B 237 -9.17 -15.22 5.36
N LEU B 238 -10.10 -15.33 6.31
CA LEU B 238 -11.55 -15.25 6.11
C LEU B 238 -12.04 -13.93 6.68
N PHE B 239 -12.79 -13.16 5.89
CA PHE B 239 -13.55 -12.03 6.41
C PHE B 239 -15.02 -12.39 6.45
N TRP B 240 -15.70 -12.03 7.57
CA TRP B 240 -17.15 -12.25 7.65
C TRP B 240 -17.84 -11.07 8.30
N GLY B 241 -19.12 -10.92 7.94
CA GLY B 241 -19.94 -9.86 8.52
C GLY B 241 -21.22 -10.39 9.11
N THR B 242 -21.93 -9.48 9.79
CA THR B 242 -23.23 -9.88 10.34
C THR B 242 -24.35 -9.10 9.67
N PRO B 243 -25.43 -9.78 9.23
CA PRO B 243 -25.67 -11.23 9.40
C PRO B 243 -25.03 -12.14 8.40
N GLY B 244 -24.42 -11.54 7.36
CA GLY B 244 -23.84 -12.34 6.31
C GLY B 244 -24.94 -12.82 5.36
N VAL B 245 -24.55 -13.55 4.30
CA VAL B 245 -25.50 -14.15 3.37
C VAL B 245 -25.07 -15.57 3.11
N LEU B 246 -23.92 -15.76 2.49
CA LEU B 246 -23.43 -17.11 2.28
C LEU B 246 -22.66 -17.61 3.48
N ILE B 247 -22.12 -16.71 4.29
CA ILE B 247 -21.26 -17.10 5.42
C ILE B 247 -21.77 -16.37 6.66
N PRO B 248 -22.84 -16.86 7.29
CA PRO B 248 -23.25 -16.32 8.62
C PRO B 248 -22.24 -16.64 9.70
N PRO B 249 -22.37 -16.07 10.90
CA PRO B 249 -21.35 -16.30 11.95
C PRO B 249 -21.10 -17.77 12.27
N ALA B 250 -22.17 -18.57 12.38
CA ALA B 250 -21.99 -19.98 12.72
C ALA B 250 -21.15 -20.70 11.66
N GLU B 251 -21.29 -20.31 10.38
CA GLU B 251 -20.45 -20.92 9.36
C GLU B 251 -19.01 -20.45 9.52
N ALA B 252 -18.82 -19.18 9.86
CA ALA B 252 -17.44 -18.74 10.12
C ALA B 252 -16.80 -19.56 11.23
N ALA B 253 -17.57 -19.89 12.29
CA ALA B 253 -17.00 -20.70 13.36
C ALA B 253 -16.74 -22.14 12.91
N ARG B 254 -17.65 -22.72 12.09
CA ARG B 254 -17.38 -24.06 11.57
C ARG B 254 -16.07 -24.06 10.78
N LEU B 255 -15.84 -23.01 9.97
CA LEU B 255 -14.61 -22.93 9.19
C LEU B 255 -13.38 -22.76 10.07
N ALA B 256 -13.52 -22.05 11.21
CA ALA B 256 -12.39 -21.96 12.13
C ALA B 256 -12.04 -23.34 12.69
N GLU B 257 -13.01 -24.25 12.78
CA GLU B 257 -12.69 -25.62 13.20
C GLU B 257 -12.20 -26.51 12.06
N SER B 258 -12.61 -26.26 10.83
CA SER B 258 -12.32 -27.22 9.76
C SER B 258 -11.16 -26.83 8.86
N LEU B 259 -10.73 -25.54 8.83
CA LEU B 259 -9.70 -25.13 7.87
C LEU B 259 -8.37 -24.89 8.56
N PRO B 260 -7.31 -25.54 8.09
CA PRO B 260 -6.00 -25.33 8.70
C PRO B 260 -5.50 -23.92 8.44
N ASN B 261 -4.66 -23.42 9.37
CA ASN B 261 -3.86 -22.23 9.11
C ASN B 261 -4.73 -21.02 8.75
N LEU B 262 -5.84 -20.84 9.47
CA LEU B 262 -6.85 -19.83 9.12
C LEU B 262 -6.83 -18.71 10.14
N LYS B 263 -6.74 -17.49 9.64
CA LYS B 263 -7.02 -16.29 10.40
C LYS B 263 -8.39 -15.77 9.99
N THR B 264 -9.16 -15.27 10.96
CA THR B 264 -10.52 -14.77 10.69
C THR B 264 -10.64 -13.34 11.21
N VAL B 265 -11.29 -12.48 10.42
CA VAL B 265 -11.56 -11.10 10.77
C VAL B 265 -13.05 -10.82 10.60
N PHE B 266 -13.71 -10.40 11.68
CA PHE B 266 -15.06 -9.89 11.61
C PHE B 266 -15.04 -8.45 11.18
N ILE B 267 -15.89 -8.08 10.21
CA ILE B 267 -15.82 -6.73 9.63
C ILE B 267 -16.94 -5.83 10.11
N GLY B 268 -17.81 -6.31 11.00
CA GLY B 268 -18.97 -5.53 11.39
C GLY B 268 -20.17 -5.87 10.55
N PRO B 269 -21.13 -4.95 10.45
CA PRO B 269 -22.32 -5.20 9.61
C PRO B 269 -21.89 -5.58 8.20
N GLY B 270 -22.56 -6.57 7.68
CA GLY B 270 -22.32 -6.89 6.28
C GLY B 270 -23.26 -7.98 5.86
N LEU B 271 -23.55 -8.00 4.56
CA LEU B 271 -24.43 -8.97 3.96
C LEU B 271 -23.61 -9.79 2.98
N HIS B 272 -23.60 -9.44 1.68
CA HIS B 272 -22.82 -10.24 0.74
C HIS B 272 -21.59 -9.48 0.23
N TYR B 273 -21.79 -8.25 -0.25
CA TYR B 273 -20.70 -7.47 -0.87
C TYR B 273 -19.96 -6.74 0.25
N LEU B 274 -19.24 -7.54 1.06
CA LEU B 274 -18.61 -7.00 2.26
C LEU B 274 -17.64 -5.88 1.93
N GLN B 275 -17.05 -5.92 0.73
CA GLN B 275 -16.12 -4.88 0.30
C GLN B 275 -16.72 -3.49 0.27
N GLU B 276 -18.05 -3.39 0.07
CA GLU B 276 -18.74 -2.11 0.05
C GLU B 276 -19.14 -1.63 1.43
N ASP B 277 -19.09 -2.50 2.43
CA ASP B 277 -19.37 -2.07 3.80
C ASP B 277 -18.11 -1.74 4.60
N ASN B 278 -16.99 -2.47 4.46
CA ASN B 278 -15.77 -2.14 5.23
C ASN B 278 -14.54 -2.45 4.40
N PRO B 279 -14.33 -1.69 3.32
CA PRO B 279 -13.12 -1.93 2.52
C PRO B 279 -11.86 -1.61 3.26
N ASP B 280 -11.84 -0.64 4.16
CA ASP B 280 -10.55 -0.32 4.73
C ASP B 280 -10.08 -1.38 5.70
N LEU B 281 -10.97 -2.04 6.43
CA LEU B 281 -10.51 -3.09 7.32
C LEU B 281 -10.08 -4.31 6.50
N ILE B 282 -10.79 -4.61 5.40
CA ILE B 282 -10.40 -5.75 4.61
C ILE B 282 -9.05 -5.52 3.98
N GLY B 283 -8.86 -4.33 3.38
CA GLY B 283 -7.59 -4.02 2.72
C GLY B 283 -6.44 -3.99 3.73
N SER B 284 -6.66 -3.31 4.88
CA SER B 284 -5.58 -3.21 5.87
C SER B 284 -5.21 -4.57 6.43
N GLU B 285 -6.22 -5.43 6.70
CA GLU B 285 -5.88 -6.76 7.24
C GLU B 285 -5.24 -7.69 6.19
N ILE B 286 -5.63 -7.62 4.92
CA ILE B 286 -4.87 -8.33 3.89
C ILE B 286 -3.42 -7.88 3.94
N ALA B 287 -3.19 -6.55 3.94
CA ALA B 287 -1.81 -6.07 3.87
C ALA B 287 -1.02 -6.51 5.09
N ARG B 288 -1.68 -6.60 6.24
CA ARG B 288 -0.94 -7.04 7.42
C ARG B 288 -0.63 -8.52 7.39
N TRP B 289 -1.49 -9.33 6.75
CA TRP B 289 -1.33 -10.77 6.71
C TRP B 289 -0.33 -11.24 5.65
N LEU B 290 -0.17 -10.47 4.57
CA LEU B 290 0.82 -10.87 3.56
C LEU B 290 2.22 -10.97 4.20
N PRO B 291 3.00 -11.99 3.89
CA PRO B 291 4.27 -12.18 4.63
C PRO B 291 5.28 -11.07 4.35
N GLU C 3 3.03 47.90 18.06
CA GLU C 3 4.12 47.33 18.85
C GLU C 3 4.83 46.17 18.10
N ILE C 4 4.11 45.09 17.79
CA ILE C 4 4.72 44.06 16.95
C ILE C 4 4.89 44.62 15.54
N GLY C 5 6.07 44.42 14.95
CA GLY C 5 6.37 45.03 13.65
C GLY C 5 5.49 44.48 12.53
N THR C 6 5.04 45.38 11.64
CA THR C 6 4.24 44.97 10.49
C THR C 6 5.02 44.99 9.19
N GLY C 7 6.18 45.63 9.18
CA GLY C 7 6.95 45.70 7.95
C GLY C 7 7.71 44.42 7.65
N PHE C 8 8.20 44.37 6.41
CA PHE C 8 8.98 43.23 5.92
C PHE C 8 10.27 43.76 5.29
N PRO C 9 11.27 44.08 6.12
CA PRO C 9 12.46 44.83 5.68
C PRO C 9 13.57 43.92 5.20
N PHE C 10 13.24 43.05 4.25
CA PHE C 10 14.17 42.04 3.75
C PHE C 10 14.23 42.15 2.25
N ASP C 11 15.44 42.31 1.73
CA ASP C 11 15.61 42.32 0.28
C ASP C 11 15.21 40.97 -0.30
N PRO C 12 14.58 40.93 -1.47
CA PRO C 12 14.23 39.63 -2.06
C PRO C 12 15.46 38.93 -2.64
N HIS C 13 15.49 37.60 -2.44
CA HIS C 13 16.43 36.71 -3.10
C HIS C 13 15.64 35.63 -3.81
N TYR C 14 16.17 35.19 -4.95
CA TYR C 14 15.48 34.18 -5.73
C TYR C 14 16.44 33.10 -6.18
N VAL C 15 15.92 31.88 -6.25
CA VAL C 15 16.69 30.75 -6.79
C VAL C 15 15.80 29.93 -7.72
N GLU C 16 16.37 29.48 -8.85
CA GLU C 16 15.65 28.71 -9.83
C GLU C 16 15.73 27.23 -9.50
N VAL C 17 14.60 26.58 -9.31
CA VAL C 17 14.57 25.14 -9.07
C VAL C 17 13.42 24.50 -9.81
N LEU C 18 13.71 23.38 -10.45
CA LEU C 18 12.71 22.55 -11.11
C LEU C 18 11.89 23.36 -12.10
N GLY C 19 12.51 24.45 -12.61
CA GLY C 19 11.91 25.33 -13.59
C GLY C 19 11.04 26.44 -13.04
N SER C 20 11.08 26.69 -11.72
CA SER C 20 10.30 27.73 -11.07
C SER C 20 11.24 28.54 -10.22
N ARG C 21 10.89 29.77 -9.90
CA ARG C 21 11.71 30.58 -9.02
C ARG C 21 11.11 30.47 -7.61
N MET C 22 11.97 30.34 -6.58
CA MET C 22 11.51 30.44 -5.19
C MET C 22 12.17 31.65 -4.55
N HIS C 23 11.37 32.37 -3.75
CA HIS C 23 11.83 33.54 -3.01
C HIS C 23 12.29 33.17 -1.61
N TYR C 24 13.35 33.85 -1.13
CA TYR C 24 13.77 33.62 0.25
C TYR C 24 14.38 34.88 0.81
N VAL C 25 14.22 35.02 2.13
CA VAL C 25 15.00 35.94 2.94
C VAL C 25 16.38 35.33 3.20
N ASP C 26 17.40 36.18 3.11
CA ASP C 26 18.76 35.73 3.43
C ASP C 26 19.50 36.90 4.07
N VAL C 27 19.73 36.81 5.38
CA VAL C 27 20.42 37.87 6.10
C VAL C 27 21.43 37.22 7.05
N GLY C 28 22.22 38.06 7.71
CA GLY C 28 23.18 37.53 8.65
C GLY C 28 24.53 37.31 8.02
N PRO C 29 25.50 36.90 8.83
CA PRO C 29 26.81 36.52 8.28
C PRO C 29 26.70 35.43 7.24
N ARG C 30 27.72 35.38 6.35
CA ARG C 30 27.66 34.51 5.20
C ARG C 30 28.11 33.11 5.46
N ASP C 31 28.76 32.87 6.61
CA ASP C 31 29.23 31.53 6.92
C ASP C 31 28.62 31.07 8.24
N GLY C 32 29.24 30.06 8.86
CA GLY C 32 28.67 29.43 10.04
C GLY C 32 27.51 28.52 9.66
N THR C 33 26.86 27.99 10.68
CA THR C 33 25.68 27.14 10.46
C THR C 33 24.44 28.01 10.21
N PRO C 34 23.77 27.87 9.08
CA PRO C 34 22.60 28.69 8.81
C PRO C 34 21.41 28.17 9.56
N VAL C 35 20.53 29.10 9.87
CA VAL C 35 19.26 28.82 10.55
C VAL C 35 18.19 28.95 9.48
N LEU C 36 17.50 27.84 9.22
CA LEU C 36 16.52 27.72 8.14
C LEU C 36 15.13 27.75 8.76
N PHE C 37 14.33 28.77 8.36
CA PHE C 37 13.01 29.03 8.94
C PHE C 37 11.97 28.53 7.94
N LEU C 38 11.07 27.62 8.38
CA LEU C 38 10.07 27.04 7.49
C LEU C 38 8.65 27.35 7.99
N HIS C 39 7.95 28.20 7.22
CA HIS C 39 6.54 28.50 7.50
C HIS C 39 5.64 27.38 7.00
N GLY C 40 4.34 27.54 7.32
CA GLY C 40 3.32 26.58 6.90
C GLY C 40 2.14 27.26 6.20
N ASN C 41 0.94 26.73 6.48
CA ASN C 41 -0.29 27.21 5.82
C ASN C 41 -0.94 28.28 6.70
N PRO C 42 -1.43 29.40 6.18
CA PRO C 42 -1.37 29.91 4.79
C PRO C 42 -0.38 31.04 4.74
N THR C 43 0.78 30.85 5.37
CA THR C 43 1.70 31.96 5.62
C THR C 43 2.86 31.96 4.62
N SER C 44 3.95 32.60 4.99
CA SER C 44 5.13 32.72 4.15
C SER C 44 6.28 33.11 5.06
N SER C 45 7.38 33.59 4.47
CA SER C 45 8.47 34.07 5.33
C SER C 45 8.08 35.33 6.12
N TYR C 46 6.97 35.98 5.74
CA TYR C 46 6.47 37.09 6.52
C TYR C 46 6.20 36.69 7.98
N LEU C 47 5.81 35.44 8.22
CA LEU C 47 5.56 34.94 9.58
C LEU C 47 6.77 35.09 10.50
N TRP C 48 7.97 35.03 9.91
CA TRP C 48 9.21 35.03 10.67
C TRP C 48 9.81 36.42 10.79
N ARG C 49 9.12 37.46 10.28
CA ARG C 49 9.74 38.78 10.09
C ARG C 49 10.24 39.38 11.39
N ASN C 50 9.58 39.09 12.54
CA ASN C 50 9.95 39.71 13.82
C ASN C 50 10.81 38.80 14.66
N ILE C 51 11.06 37.59 14.18
CA ILE C 51 11.87 36.60 14.85
C ILE C 51 13.29 36.59 14.29
N ILE C 52 13.42 36.64 12.98
CA ILE C 52 14.72 36.66 12.29
C ILE C 52 15.66 37.74 12.86
N PRO C 53 15.23 38.98 13.15
CA PRO C 53 16.17 40.02 13.60
C PRO C 53 16.88 39.68 14.90
N HIS C 54 16.31 38.76 15.70
CA HIS C 54 17.00 38.30 16.93
C HIS C 54 18.14 37.35 16.65
N VAL C 55 18.09 36.66 15.51
CA VAL C 55 18.98 35.58 15.15
C VAL C 55 20.05 36.07 14.18
N ALA C 56 19.68 37.00 13.29
CA ALA C 56 20.59 37.48 12.25
C ALA C 56 21.91 38.04 12.77
N PRO C 57 22.01 38.63 13.96
CA PRO C 57 23.34 39.12 14.38
C PRO C 57 24.36 38.03 14.50
N SER C 58 23.96 36.82 14.84
CA SER C 58 24.91 35.73 15.10
C SER C 58 24.91 34.63 14.05
N HIS C 59 23.83 34.52 13.25
CA HIS C 59 23.75 33.42 12.32
C HIS C 59 23.12 33.88 11.01
N ARG C 60 23.58 33.24 9.95
CA ARG C 60 22.87 33.34 8.70
C ARG C 60 21.42 32.87 8.93
N CYS C 61 20.46 33.65 8.43
CA CYS C 61 19.02 33.32 8.50
C CYS C 61 18.47 33.19 7.09
N ILE C 62 17.90 32.04 6.77
CA ILE C 62 17.35 31.77 5.44
C ILE C 62 15.89 31.41 5.65
N ALA C 63 14.97 32.06 4.93
CA ALA C 63 13.53 31.78 5.14
C ALA C 63 12.88 31.73 3.78
N PRO C 64 12.70 30.55 3.21
CA PRO C 64 12.06 30.44 1.89
C PRO C 64 10.56 30.57 1.97
N ASP C 65 9.98 30.98 0.87
CA ASP C 65 8.53 30.87 0.69
C ASP C 65 8.30 29.55 -0.03
N LEU C 66 7.43 28.72 0.55
CA LEU C 66 7.14 27.44 -0.08
C LEU C 66 6.60 27.67 -1.49
N ILE C 67 6.74 26.65 -2.33
CA ILE C 67 6.23 26.76 -3.71
C ILE C 67 4.73 27.08 -3.69
N GLY C 68 4.33 28.00 -4.56
CA GLY C 68 2.94 28.43 -4.57
C GLY C 68 2.56 29.43 -3.51
N MET C 69 3.51 29.86 -2.67
CA MET C 69 3.24 30.70 -1.54
C MET C 69 4.17 31.89 -1.53
N GLY C 70 3.77 32.91 -0.76
CA GLY C 70 4.58 34.12 -0.60
C GLY C 70 4.92 34.71 -1.97
N LYS C 71 6.22 35.06 -2.15
CA LYS C 71 6.71 35.55 -3.44
C LYS C 71 7.30 34.45 -4.34
N SER C 72 7.08 33.18 -3.98
CA SER C 72 7.56 32.11 -4.86
C SER C 72 6.61 31.90 -6.04
N ASP C 73 7.14 31.28 -7.07
CA ASP C 73 6.33 31.05 -8.28
C ASP C 73 5.17 30.11 -8.01
N LYS C 74 4.30 30.01 -9.02
CA LYS C 74 3.04 29.27 -8.91
C LYS C 74 2.92 28.26 -10.04
N PRO C 75 3.74 27.23 -10.03
CA PRO C 75 3.64 26.20 -11.08
C PRO C 75 2.35 25.40 -10.99
N ASP C 76 2.06 24.69 -12.10
CA ASP C 76 0.78 23.98 -12.15
C ASP C 76 0.91 22.62 -11.47
N LEU C 77 0.87 22.64 -10.16
CA LEU C 77 0.96 21.44 -9.34
C LEU C 77 -0.37 21.12 -8.67
N ASP C 78 -0.49 19.92 -8.17
CA ASP C 78 -1.55 19.67 -7.21
C ASP C 78 -1.25 20.25 -5.84
N TYR C 79 0.02 20.59 -5.56
CA TYR C 79 0.42 21.13 -4.27
C TYR C 79 0.14 20.14 -3.15
N ARG C 80 0.30 18.85 -3.44
CA ARG C 80 0.28 17.86 -2.39
C ARG C 80 1.55 17.96 -1.55
N PHE C 81 1.55 17.26 -0.39
CA PHE C 81 2.73 17.35 0.47
C PHE C 81 4.00 16.96 -0.29
N ASP C 82 3.92 15.91 -1.07
CA ASP C 82 5.14 15.49 -1.82
C ASP C 82 5.64 16.55 -2.79
N ASP C 83 4.76 17.37 -3.37
CA ASP C 83 5.25 18.51 -4.18
C ASP C 83 6.08 19.46 -3.32
N HIS C 84 5.56 19.79 -2.13
CA HIS C 84 6.31 20.69 -1.26
C HIS C 84 7.65 20.07 -0.83
N VAL C 85 7.64 18.76 -0.56
CA VAL C 85 8.88 18.06 -0.24
C VAL C 85 9.89 18.21 -1.37
N ARG C 86 9.43 17.98 -2.59
CA ARG C 86 10.34 18.05 -3.74
C ARG C 86 10.93 19.44 -3.92
N TYR C 87 10.10 20.47 -3.84
CA TYR C 87 10.60 21.83 -4.07
C TYR C 87 11.48 22.32 -2.91
N LEU C 88 11.10 22.01 -1.65
CA LEU C 88 12.00 22.39 -0.57
C LEU C 88 13.33 21.62 -0.63
N ASP C 89 13.30 20.33 -0.97
CA ASP C 89 14.57 19.59 -1.13
C ASP C 89 15.45 20.30 -2.17
N ALA C 90 14.83 20.70 -3.28
CA ALA C 90 15.56 21.36 -4.36
C ALA C 90 16.10 22.72 -3.92
N PHE C 91 15.33 23.43 -3.09
CA PHE C 91 15.75 24.74 -2.58
C PHE C 91 16.98 24.58 -1.70
N ILE C 92 16.90 23.66 -0.73
CA ILE C 92 18.03 23.42 0.16
C ILE C 92 19.27 23.03 -0.66
N GLU C 93 19.07 22.12 -1.64
CA GLU C 93 20.16 21.71 -2.54
C GLU C 93 20.73 22.92 -3.30
N ALA C 94 19.86 23.81 -3.77
CA ALA C 94 20.34 24.94 -4.59
C ALA C 94 21.17 25.92 -3.78
N LEU C 95 20.82 26.12 -2.51
N LEU C 95 20.84 26.10 -2.52
CA LEU C 95 21.56 26.98 -1.63
CA LEU C 95 21.58 26.97 -1.64
C LEU C 95 22.83 26.31 -1.12
C LEU C 95 22.82 26.30 -1.07
N GLY C 96 23.01 25.02 -1.39
CA GLY C 96 24.25 24.37 -1.02
C GLY C 96 24.34 24.15 0.45
N LEU C 97 23.21 24.04 1.13
CA LEU C 97 23.31 23.94 2.57
C LEU C 97 23.90 22.58 2.91
N GLU C 98 24.77 22.57 3.94
CA GLU C 98 25.36 21.34 4.44
C GLU C 98 24.70 21.09 5.77
N GLU C 99 25.20 21.64 6.86
CA GLU C 99 24.57 21.52 8.17
C GLU C 99 23.61 22.69 8.34
N VAL C 100 22.57 22.50 9.17
CA VAL C 100 21.60 23.57 9.40
C VAL C 100 21.02 23.43 10.79
N VAL C 101 20.49 24.54 11.30
CA VAL C 101 19.55 24.54 12.43
C VAL C 101 18.17 24.83 11.85
N LEU C 102 17.19 24.02 12.17
CA LEU C 102 15.81 24.20 11.63
C LEU C 102 14.95 24.98 12.61
N VAL C 103 14.12 25.90 12.11
CA VAL C 103 13.14 26.61 12.95
C VAL C 103 11.83 26.47 12.21
N ILE C 104 10.87 25.75 12.77
CA ILE C 104 9.79 25.23 11.91
C ILE C 104 8.42 25.32 12.59
N HIS C 105 7.36 25.31 11.78
CA HIS C 105 5.99 25.53 12.24
C HIS C 105 5.01 24.88 11.30
N ASP C 106 3.91 24.29 11.85
CA ASP C 106 2.80 23.86 10.98
C ASP C 106 3.34 22.97 9.83
N TRP C 107 2.89 23.19 8.57
CA TRP C 107 3.40 22.32 7.50
C TRP C 107 4.91 22.45 7.28
N GLY C 108 5.49 23.59 7.67
CA GLY C 108 6.95 23.74 7.65
C GLY C 108 7.60 22.79 8.62
N SER C 109 6.87 22.40 9.70
CA SER C 109 7.43 21.39 10.58
C SER C 109 7.34 19.99 10.00
N ALA C 110 6.22 19.63 9.33
CA ALA C 110 6.23 18.32 8.66
C ALA C 110 7.38 18.26 7.62
N LEU C 111 7.56 19.34 6.83
CA LEU C 111 8.66 19.37 5.86
C LEU C 111 10.03 19.31 6.58
N GLY C 112 10.20 20.08 7.67
CA GLY C 112 11.51 20.15 8.33
C GLY C 112 11.84 18.84 9.04
N PHE C 113 10.88 18.28 9.78
CA PHE C 113 11.17 17.00 10.44
C PHE C 113 11.36 15.87 9.43
N HIS C 114 10.60 15.86 8.32
CA HIS C 114 10.84 14.82 7.31
C HIS C 114 12.23 14.95 6.67
N TRP C 115 12.70 16.18 6.45
CA TRP C 115 14.03 16.36 5.85
C TRP C 115 15.08 16.01 6.90
N ALA C 116 14.87 16.42 8.15
CA ALA C 116 15.78 16.05 9.22
C ALA C 116 15.94 14.54 9.35
N LYS C 117 14.84 13.80 9.35
CA LYS C 117 14.93 12.35 9.49
C LYS C 117 15.75 11.74 8.36
N ARG C 118 15.62 12.31 7.14
CA ARG C 118 16.40 11.84 6.01
C ARG C 118 17.83 12.37 5.99
N ASN C 119 18.15 13.43 6.76
CA ASN C 119 19.49 14.06 6.76
C ASN C 119 20.01 14.26 8.18
N PRO C 120 20.04 13.19 9.00
CA PRO C 120 20.22 13.43 10.44
C PRO C 120 21.57 13.98 10.83
N GLU C 121 22.60 13.68 10.07
CA GLU C 121 23.86 14.28 10.46
C GLU C 121 23.97 15.72 10.04
N ARG C 122 23.03 16.21 9.23
CA ARG C 122 23.10 17.60 8.79
C ARG C 122 22.36 18.55 9.72
N VAL C 123 21.55 18.03 10.63
CA VAL C 123 20.74 18.87 11.48
C VAL C 123 21.44 19.04 12.82
N LYS C 124 21.76 20.30 13.15
N LYS C 124 21.77 20.30 13.15
CA LYS C 124 22.46 20.64 14.39
CA LYS C 124 22.47 20.63 14.41
C LYS C 124 21.51 20.88 15.55
C LYS C 124 21.52 20.99 15.54
N GLY C 125 20.25 21.19 15.24
CA GLY C 125 19.26 21.50 16.26
C GLY C 125 17.96 21.77 15.53
N ILE C 126 16.83 21.58 16.24
CA ILE C 126 15.51 21.88 15.69
C ILE C 126 14.73 22.68 16.73
N ALA C 127 14.31 23.91 16.37
CA ALA C 127 13.34 24.65 17.17
C ALA C 127 12.00 24.55 16.46
N PHE C 128 10.96 24.28 17.24
CA PHE C 128 9.66 24.02 16.63
C PHE C 128 8.53 24.47 17.55
N MET C 129 7.34 24.64 16.95
CA MET C 129 6.21 25.18 17.69
C MET C 129 4.99 24.86 16.85
N GLU C 130 3.90 24.50 17.53
CA GLU C 130 2.61 24.28 16.88
C GLU C 130 2.81 23.45 15.59
N PHE C 131 3.36 22.25 15.80
CA PHE C 131 3.89 21.42 14.72
C PHE C 131 2.95 20.27 14.47
N ILE C 132 3.16 19.60 13.34
CA ILE C 132 2.23 18.58 12.89
C ILE C 132 2.65 17.24 13.47
N ARG C 133 1.71 16.60 14.18
CA ARG C 133 1.87 15.28 14.76
C ARG C 133 0.62 14.50 14.38
N PRO C 134 0.64 13.16 14.49
CA PRO C 134 -0.58 12.39 14.18
C PRO C 134 -1.68 12.75 15.17
N ILE C 135 -2.86 13.08 14.65
CA ILE C 135 -3.99 13.43 15.49
C ILE C 135 -4.88 12.19 15.59
N PRO C 136 -4.99 11.55 16.79
CA PRO C 136 -5.64 10.23 16.81
C PRO C 136 -7.10 10.31 16.37
N THR C 137 -7.87 11.26 16.86
CA THR C 137 -9.25 11.39 16.36
C THR C 137 -9.63 12.86 16.28
N TRP C 138 -10.78 13.13 15.63
CA TRP C 138 -11.30 14.49 15.66
C TRP C 138 -11.49 15.05 17.07
N ASP C 139 -11.67 14.20 18.09
CA ASP C 139 -11.80 14.72 19.45
C ASP C 139 -10.53 15.42 19.98
N GLU C 140 -9.34 15.12 19.43
CA GLU C 140 -8.12 15.85 19.81
C GLU C 140 -7.87 17.11 18.98
N TRP C 141 -8.72 17.44 18.00
CA TRP C 141 -8.69 18.75 17.37
C TRP C 141 -9.47 19.72 18.25
N PRO C 142 -9.02 20.97 18.44
CA PRO C 142 -9.78 21.88 19.33
C PRO C 142 -11.24 22.09 18.92
N GLU C 143 -12.16 21.94 19.88
CA GLU C 143 -13.58 22.08 19.58
C GLU C 143 -13.88 23.35 18.77
N PHE C 144 -13.26 24.48 19.15
CA PHE C 144 -13.65 25.76 18.54
C PHE C 144 -13.27 25.88 17.06
N ALA C 145 -12.42 24.99 16.52
CA ALA C 145 -12.01 25.00 15.13
C ALA C 145 -12.42 23.72 14.38
N ARG C 146 -13.08 22.79 15.08
CA ARG C 146 -13.30 21.44 14.54
C ARG C 146 -14.25 21.48 13.34
N GLU C 147 -15.37 22.18 13.47
CA GLU C 147 -16.34 22.30 12.38
C GLU C 147 -15.66 22.82 11.11
N LEU C 148 -14.79 23.83 11.27
CA LEU C 148 -14.19 24.40 10.06
C LEU C 148 -13.26 23.40 9.39
N PHE C 149 -12.39 22.75 10.18
CA PHE C 149 -11.44 21.86 9.54
C PHE C 149 -12.12 20.61 9.01
N GLN C 150 -13.25 20.19 9.66
CA GLN C 150 -14.02 19.10 9.07
C GLN C 150 -14.64 19.54 7.73
N ALA C 151 -15.09 20.79 7.63
CA ALA C 151 -15.65 21.29 6.40
C ALA C 151 -14.57 21.41 5.32
N PHE C 152 -13.35 21.78 5.73
CA PHE C 152 -12.28 21.92 4.74
C PHE C 152 -12.02 20.61 4.03
N ARG C 153 -12.20 19.51 4.76
CA ARG C 153 -11.97 18.15 4.31
C ARG C 153 -13.22 17.46 3.79
N THR C 154 -14.28 18.23 3.57
CA THR C 154 -15.55 17.71 3.02
C THR C 154 -15.61 18.03 1.55
N PRO C 155 -15.95 17.06 0.67
CA PRO C 155 -16.05 17.36 -0.76
C PRO C 155 -16.94 18.57 -1.06
N ASP C 156 -16.47 19.36 -2.02
CA ASP C 156 -17.09 20.57 -2.55
C ASP C 156 -17.11 21.66 -1.50
N VAL C 157 -17.62 21.37 -0.30
CA VAL C 157 -17.71 22.39 0.76
C VAL C 157 -16.35 23.02 1.03
N GLY C 158 -15.34 22.17 1.17
CA GLY C 158 -14.01 22.69 1.55
C GLY C 158 -13.43 23.61 0.49
N ARG C 159 -13.60 23.26 -0.78
CA ARG C 159 -13.15 24.15 -1.84
C ARG C 159 -13.95 25.43 -1.89
N GLU C 160 -15.28 25.36 -1.69
CA GLU C 160 -16.03 26.59 -1.58
C GLU C 160 -15.47 27.53 -0.50
N LEU C 161 -15.26 27.02 0.72
CA LEU C 161 -14.73 27.84 1.80
C LEU C 161 -13.35 28.40 1.46
N ILE C 162 -12.43 27.53 1.11
CA ILE C 162 -11.01 27.94 1.01
C ILE C 162 -10.71 28.64 -0.32
N ILE C 163 -11.24 28.14 -1.46
CA ILE C 163 -10.95 28.75 -2.76
C ILE C 163 -11.87 29.95 -3.01
N ASP C 164 -13.20 29.74 -2.91
CA ASP C 164 -14.13 30.82 -3.28
C ASP C 164 -14.16 31.94 -2.26
N TYR C 165 -14.17 31.60 -0.96
CA TYR C 165 -14.30 32.60 0.11
C TYR C 165 -12.99 32.90 0.80
N ASN C 166 -11.91 32.26 0.37
CA ASN C 166 -10.58 32.53 0.96
C ASN C 166 -10.55 32.38 2.48
N ALA C 167 -11.27 31.36 3.01
CA ALA C 167 -11.45 31.22 4.44
C ALA C 167 -10.14 30.97 5.17
N PHE C 168 -9.12 30.37 4.53
CA PHE C 168 -7.89 30.12 5.32
C PHE C 168 -7.17 31.42 5.69
N ILE C 169 -7.24 32.41 4.83
CA ILE C 169 -6.68 33.73 5.06
C ILE C 169 -7.61 34.58 5.92
N GLU C 170 -8.88 34.69 5.52
CA GLU C 170 -9.81 35.61 6.16
C GLU C 170 -10.42 35.10 7.47
N ILE C 171 -10.48 33.80 7.71
CA ILE C 171 -10.99 33.25 8.97
C ILE C 171 -9.89 32.65 9.80
N ILE C 172 -9.18 31.65 9.26
CA ILE C 172 -8.30 30.84 10.12
C ILE C 172 -7.16 31.68 10.66
N LEU C 173 -6.51 32.43 9.81
CA LEU C 173 -5.34 33.17 10.29
C LEU C 173 -5.68 34.08 11.50
N PRO C 174 -6.68 34.97 11.45
CA PRO C 174 -6.99 35.79 12.63
C PRO C 174 -7.62 34.98 13.75
N LYS C 175 -8.29 33.85 13.43
CA LYS C 175 -8.85 33.02 14.49
C LYS C 175 -7.76 32.42 15.36
N PHE C 176 -6.62 32.14 14.75
CA PHE C 176 -5.54 31.43 15.39
C PHE C 176 -4.38 32.32 15.86
N VAL C 177 -4.62 33.62 16.03
CA VAL C 177 -3.76 34.57 16.73
C VAL C 177 -4.61 35.13 17.89
N VAL C 178 -4.02 35.24 19.07
CA VAL C 178 -4.82 35.76 20.20
C VAL C 178 -5.02 37.27 20.06
N ARG C 179 -3.94 38.01 19.87
CA ARG C 179 -4.04 39.46 19.68
C ARG C 179 -4.64 39.74 18.29
N PRO C 180 -5.20 40.94 18.09
CA PRO C 180 -5.81 41.23 16.78
C PRO C 180 -4.77 41.54 15.72
N LEU C 181 -4.86 40.88 14.57
CA LEU C 181 -3.99 41.21 13.43
C LEU C 181 -4.40 42.55 12.85
N THR C 182 -3.41 43.36 12.44
CA THR C 182 -3.75 44.62 11.81
C THR C 182 -4.09 44.43 10.33
N GLU C 183 -4.72 45.46 9.76
CA GLU C 183 -4.98 45.49 8.31
C GLU C 183 -3.68 45.36 7.51
N GLU C 184 -2.62 46.04 7.94
CA GLU C 184 -1.35 45.95 7.23
C GLU C 184 -0.83 44.52 7.22
N GLU C 185 -0.89 43.83 8.37
CA GLU C 185 -0.47 42.44 8.43
C GLU C 185 -1.35 41.57 7.54
N MET C 186 -2.69 41.71 7.64
CA MET C 186 -3.57 40.93 6.78
C MET C 186 -3.24 41.15 5.32
N ASP C 187 -2.93 42.38 4.93
CA ASP C 187 -2.67 42.64 3.51
C ASP C 187 -1.40 41.93 3.07
N HIS C 188 -0.35 41.90 3.95
CA HIS C 188 0.81 41.10 3.56
C HIS C 188 0.43 39.64 3.36
N TYR C 189 -0.41 39.10 4.25
CA TYR C 189 -0.78 37.67 4.12
C TYR C 189 -1.70 37.42 2.92
N ARG C 190 -2.50 38.42 2.55
CA ARG C 190 -3.42 38.30 1.41
C ARG C 190 -2.68 38.35 0.07
N GLU C 191 -1.54 39.02 -0.01
CA GLU C 191 -0.95 39.34 -1.30
C GLU C 191 -0.81 38.14 -2.23
N PRO C 192 -0.37 36.96 -1.78
CA PRO C 192 -0.13 35.86 -2.72
C PRO C 192 -1.40 35.17 -3.21
N PHE C 193 -2.58 35.52 -2.67
CA PHE C 193 -3.79 34.74 -2.89
C PHE C 193 -4.94 35.64 -3.30
N LEU C 194 -4.63 36.82 -3.84
CA LEU C 194 -5.69 37.76 -4.20
C LEU C 194 -6.64 37.21 -5.27
N LYS C 195 -6.16 36.39 -6.13
CA LYS C 195 -7.00 35.76 -7.17
C LYS C 195 -7.28 34.29 -6.84
N PRO C 196 -8.45 33.78 -7.15
CA PRO C 196 -8.79 32.45 -6.66
C PRO C 196 -7.96 31.34 -7.27
N GLU C 197 -7.45 31.49 -8.51
CA GLU C 197 -6.63 30.46 -9.14
C GLU C 197 -5.32 30.21 -8.43
N TRP C 198 -5.00 31.07 -7.44
CA TRP C 198 -3.78 30.92 -6.68
C TRP C 198 -3.99 30.17 -5.37
N ARG C 199 -5.20 29.73 -5.09
CA ARG C 199 -5.46 29.28 -3.72
C ARG C 199 -5.39 27.77 -3.55
N GLU C 200 -5.04 26.99 -4.59
CA GLU C 200 -5.01 25.54 -4.41
C GLU C 200 -4.15 25.06 -3.22
N PRO C 201 -2.94 25.59 -3.00
CA PRO C 201 -2.15 25.12 -1.86
C PRO C 201 -2.86 25.21 -0.55
N LEU C 202 -3.70 26.26 -0.41
CA LEU C 202 -4.38 26.51 0.85
C LEU C 202 -5.44 25.45 1.15
N TRP C 203 -6.04 24.86 0.11
CA TRP C 203 -7.02 23.80 0.28
C TRP C 203 -6.35 22.44 0.39
N ARG C 204 -5.24 22.23 -0.32
CA ARG C 204 -4.68 20.90 -0.26
C ARG C 204 -4.07 20.63 1.12
N PHE C 205 -3.48 21.65 1.75
CA PHE C 205 -2.84 21.42 3.05
C PHE C 205 -3.77 20.83 4.09
N PRO C 206 -4.98 21.38 4.37
CA PRO C 206 -5.80 20.75 5.43
C PRO C 206 -6.30 19.37 5.01
N ASN C 207 -6.36 19.08 3.73
CA ASN C 207 -6.69 17.75 3.26
C ASN C 207 -5.54 16.79 3.39
N GLU C 208 -4.34 17.30 3.79
CA GLU C 208 -3.24 16.40 4.06
C GLU C 208 -3.03 16.13 5.53
N LEU C 209 -3.74 16.84 6.43
CA LEU C 209 -3.47 16.71 7.85
C LEU C 209 -3.67 15.25 8.27
N PRO C 210 -2.78 14.71 9.11
CA PRO C 210 -2.89 13.29 9.49
C PRO C 210 -3.84 13.10 10.67
N ILE C 211 -5.09 12.71 10.38
CA ILE C 211 -6.16 12.63 11.37
C ILE C 211 -6.75 11.22 11.28
N ASN C 212 -6.69 10.49 12.41
CA ASN C 212 -7.28 9.15 12.51
C ASN C 212 -6.88 8.27 11.33
N GLY C 213 -5.60 8.29 10.98
CA GLY C 213 -5.09 7.42 9.94
C GLY C 213 -5.19 7.95 8.54
N GLU C 214 -5.72 9.15 8.36
CA GLU C 214 -6.04 9.58 7.02
C GLU C 214 -5.54 10.99 6.74
N PRO C 215 -4.93 11.25 5.59
CA PRO C 215 -4.51 10.30 4.53
C PRO C 215 -3.39 9.37 5.00
N ALA C 216 -3.42 8.12 4.51
CA ALA C 216 -2.58 7.07 5.05
C ALA C 216 -1.10 7.37 4.84
N ASP C 217 -0.74 7.93 3.68
CA ASP C 217 0.67 8.17 3.38
C ASP C 217 1.24 9.26 4.30
N ILE C 218 0.50 10.35 4.53
CA ILE C 218 0.98 11.38 5.45
C ILE C 218 1.01 10.86 6.87
N TRP C 219 -0.02 10.11 7.28
CA TRP C 219 -0.02 9.49 8.59
C TRP C 219 1.26 8.70 8.81
N ALA C 220 1.63 7.85 7.83
CA ALA C 220 2.84 7.02 7.98
C ALA C 220 4.10 7.88 8.02
N LEU C 221 4.14 8.92 7.20
CA LEU C 221 5.33 9.77 7.13
C LEU C 221 5.53 10.54 8.43
N VAL C 222 4.42 11.01 9.02
CA VAL C 222 4.55 11.81 10.22
C VAL C 222 4.86 10.90 11.40
N GLU C 223 4.22 9.72 11.46
CA GLU C 223 4.58 8.76 12.52
C GLU C 223 6.07 8.42 12.45
N ALA C 224 6.61 8.26 11.23
CA ALA C 224 8.02 7.95 11.08
C ALA C 224 8.90 9.07 11.64
N TYR C 225 8.59 10.32 11.26
CA TYR C 225 9.51 11.34 11.82
C TYR C 225 9.31 11.59 13.31
N MET C 226 8.12 11.33 13.85
CA MET C 226 7.98 11.38 15.30
C MET C 226 8.77 10.27 15.99
N ASN C 227 8.85 9.10 15.37
CA ASN C 227 9.66 8.04 15.99
C ASN C 227 11.14 8.41 15.97
N TRP C 228 11.58 9.03 14.85
CA TRP C 228 12.96 9.50 14.76
C TRP C 228 13.24 10.54 15.85
N LEU C 229 12.32 11.49 16.03
CA LEU C 229 12.50 12.54 17.01
C LEU C 229 12.61 11.96 18.41
N HIS C 230 11.84 10.90 18.68
CA HIS C 230 11.91 10.28 20.00
C HIS C 230 13.23 9.55 20.22
N GLN C 231 13.85 9.04 19.17
CA GLN C 231 15.09 8.32 19.39
C GLN C 231 16.32 9.20 19.28
N SER C 232 16.20 10.36 18.58
CA SER C 232 17.40 11.07 18.14
C SER C 232 17.92 11.96 19.26
N PRO C 233 19.24 12.03 19.44
CA PRO C 233 19.82 12.96 20.44
C PRO C 233 19.92 14.40 19.97
N VAL C 234 19.42 14.72 18.77
CA VAL C 234 19.51 16.09 18.26
C VAL C 234 19.00 17.13 19.28
N PRO C 235 19.69 18.25 19.49
CA PRO C 235 19.12 19.30 20.34
C PRO C 235 17.78 19.81 19.84
N LYS C 236 16.81 19.99 20.78
CA LYS C 236 15.42 20.36 20.41
C LYS C 236 14.98 21.53 21.29
N LEU C 237 14.19 22.44 20.72
CA LEU C 237 13.63 23.57 21.45
C LEU C 237 12.17 23.69 21.05
N LEU C 238 11.25 23.53 21.98
CA LEU C 238 9.81 23.63 21.76
C LEU C 238 9.29 24.92 22.37
N PHE C 239 8.52 25.65 21.61
CA PHE C 239 7.71 26.75 22.13
C PHE C 239 6.27 26.37 22.14
N TRP C 240 5.55 26.69 23.23
CA TRP C 240 4.11 26.42 23.27
C TRP C 240 3.38 27.58 23.93
N GLY C 241 2.11 27.73 23.58
CA GLY C 241 1.29 28.75 24.18
C GLY C 241 0.01 28.17 24.74
N THR C 242 -0.75 29.06 25.51
CA THR C 242 -2.04 28.56 25.96
C THR C 242 -3.20 29.33 25.32
N PRO C 243 -4.24 28.62 24.88
CA PRO C 243 -4.41 27.16 24.98
C PRO C 243 -3.76 26.30 23.97
N GLY C 244 -3.12 26.92 22.99
CA GLY C 244 -2.58 26.16 21.90
C GLY C 244 -3.67 25.68 20.95
N VAL C 245 -3.22 25.01 19.90
CA VAL C 245 -4.12 24.40 18.93
C VAL C 245 -3.62 22.99 18.70
N LEU C 246 -2.45 22.82 18.05
CA LEU C 246 -1.92 21.47 17.84
C LEU C 246 -1.18 20.98 19.07
N ILE C 247 -0.63 21.89 19.88
CA ILE C 247 0.20 21.56 21.04
C ILE C 247 -0.35 22.24 22.29
N PRO C 248 -1.42 21.72 22.87
CA PRO C 248 -1.88 22.20 24.17
C PRO C 248 -0.87 21.87 25.27
N PRO C 249 -1.02 22.45 26.44
CA PRO C 249 -0.07 22.20 27.54
C PRO C 249 0.21 20.72 27.86
N ALA C 250 -0.83 19.88 27.94
CA ALA C 250 -0.59 18.49 28.30
C ALA C 250 0.28 17.82 27.26
N GLU C 251 0.17 18.26 25.99
CA GLU C 251 1.05 17.70 24.95
C GLU C 251 2.47 18.18 25.10
N ALA C 252 2.69 19.45 25.47
CA ALA C 252 4.05 19.88 25.76
C ALA C 252 4.67 19.04 26.87
N ALA C 253 3.88 18.70 27.91
CA ALA C 253 4.43 17.85 28.96
C ALA C 253 4.76 16.43 28.47
N ARG C 254 3.89 15.85 27.63
CA ARG C 254 4.20 14.53 27.07
C ARG C 254 5.50 14.59 26.25
N LEU C 255 5.66 15.63 25.46
CA LEU C 255 6.93 15.73 24.70
C LEU C 255 8.14 15.91 25.61
N ALA C 256 8.00 16.62 26.74
CA ALA C 256 9.13 16.68 27.66
C ALA C 256 9.53 15.30 28.16
N GLU C 257 8.58 14.38 28.27
CA GLU C 257 8.93 13.00 28.65
C GLU C 257 9.46 12.15 27.48
N SER C 258 9.06 12.44 26.25
CA SER C 258 9.34 11.51 25.15
C SER C 258 10.49 11.96 24.27
N LEU C 259 10.90 13.22 24.32
CA LEU C 259 11.92 13.69 23.40
C LEU C 259 13.24 13.94 24.11
N PRO C 260 14.33 13.35 23.63
CA PRO C 260 15.64 13.61 24.21
C PRO C 260 16.08 15.03 23.98
N ASN C 261 16.83 15.55 24.95
CA ASN C 261 17.56 16.80 24.79
C ASN C 261 16.65 17.95 24.38
N LEU C 262 15.50 18.08 25.08
CA LEU C 262 14.47 19.07 24.76
C LEU C 262 14.53 20.21 25.74
N LYS C 263 14.62 21.44 25.25
CA LYS C 263 14.36 22.63 26.06
C LYS C 263 13.00 23.15 25.66
N THR C 264 12.21 23.58 26.63
CA THR C 264 10.86 24.07 26.36
C THR C 264 10.67 25.47 26.91
N VAL C 265 9.96 26.32 26.11
CA VAL C 265 9.68 27.70 26.46
C VAL C 265 8.20 27.96 26.28
N PHE C 266 7.53 28.32 27.38
CA PHE C 266 6.17 28.83 27.34
C PHE C 266 6.12 30.29 26.93
N ILE C 267 5.27 30.62 25.93
CA ILE C 267 5.30 31.98 25.38
C ILE C 267 4.12 32.83 25.82
N GLY C 268 3.24 32.34 26.70
CA GLY C 268 2.09 33.12 27.06
C GLY C 268 0.87 32.70 26.26
N PRO C 269 -0.13 33.57 26.21
CA PRO C 269 -1.30 33.28 25.35
C PRO C 269 -0.87 32.93 23.94
N GLY C 270 -1.45 31.88 23.39
CA GLY C 270 -1.19 31.60 21.99
C GLY C 270 -2.11 30.52 21.51
N LEU C 271 -2.42 30.52 20.20
CA LEU C 271 -3.27 29.52 19.60
C LEU C 271 -2.42 28.74 18.61
N HIS C 272 -2.40 29.11 17.33
CA HIS C 272 -1.55 28.38 16.38
C HIS C 272 -0.39 29.21 15.83
N TYR C 273 -0.63 30.47 15.41
CA TYR C 273 0.45 31.31 14.85
C TYR C 273 1.13 32.07 15.98
N LEU C 274 1.88 31.28 16.78
CA LEU C 274 2.50 31.83 17.99
C LEU C 274 3.46 32.95 17.68
N GLN C 275 4.07 32.94 16.48
CA GLN C 275 4.98 34.00 16.10
C GLN C 275 4.31 35.37 16.10
N GLU C 276 2.97 35.40 15.92
CA GLU C 276 2.28 36.67 15.87
C GLU C 276 1.86 37.13 17.26
N ASP C 277 1.90 36.23 18.23
CA ASP C 277 1.61 36.65 19.60
C ASP C 277 2.84 37.02 20.42
N ASN C 278 3.97 36.31 20.29
CA ASN C 278 5.16 36.63 21.08
C ASN C 278 6.42 36.40 20.27
N PRO C 279 6.61 37.19 19.21
CA PRO C 279 7.81 37.02 18.40
C PRO C 279 9.07 37.34 19.14
N ASP C 280 9.03 38.31 20.06
CA ASP C 280 10.30 38.71 20.67
C ASP C 280 10.83 37.63 21.60
N LEU C 281 9.94 36.93 22.31
CA LEU C 281 10.41 35.84 23.18
C LEU C 281 10.87 34.65 22.36
N ILE C 282 10.17 34.34 21.27
CA ILE C 282 10.63 33.24 20.43
C ILE C 282 12.01 33.57 19.84
N GLY C 283 12.19 34.78 19.27
CA GLY C 283 13.47 35.12 18.67
C GLY C 283 14.58 35.17 19.70
N SER C 284 14.31 35.80 20.84
N SER C 284 14.32 35.82 20.85
CA SER C 284 15.38 35.92 21.81
CA SER C 284 15.35 35.93 21.88
C SER C 284 15.77 34.55 22.38
C SER C 284 15.77 34.55 22.38
N GLU C 285 14.80 33.68 22.63
CA GLU C 285 15.13 32.37 23.14
C GLU C 285 15.84 31.52 22.10
N ILE C 286 15.50 31.63 20.78
CA ILE C 286 16.30 30.90 19.81
C ILE C 286 17.73 31.38 19.84
N ALA C 287 17.92 32.70 19.85
CA ALA C 287 19.27 33.28 19.87
C ALA C 287 20.07 32.83 21.09
N ARG C 288 19.40 32.71 22.24
CA ARG C 288 20.11 32.30 23.44
C ARG C 288 20.45 30.82 23.43
N TRP C 289 19.68 30.02 22.68
CA TRP C 289 19.85 28.57 22.60
C TRP C 289 20.93 28.17 21.62
N LEU C 290 21.07 28.95 20.57
CA LEU C 290 22.02 28.58 19.53
C LEU C 290 23.47 28.41 19.97
N PRO C 291 24.02 29.25 20.84
CA PRO C 291 25.47 29.15 21.11
C PRO C 291 25.91 27.74 21.48
N ALA C 292 25.17 27.07 22.36
CA ALA C 292 25.47 25.71 22.79
C ALA C 292 25.50 24.69 21.65
N LEU C 293 24.96 25.01 20.47
CA LEU C 293 24.93 24.04 19.38
C LEU C 293 26.24 23.94 18.61
N HIS C 294 27.21 24.83 18.82
CA HIS C 294 28.44 24.70 18.03
C HIS C 294 29.34 23.58 18.56
N SER D 2 -36.07 10.17 21.98
CA SER D 2 -35.64 10.31 23.38
C SER D 2 -34.23 9.75 23.61
N GLU D 3 -33.49 10.37 24.52
CA GLU D 3 -32.25 9.79 24.96
C GLU D 3 -32.51 8.54 25.81
N ILE D 4 -31.45 7.77 26.02
CA ILE D 4 -31.52 6.63 26.93
C ILE D 4 -31.93 7.11 28.32
N GLY D 5 -32.91 6.43 28.92
CA GLY D 5 -33.45 6.93 30.18
C GLY D 5 -32.50 6.79 31.37
N THR D 6 -32.48 7.80 32.22
CA THR D 6 -31.64 7.79 33.41
C THR D 6 -32.42 7.52 34.67
N GLY D 7 -33.76 7.59 34.60
CA GLY D 7 -34.55 7.42 35.81
C GLY D 7 -34.70 5.96 36.19
N PHE D 8 -35.18 5.73 37.42
CA PHE D 8 -35.37 4.38 37.92
C PHE D 8 -36.79 4.34 38.51
N PRO D 9 -37.82 4.24 37.64
CA PRO D 9 -39.23 4.41 38.07
C PRO D 9 -39.82 3.09 38.59
N PHE D 10 -39.16 2.50 39.58
CA PHE D 10 -39.60 1.22 40.14
C PHE D 10 -39.70 1.36 41.64
N ASP D 11 -40.86 1.07 42.16
CA ASP D 11 -41.04 1.07 43.61
C ASP D 11 -40.21 -0.04 44.25
N PRO D 12 -39.64 0.22 45.44
CA PRO D 12 -38.78 -0.78 46.08
C PRO D 12 -39.60 -1.93 46.65
N HIS D 13 -39.07 -3.15 46.51
CA HIS D 13 -39.55 -4.31 47.24
C HIS D 13 -38.39 -4.96 47.98
N TYR D 14 -38.69 -5.51 49.17
CA TYR D 14 -37.67 -6.17 49.95
C TYR D 14 -38.14 -7.53 50.42
N VAL D 15 -37.19 -8.43 50.52
N VAL D 15 -37.18 -8.44 50.54
CA VAL D 15 -37.43 -9.74 51.12
CA VAL D 15 -37.42 -9.74 51.14
C VAL D 15 -36.29 -10.03 52.11
C VAL D 15 -36.29 -10.02 52.13
N GLU D 16 -36.64 -10.61 53.27
CA GLU D 16 -35.61 -11.04 54.22
C GLU D 16 -35.03 -12.40 53.82
N VAL D 17 -33.70 -12.48 53.80
CA VAL D 17 -32.94 -13.56 53.23
C VAL D 17 -31.77 -13.73 54.21
N LEU D 18 -31.71 -14.87 54.94
CA LEU D 18 -30.54 -15.20 55.77
C LEU D 18 -30.21 -14.09 56.76
N GLY D 19 -31.22 -13.41 57.29
CA GLY D 19 -31.00 -12.32 58.21
C GLY D 19 -30.77 -10.93 57.60
N SER D 20 -30.68 -10.79 56.27
CA SER D 20 -30.49 -9.51 55.60
C SER D 20 -31.67 -9.21 54.68
N ARG D 21 -31.84 -7.96 54.32
CA ARG D 21 -32.86 -7.57 53.36
C ARG D 21 -32.20 -7.56 52.00
N MET D 22 -32.89 -8.10 50.97
CA MET D 22 -32.50 -7.88 49.58
C MET D 22 -33.59 -7.09 48.88
N HIS D 23 -33.17 -6.14 48.07
CA HIS D 23 -34.08 -5.29 47.28
C HIS D 23 -34.27 -5.88 45.89
N TYR D 24 -35.49 -5.71 45.38
CA TYR D 24 -35.75 -6.12 44.01
C TYR D 24 -36.86 -5.26 43.39
N VAL D 25 -36.71 -5.10 42.08
CA VAL D 25 -37.80 -4.64 41.21
C VAL D 25 -38.76 -5.78 40.97
N ASP D 26 -40.06 -5.48 40.98
CA ASP D 26 -41.09 -6.49 40.73
C ASP D 26 -42.23 -5.75 40.02
N VAL D 27 -42.34 -5.95 38.70
CA VAL D 27 -43.40 -5.26 37.95
C VAL D 27 -44.02 -6.26 36.99
N GLY D 28 -45.04 -5.80 36.24
CA GLY D 28 -45.67 -6.71 35.32
C GLY D 28 -46.79 -7.51 35.99
N PRO D 29 -47.46 -8.36 35.24
CA PRO D 29 -48.51 -9.20 35.81
C PRO D 29 -47.98 -10.04 36.97
N ARG D 30 -48.88 -10.46 37.85
CA ARG D 30 -48.46 -11.13 39.08
C ARG D 30 -48.29 -12.63 38.93
N ASP D 31 -48.71 -13.21 37.82
CA ASP D 31 -48.56 -14.64 37.60
C ASP D 31 -47.88 -14.89 36.26
N GLY D 32 -47.95 -16.10 35.80
CA GLY D 32 -47.22 -16.45 34.60
C GLY D 32 -45.77 -16.75 34.96
N THR D 33 -45.02 -17.15 33.95
CA THR D 33 -43.57 -17.40 34.17
C THR D 33 -42.87 -16.07 34.36
N PRO D 34 -42.15 -15.85 35.46
CA PRO D 34 -41.47 -14.58 35.62
C PRO D 34 -40.15 -14.56 34.86
N VAL D 35 -39.75 -13.33 34.54
CA VAL D 35 -38.46 -13.07 33.89
C VAL D 35 -37.56 -12.48 34.98
N LEU D 36 -36.48 -13.19 35.26
CA LEU D 36 -35.58 -12.90 36.38
C LEU D 36 -34.32 -12.31 35.77
N PHE D 37 -34.07 -11.03 36.05
CA PHE D 37 -32.92 -10.28 35.52
C PHE D 37 -31.81 -10.21 36.57
N LEU D 38 -30.61 -10.63 36.19
CA LEU D 38 -29.46 -10.76 37.11
C LEU D 38 -28.31 -9.90 36.57
N HIS D 39 -28.04 -8.81 37.32
CA HIS D 39 -26.89 -7.93 37.09
C HIS D 39 -25.62 -8.54 37.64
N GLY D 40 -24.49 -7.88 37.32
CA GLY D 40 -23.17 -8.29 37.78
C GLY D 40 -22.42 -7.13 38.40
N ASN D 41 -21.08 -7.14 38.18
CA ASN D 41 -20.24 -6.13 38.78
C ASN D 41 -20.03 -4.90 37.89
N PRO D 42 -20.09 -3.66 38.38
CA PRO D 42 -20.39 -3.17 39.72
C PRO D 42 -21.78 -2.54 39.71
N THR D 43 -22.71 -3.25 39.10
CA THR D 43 -24.01 -2.63 38.79
C THR D 43 -25.11 -3.09 39.76
N SER D 44 -26.37 -3.06 39.35
CA SER D 44 -27.53 -3.36 40.17
C SER D 44 -28.68 -3.52 39.21
N SER D 45 -29.89 -3.63 39.79
CA SER D 45 -31.09 -3.65 38.94
C SER D 45 -31.19 -2.39 38.08
N TYR D 46 -30.49 -1.30 38.45
CA TYR D 46 -30.48 -0.10 37.64
C TYR D 46 -30.03 -0.38 36.22
N LEU D 47 -29.16 -1.40 36.02
CA LEU D 47 -28.66 -1.79 34.71
C LEU D 47 -29.79 -2.24 33.78
N TRP D 48 -30.89 -2.69 34.35
CA TRP D 48 -32.01 -3.23 33.56
C TRP D 48 -33.15 -2.24 33.38
N ARG D 49 -32.94 -0.99 33.79
CA ARG D 49 -34.06 -0.06 33.92
C ARG D 49 -34.75 0.24 32.58
N ASN D 50 -34.01 0.21 31.49
CA ASN D 50 -34.59 0.55 30.19
C ASN D 50 -34.92 -0.68 29.39
N ILE D 51 -34.62 -1.87 29.92
CA ILE D 51 -34.96 -3.14 29.29
C ILE D 51 -36.26 -3.71 29.84
N ILE D 52 -36.43 -3.67 31.17
CA ILE D 52 -37.63 -4.16 31.85
C ILE D 52 -38.92 -3.61 31.22
N PRO D 53 -39.05 -2.34 30.87
CA PRO D 53 -40.34 -1.84 30.35
C PRO D 53 -40.74 -2.48 29.05
N HIS D 54 -39.80 -3.04 28.28
CA HIS D 54 -40.24 -3.80 27.08
C HIS D 54 -40.88 -5.12 27.41
N VAL D 55 -40.63 -5.66 28.60
CA VAL D 55 -41.02 -7.01 28.96
C VAL D 55 -42.21 -6.98 29.93
N ALA D 56 -42.30 -5.95 30.76
CA ALA D 56 -43.32 -5.90 31.81
C ALA D 56 -44.74 -5.92 31.23
N PRO D 57 -45.02 -5.40 30.02
CA PRO D 57 -46.39 -5.53 29.53
C PRO D 57 -46.89 -6.97 29.46
N SER D 58 -46.02 -7.93 29.21
CA SER D 58 -46.42 -9.32 28.99
C SER D 58 -46.04 -10.27 30.11
N HIS D 59 -44.98 -9.98 30.86
CA HIS D 59 -44.47 -10.92 31.86
C HIS D 59 -44.12 -10.21 33.14
N ARG D 60 -44.30 -10.92 34.25
CA ARG D 60 -43.70 -10.47 35.51
C ARG D 60 -42.19 -10.31 35.32
N CYS D 61 -41.63 -9.19 35.78
CA CYS D 61 -40.21 -8.92 35.75
C CYS D 61 -39.71 -8.76 37.17
N ILE D 62 -38.70 -9.54 37.54
CA ILE D 62 -38.11 -9.56 38.89
C ILE D 62 -36.63 -9.27 38.71
N ALA D 63 -36.11 -8.24 39.39
CA ALA D 63 -34.72 -7.85 39.19
C ALA D 63 -34.12 -7.58 40.56
N PRO D 64 -33.45 -8.58 41.16
CA PRO D 64 -32.84 -8.36 42.48
C PRO D 64 -31.55 -7.61 42.40
N ASP D 65 -31.22 -6.94 43.50
CA ASP D 65 -29.87 -6.43 43.73
C ASP D 65 -29.14 -7.52 44.49
N LEU D 66 -28.00 -7.98 43.97
CA LEU D 66 -27.18 -8.95 44.69
C LEU D 66 -26.79 -8.44 46.06
N ILE D 67 -26.57 -9.38 46.97
CA ILE D 67 -26.23 -8.99 48.34
C ILE D 67 -25.00 -8.07 48.33
N GLY D 68 -25.07 -7.00 49.15
CA GLY D 68 -24.02 -5.96 49.17
C GLY D 68 -24.03 -5.00 48.01
N MET D 69 -25.03 -5.09 47.12
CA MET D 69 -25.08 -4.23 45.94
C MET D 69 -26.44 -3.56 45.86
N GLY D 70 -26.52 -2.50 45.07
CA GLY D 70 -27.84 -1.89 44.88
C GLY D 70 -28.39 -1.36 46.21
N LYS D 71 -29.70 -1.56 46.38
CA LYS D 71 -30.35 -1.25 47.66
C LYS D 71 -30.44 -2.43 48.61
N SER D 72 -29.73 -3.54 48.31
CA SER D 72 -29.73 -4.63 49.26
C SER D 72 -28.82 -4.35 50.45
N ASP D 73 -29.03 -5.14 51.50
CA ASP D 73 -28.19 -4.93 52.70
C ASP D 73 -26.73 -5.32 52.47
N LYS D 74 -25.94 -5.01 53.50
CA LYS D 74 -24.48 -5.12 53.44
C LYS D 74 -23.97 -5.94 54.63
N PRO D 75 -24.25 -7.26 54.65
CA PRO D 75 -23.76 -8.08 55.77
C PRO D 75 -22.25 -8.25 55.70
N ASP D 76 -21.69 -8.62 56.87
CA ASP D 76 -20.26 -8.80 56.94
C ASP D 76 -19.87 -10.16 56.32
N LEU D 77 -19.69 -10.17 55.01
CA LEU D 77 -19.29 -11.34 54.25
C LEU D 77 -17.96 -11.09 53.57
N ASP D 78 -17.35 -12.16 53.08
CA ASP D 78 -16.25 -12.06 52.15
C ASP D 78 -16.69 -11.61 50.78
N TYR D 79 -17.96 -11.79 50.48
CA TYR D 79 -18.50 -11.52 49.14
C TYR D 79 -17.80 -12.34 48.08
N ARG D 80 -17.42 -13.58 48.43
CA ARG D 80 -16.98 -14.52 47.41
C ARG D 80 -18.17 -14.98 46.57
N PHE D 81 -17.87 -15.66 45.48
CA PHE D 81 -18.94 -16.13 44.58
C PHE D 81 -19.90 -17.03 45.36
N ASP D 82 -19.37 -17.90 46.24
CA ASP D 82 -20.28 -18.79 46.97
C ASP D 82 -21.23 -18.02 47.87
N ASP D 83 -20.82 -16.86 48.38
CA ASP D 83 -21.76 -16.02 49.14
C ASP D 83 -22.92 -15.56 48.27
N HIS D 84 -22.61 -15.08 47.07
CA HIS D 84 -23.68 -14.66 46.16
C HIS D 84 -24.56 -15.82 45.76
N VAL D 85 -23.97 -16.99 45.57
CA VAL D 85 -24.77 -18.17 45.24
C VAL D 85 -25.78 -18.43 46.36
N ARG D 86 -25.32 -18.41 47.62
CA ARG D 86 -26.22 -18.68 48.74
C ARG D 86 -27.33 -17.64 48.84
N TYR D 87 -26.97 -16.35 48.71
CA TYR D 87 -28.01 -15.34 48.88
C TYR D 87 -28.97 -15.31 47.70
N LEU D 88 -28.49 -15.54 46.48
CA LEU D 88 -29.46 -15.54 45.38
C LEU D 88 -30.34 -16.78 45.45
N ASP D 89 -29.79 -17.96 45.80
CA ASP D 89 -30.66 -19.12 46.01
C ASP D 89 -31.75 -18.81 47.05
N ALA D 90 -31.35 -18.15 48.14
CA ALA D 90 -32.33 -17.83 49.19
C ALA D 90 -33.36 -16.80 48.69
N PHE D 91 -32.94 -15.86 47.85
CA PHE D 91 -33.84 -14.90 47.25
C PHE D 91 -34.87 -15.61 46.39
N ILE D 92 -34.41 -16.51 45.53
CA ILE D 92 -35.31 -17.21 44.61
C ILE D 92 -36.32 -18.05 45.40
N GLU D 93 -35.85 -18.65 46.50
CA GLU D 93 -36.71 -19.44 47.39
C GLU D 93 -37.72 -18.54 48.05
N ALA D 94 -37.28 -17.37 48.53
CA ALA D 94 -38.16 -16.48 49.28
C ALA D 94 -39.29 -15.97 48.40
N LEU D 95 -39.01 -15.80 47.10
CA LEU D 95 -40.03 -15.34 46.15
C LEU D 95 -40.87 -16.48 45.62
N GLY D 96 -40.57 -17.71 46.01
CA GLY D 96 -41.30 -18.88 45.56
C GLY D 96 -41.30 -19.12 44.07
N LEU D 97 -40.21 -18.79 43.39
CA LEU D 97 -40.16 -18.99 41.95
C LEU D 97 -40.13 -20.48 41.66
N GLU D 98 -40.95 -20.90 40.71
CA GLU D 98 -41.01 -22.28 40.28
C GLU D 98 -40.29 -22.30 38.95
N GLU D 99 -40.99 -22.05 37.88
CA GLU D 99 -40.26 -21.90 36.62
C GLU D 99 -39.90 -20.43 36.38
N VAL D 100 -38.86 -20.19 35.56
CA VAL D 100 -38.38 -18.83 35.32
C VAL D 100 -37.79 -18.75 33.93
N VAL D 101 -37.75 -17.54 33.38
CA VAL D 101 -36.89 -17.19 32.24
C VAL D 101 -35.78 -16.32 32.82
N LEU D 102 -34.53 -16.64 32.52
CA LEU D 102 -33.38 -15.90 33.01
C LEU D 102 -32.93 -14.88 31.98
N VAL D 103 -32.57 -13.68 32.46
CA VAL D 103 -31.94 -12.66 31.60
C VAL D 103 -30.71 -12.19 32.38
N ILE D 104 -29.52 -12.50 31.89
CA ILE D 104 -28.33 -12.48 32.76
C ILE D 104 -27.13 -11.85 32.08
N HIS D 105 -26.23 -11.31 32.93
CA HIS D 105 -25.07 -10.56 32.46
C HIS D 105 -23.92 -10.70 33.47
N ASP D 106 -22.69 -10.85 32.96
CA ASP D 106 -21.49 -10.77 33.84
C ASP D 106 -21.65 -11.73 35.01
N TRP D 107 -21.36 -11.30 36.24
CA TRP D 107 -21.42 -12.23 37.37
C TRP D 107 -22.86 -12.73 37.58
N GLY D 108 -23.84 -11.94 37.17
CA GLY D 108 -25.23 -12.43 37.16
C GLY D 108 -25.41 -13.64 36.27
N SER D 109 -24.63 -13.72 35.17
CA SER D 109 -24.71 -14.88 34.31
C SER D 109 -24.05 -16.07 34.97
N ALA D 110 -22.94 -15.85 35.69
CA ALA D 110 -22.36 -17.01 36.39
C ALA D 110 -23.36 -17.56 37.41
N LEU D 111 -24.00 -16.68 38.15
CA LEU D 111 -25.04 -17.10 39.08
C LEU D 111 -26.18 -17.81 38.36
N GLY D 112 -26.69 -17.21 37.27
CA GLY D 112 -27.87 -17.76 36.60
C GLY D 112 -27.59 -19.10 35.94
N PHE D 113 -26.43 -19.21 35.23
CA PHE D 113 -26.12 -20.51 34.62
C PHE D 113 -25.88 -21.58 35.67
N HIS D 114 -25.24 -21.22 36.79
CA HIS D 114 -24.98 -22.21 37.83
C HIS D 114 -26.29 -22.66 38.50
N TRP D 115 -27.25 -21.74 38.64
CA TRP D 115 -28.58 -22.11 39.18
C TRP D 115 -29.34 -22.96 38.15
N ALA D 116 -29.26 -22.60 36.87
CA ALA D 116 -29.97 -23.37 35.84
C ALA D 116 -29.44 -24.79 35.76
N LYS D 117 -28.11 -24.94 35.88
CA LYS D 117 -27.54 -26.28 35.86
C LYS D 117 -28.12 -27.10 36.98
N ARG D 118 -28.33 -26.48 38.14
CA ARG D 118 -28.90 -27.22 39.28
C ARG D 118 -30.41 -27.39 39.21
N ASN D 119 -31.09 -26.63 38.34
CA ASN D 119 -32.56 -26.60 38.29
C ASN D 119 -33.01 -26.60 36.83
N PRO D 120 -32.57 -27.59 36.06
CA PRO D 120 -32.78 -27.52 34.60
C PRO D 120 -34.25 -27.58 34.23
N GLU D 121 -35.07 -28.29 35.03
CA GLU D 121 -36.50 -28.38 34.70
C GLU D 121 -37.24 -27.09 34.96
N ARG D 122 -36.64 -26.17 35.71
CA ARG D 122 -37.27 -24.92 36.07
C ARG D 122 -36.95 -23.80 35.10
N VAL D 123 -35.98 -23.97 34.20
CA VAL D 123 -35.54 -22.85 33.37
C VAL D 123 -36.19 -22.98 32.01
N LYS D 124 -37.07 -22.03 31.66
CA LYS D 124 -37.81 -22.09 30.40
C LYS D 124 -37.09 -21.40 29.25
N GLY D 125 -36.07 -20.60 29.56
CA GLY D 125 -35.30 -19.93 28.52
C GLY D 125 -34.24 -19.09 29.21
N ILE D 126 -33.17 -18.82 28.46
CA ILE D 126 -32.08 -18.00 29.00
C ILE D 126 -31.68 -17.00 27.96
N ALA D 127 -31.77 -15.71 28.30
CA ALA D 127 -31.20 -14.63 27.48
C ALA D 127 -29.95 -14.17 28.22
N PHE D 128 -28.84 -14.00 27.47
CA PHE D 128 -27.59 -13.66 28.12
C PHE D 128 -26.75 -12.81 27.19
N MET D 129 -25.79 -12.13 27.77
CA MET D 129 -24.98 -11.17 27.04
C MET D 129 -23.75 -10.88 27.90
N GLU D 130 -22.57 -10.81 27.27
CA GLU D 130 -21.33 -10.46 27.97
C GLU D 130 -21.20 -11.23 29.30
N PHE D 131 -21.25 -12.55 29.16
CA PHE D 131 -21.37 -13.49 30.25
C PHE D 131 -20.00 -14.08 30.61
N ILE D 132 -19.93 -14.72 31.77
CA ILE D 132 -18.66 -15.25 32.26
C ILE D 132 -18.45 -16.63 31.69
N ARG D 133 -17.30 -16.81 31.01
CA ARG D 133 -16.85 -18.09 30.48
C ARG D 133 -15.40 -18.22 30.88
N PRO D 134 -14.80 -19.40 30.74
CA PRO D 134 -13.38 -19.52 31.12
C PRO D 134 -12.52 -18.73 30.15
N ILE D 135 -11.60 -17.93 30.68
CA ILE D 135 -10.71 -17.12 29.86
C ILE D 135 -9.37 -17.85 29.81
N PRO D 136 -8.98 -18.43 28.67
CA PRO D 136 -7.81 -19.36 28.68
C PRO D 136 -6.54 -18.71 29.19
N THR D 137 -6.22 -17.53 28.70
CA THR D 137 -5.05 -16.81 29.22
C THR D 137 -5.39 -15.33 29.24
N TRP D 138 -4.49 -14.54 29.83
CA TRP D 138 -4.59 -13.09 29.72
C TRP D 138 -4.58 -12.60 28.28
N ASP D 139 -4.05 -13.37 27.31
CA ASP D 139 -4.11 -12.89 25.94
C ASP D 139 -5.55 -12.82 25.43
N GLU D 140 -6.46 -13.57 26.04
CA GLU D 140 -7.85 -13.54 25.60
C GLU D 140 -8.66 -12.49 26.38
N TRP D 141 -8.00 -11.79 27.30
CA TRP D 141 -8.59 -10.59 27.87
C TRP D 141 -8.28 -9.41 26.96
N PRO D 142 -9.22 -8.52 26.67
CA PRO D 142 -8.93 -7.38 25.79
C PRO D 142 -7.71 -6.61 26.23
N GLU D 143 -6.84 -6.30 25.27
CA GLU D 143 -5.62 -5.54 25.56
C GLU D 143 -5.92 -4.24 26.29
N PHE D 144 -6.96 -3.51 25.86
CA PHE D 144 -7.16 -2.16 26.39
C PHE D 144 -7.54 -2.17 27.88
N ALA D 145 -7.88 -3.33 28.44
CA ALA D 145 -8.28 -3.43 29.85
C ALA D 145 -7.40 -4.40 30.63
N ARG D 146 -6.33 -4.89 29.99
CA ARG D 146 -5.55 -5.97 30.58
C ARG D 146 -4.76 -5.50 31.78
N GLU D 147 -4.07 -4.36 31.64
CA GLU D 147 -3.26 -3.89 32.77
C GLU D 147 -4.14 -3.65 33.99
N LEU D 148 -5.37 -3.11 33.74
CA LEU D 148 -6.22 -2.77 34.86
C LEU D 148 -6.69 -4.04 35.57
N PHE D 149 -7.13 -5.03 34.79
CA PHE D 149 -7.62 -6.21 35.47
C PHE D 149 -6.48 -7.00 36.08
N GLN D 150 -5.26 -6.91 35.52
CA GLN D 150 -4.15 -7.59 36.16
C GLN D 150 -3.83 -6.91 37.51
N ALA D 151 -3.99 -5.59 37.54
CA ALA D 151 -3.72 -4.84 38.74
C ALA D 151 -4.78 -5.15 39.80
N PHE D 152 -6.03 -5.36 39.34
CA PHE D 152 -7.10 -5.64 40.28
C PHE D 152 -6.83 -6.94 41.01
N ARG D 153 -6.10 -7.84 40.34
CA ARG D 153 -5.79 -9.16 40.86
C ARG D 153 -4.40 -9.24 41.44
N THR D 154 -3.75 -8.11 41.62
CA THR D 154 -2.40 -8.00 42.19
C THR D 154 -2.51 -7.65 43.67
N PRO D 155 -1.86 -8.37 44.61
CA PRO D 155 -1.99 -8.03 46.03
C PRO D 155 -1.67 -6.56 46.33
N ASP D 156 -2.47 -5.97 47.25
CA ASP D 156 -2.43 -4.59 47.70
C ASP D 156 -2.86 -3.60 46.63
N VAL D 157 -2.25 -3.67 45.43
CA VAL D 157 -2.54 -2.74 44.36
C VAL D 157 -4.03 -2.77 44.04
N GLY D 158 -4.60 -3.97 43.87
CA GLY D 158 -5.99 -4.05 43.44
C GLY D 158 -6.94 -3.44 44.45
N ARG D 159 -6.67 -3.65 45.75
CA ARG D 159 -7.55 -3.05 46.74
C ARG D 159 -7.38 -1.54 46.76
N GLU D 160 -6.14 -1.05 46.61
CA GLU D 160 -5.98 0.39 46.50
C GLU D 160 -6.85 0.97 45.40
N LEU D 161 -6.83 0.34 44.23
CA LEU D 161 -7.55 0.87 43.09
C LEU D 161 -9.05 0.82 43.32
N ILE D 162 -9.56 -0.36 43.73
CA ILE D 162 -11.02 -0.57 43.75
C ILE D 162 -11.63 -0.05 45.04
N ILE D 163 -10.97 -0.34 46.18
CA ILE D 163 -11.54 0.08 47.47
C ILE D 163 -11.24 1.55 47.74
N ASP D 164 -9.97 1.95 47.63
CA ASP D 164 -9.66 3.33 48.02
C ASP D 164 -10.11 4.33 46.95
N TYR D 165 -9.81 4.08 45.69
CA TYR D 165 -10.05 5.07 44.64
C TYR D 165 -11.28 4.76 43.80
N ASN D 166 -12.02 3.71 44.17
CA ASN D 166 -13.32 3.38 43.54
C ASN D 166 -13.18 3.16 42.02
N ALA D 167 -12.12 2.45 41.62
CA ALA D 167 -11.86 2.33 40.20
C ALA D 167 -12.95 1.59 39.43
N PHE D 168 -13.65 0.64 40.07
CA PHE D 168 -14.61 -0.14 39.31
C PHE D 168 -15.79 0.71 38.90
N ILE D 169 -16.09 1.74 39.68
CA ILE D 169 -17.17 2.68 39.36
C ILE D 169 -16.67 3.83 38.49
N GLU D 170 -15.52 4.42 38.85
CA GLU D 170 -15.13 5.65 38.21
C GLU D 170 -14.35 5.41 36.94
N ILE D 171 -13.71 4.25 36.80
CA ILE D 171 -12.94 3.92 35.60
C ILE D 171 -13.63 2.89 34.74
N ILE D 172 -13.93 1.71 35.32
CA ILE D 172 -14.38 0.59 34.50
C ILE D 172 -15.77 0.83 33.90
N LEU D 173 -16.72 1.33 34.69
N LEU D 173 -16.73 1.36 34.68
CA LEU D 173 -18.07 1.55 34.16
CA LEU D 173 -18.07 1.55 34.14
C LEU D 173 -18.09 2.42 32.91
C LEU D 173 -18.05 2.41 32.87
N PRO D 174 -17.50 3.62 32.87
CA PRO D 174 -17.48 4.38 31.60
C PRO D 174 -16.58 3.76 30.53
N LYS D 175 -15.52 3.06 30.93
CA LYS D 175 -14.59 2.43 29.97
C LYS D 175 -15.31 1.37 29.18
N PHE D 176 -16.30 0.73 29.78
CA PHE D 176 -16.97 -0.41 29.17
C PHE D 176 -18.34 -0.10 28.60
N VAL D 177 -18.66 1.19 28.41
CA VAL D 177 -19.81 1.63 27.62
C VAL D 177 -19.27 2.47 26.47
N VAL D 178 -19.79 2.23 25.26
CA VAL D 178 -19.27 2.94 24.09
C VAL D 178 -19.74 4.40 24.13
N ARG D 179 -21.04 4.61 24.35
CA ARG D 179 -21.52 5.96 24.45
C ARG D 179 -21.16 6.54 25.82
N PRO D 180 -21.15 7.86 25.95
CA PRO D 180 -20.79 8.48 27.25
C PRO D 180 -21.92 8.31 28.27
N LEU D 181 -21.58 7.87 29.47
CA LEU D 181 -22.55 7.87 30.56
C LEU D 181 -22.77 9.29 31.05
N THR D 182 -23.97 9.60 31.51
CA THR D 182 -24.25 10.91 32.06
C THR D 182 -23.92 10.92 33.55
N GLU D 183 -23.81 12.14 34.09
CA GLU D 183 -23.56 12.26 35.52
C GLU D 183 -24.72 11.66 36.34
N GLU D 184 -25.97 11.82 35.86
CA GLU D 184 -27.13 11.25 36.56
C GLU D 184 -27.01 9.73 36.64
N GLU D 185 -26.59 9.09 35.54
CA GLU D 185 -26.40 7.64 35.56
C GLU D 185 -25.26 7.26 36.49
N MET D 186 -24.11 7.98 36.40
CA MET D 186 -23.02 7.68 37.30
C MET D 186 -23.49 7.75 38.75
N ASP D 187 -24.31 8.75 39.09
CA ASP D 187 -24.68 8.92 40.50
C ASP D 187 -25.58 7.79 40.96
N HIS D 188 -26.44 7.27 40.07
CA HIS D 188 -27.17 6.05 40.43
C HIS D 188 -26.21 4.90 40.72
N TYR D 189 -25.21 4.71 39.85
CA TYR D 189 -24.27 3.61 40.07
C TYR D 189 -23.37 3.82 41.27
N ARG D 190 -23.10 5.08 41.63
CA ARG D 190 -22.22 5.38 42.77
C ARG D 190 -22.93 5.13 44.11
N GLU D 191 -24.26 5.30 44.15
CA GLU D 191 -24.97 5.36 45.44
C GLU D 191 -24.65 4.18 46.39
N PRO D 192 -24.55 2.93 45.97
CA PRO D 192 -24.30 1.86 46.93
C PRO D 192 -22.89 1.82 47.46
N PHE D 193 -21.98 2.57 46.86
CA PHE D 193 -20.56 2.42 47.13
C PHE D 193 -19.93 3.73 47.57
N LEU D 194 -20.72 4.65 48.10
CA LEU D 194 -20.16 5.97 48.46
C LEU D 194 -19.07 5.86 49.52
N LYS D 195 -19.13 4.83 50.35
CA LYS D 195 -18.08 4.70 51.38
C LYS D 195 -17.23 3.47 51.11
N PRO D 196 -15.93 3.50 51.39
CA PRO D 196 -15.06 2.40 50.99
C PRO D 196 -15.36 1.09 51.70
N GLU D 197 -15.90 1.13 52.95
CA GLU D 197 -16.19 -0.13 53.63
C GLU D 197 -17.32 -0.88 52.94
N TRP D 198 -17.94 -0.28 51.91
CA TRP D 198 -18.98 -0.97 51.14
C TRP D 198 -18.45 -1.57 49.84
N ARG D 199 -17.14 -1.45 49.56
CA ARG D 199 -16.68 -1.79 48.23
C ARG D 199 -16.08 -3.18 48.13
N GLU D 200 -16.07 -3.97 49.22
CA GLU D 200 -15.52 -5.32 49.12
C GLU D 200 -16.05 -6.13 47.94
N PRO D 201 -17.37 -6.15 47.65
CA PRO D 201 -17.82 -6.99 46.52
C PRO D 201 -17.16 -6.61 45.21
N LEU D 202 -16.86 -5.32 45.05
CA LEU D 202 -16.32 -4.83 43.79
C LEU D 202 -14.90 -5.33 43.55
N TRP D 203 -14.14 -5.55 44.67
CA TRP D 203 -12.79 -6.09 44.58
C TRP D 203 -12.80 -7.62 44.50
N ARG D 204 -13.71 -8.28 45.23
CA ARG D 204 -13.68 -9.73 45.19
C ARG D 204 -14.10 -10.28 43.82
N PHE D 205 -15.09 -9.66 43.14
CA PHE D 205 -15.50 -10.18 41.83
C PHE D 205 -14.37 -10.31 40.81
N PRO D 206 -13.53 -9.29 40.52
CA PRO D 206 -12.49 -9.49 39.50
C PRO D 206 -11.46 -10.49 39.95
N ASN D 207 -11.29 -10.67 41.27
CA ASN D 207 -10.40 -11.70 41.80
C ASN D 207 -11.01 -13.10 41.69
N GLU D 208 -12.28 -13.22 41.30
CA GLU D 208 -12.91 -14.52 41.07
C GLU D 208 -12.96 -14.90 39.59
N LEU D 209 -12.62 -13.98 38.69
CA LEU D 209 -12.77 -14.26 37.24
C LEU D 209 -11.93 -15.49 36.86
N PRO D 210 -12.48 -16.40 36.09
CA PRO D 210 -11.75 -17.65 35.79
C PRO D 210 -10.73 -17.44 34.67
N ILE D 211 -9.46 -17.25 35.00
CA ILE D 211 -8.45 -16.94 34.00
C ILE D 211 -7.31 -17.92 34.16
N ASN D 212 -6.98 -18.63 33.08
CA ASN D 212 -5.85 -19.56 33.09
C ASN D 212 -5.92 -20.50 34.28
N GLY D 213 -7.13 -21.02 34.55
CA GLY D 213 -7.35 -22.01 35.59
C GLY D 213 -7.45 -21.50 37.01
N GLU D 214 -7.39 -20.18 37.22
CA GLU D 214 -7.36 -19.64 38.57
C GLU D 214 -8.43 -18.56 38.72
N PRO D 215 -9.20 -18.58 39.79
CA PRO D 215 -9.14 -19.56 40.87
C PRO D 215 -9.73 -20.86 40.42
N ALA D 216 -9.19 -21.97 40.94
CA ALA D 216 -9.53 -23.28 40.41
C ALA D 216 -10.98 -23.62 40.66
N ASP D 217 -11.55 -23.19 41.80
CA ASP D 217 -12.92 -23.57 42.11
C ASP D 217 -13.90 -22.90 41.16
N ILE D 218 -13.71 -21.59 40.91
CA ILE D 218 -14.55 -20.91 39.90
C ILE D 218 -14.32 -21.48 38.51
N TRP D 219 -13.04 -21.69 38.12
CA TRP D 219 -12.76 -22.30 36.81
C TRP D 219 -13.57 -23.57 36.62
N ALA D 220 -13.54 -24.44 37.62
CA ALA D 220 -14.28 -25.71 37.55
C ALA D 220 -15.79 -25.50 37.46
N LEU D 221 -16.34 -24.61 38.31
CA LEU D 221 -17.79 -24.33 38.31
C LEU D 221 -18.28 -23.77 36.97
N VAL D 222 -17.51 -22.83 36.41
CA VAL D 222 -17.85 -22.22 35.13
C VAL D 222 -17.69 -23.22 34.00
N GLU D 223 -16.61 -24.02 34.00
CA GLU D 223 -16.56 -25.09 32.99
C GLU D 223 -17.77 -26.01 33.08
N ALA D 224 -18.23 -26.31 34.32
CA ALA D 224 -19.38 -27.22 34.51
C ALA D 224 -20.66 -26.63 33.92
N TYR D 225 -20.91 -25.34 34.18
CA TYR D 225 -22.14 -24.84 33.61
C TYR D 225 -22.04 -24.58 32.12
N MET D 226 -20.85 -24.38 31.56
CA MET D 226 -20.72 -24.24 30.09
C MET D 226 -20.95 -25.60 29.43
N ASN D 227 -20.50 -26.68 30.06
CA ASN D 227 -20.76 -28.04 29.53
C ASN D 227 -22.27 -28.26 29.57
N TRP D 228 -22.90 -27.90 30.67
CA TRP D 228 -24.36 -28.01 30.76
C TRP D 228 -25.02 -27.21 29.63
N LEU D 229 -24.57 -25.98 29.42
CA LEU D 229 -25.23 -25.13 28.42
C LEU D 229 -25.08 -25.73 27.03
N HIS D 230 -23.93 -26.33 26.77
CA HIS D 230 -23.71 -26.92 25.42
C HIS D 230 -24.63 -28.12 25.20
N GLN D 231 -25.03 -28.80 26.25
CA GLN D 231 -25.86 -30.00 26.03
C GLN D 231 -27.34 -29.74 26.31
N SER D 232 -27.64 -28.58 26.84
CA SER D 232 -29.02 -28.36 27.27
C SER D 232 -29.82 -27.95 26.08
N PRO D 233 -31.18 -28.41 25.84
CA PRO D 233 -32.08 -27.93 24.78
C PRO D 233 -32.83 -26.65 25.10
N VAL D 234 -32.51 -25.99 26.22
CA VAL D 234 -33.32 -24.85 26.64
C VAL D 234 -33.24 -23.76 25.58
N PRO D 235 -34.31 -23.06 25.25
CA PRO D 235 -34.18 -21.88 24.39
C PRO D 235 -33.20 -20.86 24.94
N LYS D 236 -32.38 -20.35 24.02
CA LYS D 236 -31.30 -19.44 24.38
C LYS D 236 -31.33 -18.24 23.45
N LEU D 237 -30.94 -17.10 23.99
CA LEU D 237 -30.93 -15.83 23.25
C LEU D 237 -29.68 -15.08 23.68
N LEU D 238 -28.76 -14.88 22.75
CA LEU D 238 -27.48 -14.21 23.00
C LEU D 238 -27.47 -12.84 22.35
N PHE D 239 -27.15 -11.78 23.13
CA PHE D 239 -26.88 -10.46 22.60
C PHE D 239 -25.38 -10.25 22.60
N TRP D 240 -24.85 -9.70 21.50
CA TRP D 240 -23.41 -9.49 21.41
C TRP D 240 -23.14 -8.19 20.66
N GLY D 241 -22.04 -7.52 21.01
CA GLY D 241 -21.67 -6.27 20.38
C GLY D 241 -20.24 -6.33 19.87
N THR D 242 -19.82 -5.24 19.25
CA THR D 242 -18.44 -5.15 18.80
C THR D 242 -17.76 -3.92 19.37
N PRO D 243 -16.55 -4.07 19.90
CA PRO D 243 -15.77 -5.31 19.95
C PRO D 243 -16.08 -6.28 21.08
N GLY D 244 -17.04 -5.96 21.95
CA GLY D 244 -17.24 -6.83 23.11
C GLY D 244 -16.06 -6.73 24.10
N VAL D 245 -16.22 -7.49 25.20
CA VAL D 245 -15.14 -7.60 26.19
C VAL D 245 -14.96 -9.08 26.54
N LEU D 246 -15.96 -9.64 27.25
CA LEU D 246 -15.95 -11.08 27.51
C LEU D 246 -16.35 -11.92 26.31
N ILE D 247 -17.18 -11.36 25.44
CA ILE D 247 -17.71 -12.16 24.33
C ILE D 247 -17.40 -11.40 23.05
N PRO D 248 -16.20 -11.55 22.50
CA PRO D 248 -15.90 -10.84 21.27
C PRO D 248 -16.63 -11.51 20.10
N PRO D 249 -16.62 -10.90 18.92
CA PRO D 249 -17.35 -11.51 17.78
C PRO D 249 -16.98 -12.97 17.47
N ALA D 250 -15.68 -13.36 17.53
CA ALA D 250 -15.36 -14.76 17.28
C ALA D 250 -15.99 -15.71 18.26
N GLU D 251 -16.17 -15.27 19.51
CA GLU D 251 -16.84 -16.12 20.48
C GLU D 251 -18.34 -16.18 20.22
N ALA D 252 -18.95 -15.05 19.83
CA ALA D 252 -20.36 -15.08 19.47
C ALA D 252 -20.58 -16.06 18.34
N ALA D 253 -19.66 -16.05 17.37
CA ALA D 253 -19.80 -17.01 16.26
C ALA D 253 -19.67 -18.45 16.75
N ARG D 254 -18.65 -18.74 17.59
CA ARG D 254 -18.56 -20.12 18.13
C ARG D 254 -19.85 -20.54 18.80
N LEU D 255 -20.43 -19.62 19.59
CA LEU D 255 -21.65 -19.96 20.32
C LEU D 255 -22.82 -20.19 19.38
N ALA D 256 -22.92 -19.37 18.31
CA ALA D 256 -23.94 -19.59 17.29
C ALA D 256 -23.82 -20.95 16.68
N GLU D 257 -22.59 -21.46 16.53
CA GLU D 257 -22.42 -22.79 15.96
C GLU D 257 -22.68 -23.91 16.97
N SER D 258 -22.41 -23.68 18.25
CA SER D 258 -22.31 -24.79 19.18
C SER D 258 -23.50 -24.94 20.11
N LEU D 259 -24.22 -23.88 20.43
CA LEU D 259 -25.23 -24.06 21.48
C LEU D 259 -26.55 -24.48 20.89
N PRO D 260 -27.26 -25.45 21.44
CA PRO D 260 -28.56 -25.81 20.87
C PRO D 260 -29.58 -24.70 21.04
N ASN D 261 -30.48 -24.57 20.07
CA ASN D 261 -31.69 -23.77 20.24
C ASN D 261 -31.34 -22.29 20.57
N LEU D 262 -30.37 -21.73 19.86
CA LEU D 262 -29.84 -20.40 20.15
C LEU D 262 -30.22 -19.42 19.05
N LYS D 263 -30.85 -18.32 19.45
CA LYS D 263 -30.98 -17.13 18.61
C LYS D 263 -29.92 -16.09 19.01
N THR D 264 -29.23 -15.50 18.02
CA THR D 264 -28.26 -14.45 18.30
C THR D 264 -28.74 -13.12 17.74
N VAL D 265 -28.44 -12.03 18.46
CA VAL D 265 -28.76 -10.65 18.09
C VAL D 265 -27.53 -9.78 18.27
N PHE D 266 -27.03 -9.23 17.16
CA PHE D 266 -25.93 -8.27 17.13
C PHE D 266 -26.49 -6.88 17.48
N ILE D 267 -25.94 -6.23 18.51
CA ILE D 267 -26.53 -4.96 18.94
C ILE D 267 -25.75 -3.77 18.44
N GLY D 268 -24.71 -3.98 17.63
CA GLY D 268 -23.95 -2.84 17.19
C GLY D 268 -22.76 -2.62 18.10
N PRO D 269 -22.29 -1.39 18.18
CA PRO D 269 -21.17 -1.08 19.07
C PRO D 269 -21.48 -1.49 20.49
N GLY D 270 -20.50 -2.12 21.11
CA GLY D 270 -20.73 -2.53 22.47
C GLY D 270 -19.43 -3.02 23.03
N LEU D 271 -19.28 -2.81 24.36
CA LEU D 271 -18.11 -3.30 25.05
C LEU D 271 -18.59 -4.33 26.07
N HIS D 272 -18.83 -3.93 27.33
CA HIS D 272 -19.30 -4.90 28.31
C HIS D 272 -20.72 -4.65 28.77
N TYR D 273 -21.04 -3.41 29.15
CA TYR D 273 -22.39 -3.09 29.68
C TYR D 273 -23.30 -2.77 28.49
N LEU D 274 -23.59 -3.81 27.72
CA LEU D 274 -24.30 -3.61 26.45
C LEU D 274 -25.66 -2.95 26.65
N GLN D 275 -26.27 -3.19 27.81
CA GLN D 275 -27.58 -2.61 28.16
C GLN D 275 -27.56 -1.09 28.15
N GLU D 276 -26.36 -0.47 28.31
CA GLU D 276 -26.22 0.96 28.26
C GLU D 276 -25.99 1.47 26.85
N ASP D 277 -25.63 0.58 25.93
CA ASP D 277 -25.46 1.03 24.53
C ASP D 277 -26.69 0.79 23.68
N ASN D 278 -27.44 -0.30 23.88
CA ASN D 278 -28.59 -0.49 23.01
C ASN D 278 -29.70 -1.18 23.81
N PRO D 279 -30.19 -0.50 24.84
CA PRO D 279 -31.28 -1.12 25.63
C PRO D 279 -32.52 -1.37 24.82
N ASP D 280 -32.85 -0.53 23.86
CA ASP D 280 -34.13 -0.75 23.21
C ASP D 280 -34.12 -2.00 22.33
N LEU D 281 -33.00 -2.32 21.68
CA LEU D 281 -32.97 -3.56 20.88
C LEU D 281 -32.96 -4.76 21.81
N ILE D 282 -32.22 -4.69 22.92
CA ILE D 282 -32.19 -5.82 23.82
C ILE D 282 -33.59 -6.08 24.42
N GLY D 283 -34.26 -5.04 24.90
CA GLY D 283 -35.60 -5.23 25.46
C GLY D 283 -36.60 -5.70 24.41
N SER D 284 -36.56 -5.09 23.23
CA SER D 284 -37.59 -5.44 22.24
C SER D 284 -37.37 -6.87 21.73
N GLU D 285 -36.10 -7.29 21.53
CA GLU D 285 -35.87 -8.65 21.12
C GLU D 285 -36.18 -9.66 22.21
N ILE D 286 -35.96 -9.32 23.49
CA ILE D 286 -36.41 -10.26 24.51
C ILE D 286 -37.91 -10.42 24.43
N ALA D 287 -38.61 -9.29 24.27
CA ALA D 287 -40.07 -9.33 24.27
C ALA D 287 -40.56 -10.14 23.08
N ARG D 288 -39.86 -10.06 21.95
CA ARG D 288 -40.29 -10.82 20.73
C ARG D 288 -40.00 -12.30 20.87
N TRP D 289 -38.97 -12.63 21.62
CA TRP D 289 -38.59 -14.03 21.80
C TRP D 289 -39.43 -14.77 22.87
N LEU D 290 -39.93 -14.06 23.89
CA LEU D 290 -40.65 -14.75 24.99
C LEU D 290 -41.88 -15.55 24.57
N PRO D 291 -42.72 -15.09 23.64
CA PRO D 291 -43.98 -15.82 23.40
C PRO D 291 -43.81 -17.29 23.02
N ALA D 292 -42.79 -17.63 22.23
CA ALA D 292 -42.61 -19.00 21.80
C ALA D 292 -42.25 -19.93 22.95
N LEU D 293 -41.78 -19.37 24.08
CA LEU D 293 -41.57 -20.25 25.21
C LEU D 293 -42.90 -20.78 25.79
N HIS D 294 -44.01 -20.54 25.07
CA HIS D 294 -45.39 -20.86 25.46
C HIS D 294 -45.64 -20.48 26.91
N GLU E 3 39.26 -13.78 -20.07
CA GLU E 3 40.16 -13.26 -19.03
C GLU E 3 39.54 -12.02 -18.36
N ILE E 4 38.76 -11.22 -19.10
CA ILE E 4 37.93 -10.22 -18.42
C ILE E 4 37.00 -10.95 -17.46
N GLY E 5 36.95 -10.49 -16.22
CA GLY E 5 36.20 -11.22 -15.20
C GLY E 5 34.70 -11.21 -15.45
N THR E 6 34.08 -12.38 -15.22
CA THR E 6 32.64 -12.50 -15.36
C THR E 6 31.92 -12.57 -14.02
N GLY E 7 32.62 -12.76 -12.93
CA GLY E 7 31.94 -12.85 -11.65
C GLY E 7 31.61 -11.46 -11.05
N PHE E 8 30.80 -11.49 -9.98
CA PHE E 8 30.36 -10.28 -9.30
C PHE E 8 30.57 -10.47 -7.81
N PRO E 9 31.80 -10.39 -7.36
CA PRO E 9 32.18 -10.70 -5.96
C PRO E 9 31.94 -9.54 -5.01
N PHE E 10 30.70 -9.07 -4.94
CA PHE E 10 30.34 -7.93 -4.10
C PHE E 10 29.13 -8.32 -3.26
N ASP E 11 29.28 -8.18 -1.96
CA ASP E 11 28.17 -8.40 -1.04
C ASP E 11 27.05 -7.42 -1.36
N PRO E 12 25.78 -7.81 -1.23
CA PRO E 12 24.70 -6.87 -1.52
C PRO E 12 24.48 -5.91 -0.36
N HIS E 13 24.25 -4.63 -0.69
CA HIS E 13 23.82 -3.66 0.31
C HIS E 13 22.52 -3.04 -0.20
N TYR E 14 21.64 -2.65 0.73
CA TYR E 14 20.32 -2.15 0.35
C TYR E 14 19.98 -0.93 1.20
N VAL E 15 19.26 0.01 0.58
CA VAL E 15 18.71 1.16 1.30
C VAL E 15 17.28 1.36 0.83
N GLU E 16 16.40 1.72 1.78
CA GLU E 16 15.00 1.98 1.50
C GLU E 16 14.84 3.44 1.13
N VAL E 17 14.40 3.73 -0.08
CA VAL E 17 14.02 5.09 -0.39
C VAL E 17 12.70 5.15 -1.16
N LEU E 18 11.91 6.15 -0.79
CA LEU E 18 10.62 6.40 -1.43
C LEU E 18 9.72 5.18 -1.49
N GLY E 19 9.82 4.28 -0.51
CA GLY E 19 9.01 3.10 -0.49
C GLY E 19 9.55 1.89 -1.23
N SER E 20 10.77 1.97 -1.79
CA SER E 20 11.40 0.88 -2.54
C SER E 20 12.81 0.63 -2.00
N ARG E 21 13.29 -0.58 -2.15
CA ARG E 21 14.66 -0.95 -1.82
C ARG E 21 15.55 -0.74 -3.06
N MET E 22 16.71 -0.14 -2.86
CA MET E 22 17.71 0.00 -3.92
C MET E 22 18.95 -0.76 -3.48
N HIS E 23 19.52 -1.50 -4.43
CA HIS E 23 20.73 -2.30 -4.20
C HIS E 23 21.94 -1.49 -4.60
N TYR E 24 23.03 -1.67 -3.85
CA TYR E 24 24.29 -1.03 -4.25
C TYR E 24 25.47 -1.86 -3.79
N VAL E 25 26.54 -1.77 -4.61
CA VAL E 25 27.88 -2.19 -4.16
C VAL E 25 28.47 -1.13 -3.27
N ASP E 26 29.15 -1.58 -2.22
CA ASP E 26 29.81 -0.63 -1.31
C ASP E 26 31.07 -1.31 -0.81
N VAL E 27 32.24 -0.84 -1.30
CA VAL E 27 33.50 -1.47 -0.88
C VAL E 27 34.52 -0.35 -0.66
N GLY E 28 35.73 -0.73 -0.16
CA GLY E 28 36.77 0.24 0.05
C GLY E 28 36.70 0.90 1.43
N PRO E 29 37.62 1.82 1.71
CA PRO E 29 37.63 2.52 3.02
C PRO E 29 36.33 3.28 3.25
N ARG E 30 36.02 3.51 4.53
CA ARG E 30 34.72 4.06 4.91
C ARG E 30 34.66 5.58 4.90
N ASP E 31 35.81 6.24 4.73
CA ASP E 31 35.89 7.68 4.78
C ASP E 31 36.57 8.17 3.51
N GLY E 32 37.04 9.41 3.54
CA GLY E 32 37.53 10.04 2.31
C GLY E 32 36.36 10.40 1.39
N THR E 33 36.74 10.80 0.17
CA THR E 33 35.74 11.14 -0.83
C THR E 33 35.32 9.87 -1.50
N PRO E 34 34.05 9.52 -1.48
CA PRO E 34 33.62 8.30 -2.14
C PRO E 34 33.56 8.53 -3.63
N VAL E 35 33.73 7.43 -4.32
CA VAL E 35 33.64 7.40 -5.79
C VAL E 35 32.32 6.69 -6.11
N LEU E 36 31.43 7.41 -6.81
CA LEU E 36 30.06 6.96 -7.05
C LEU E 36 29.94 6.60 -8.52
N PHE E 37 29.70 5.31 -8.81
CA PHE E 37 29.70 4.76 -10.18
C PHE E 37 28.24 4.63 -10.63
N LEU E 38 27.88 5.26 -11.74
CA LEU E 38 26.50 5.28 -12.24
C LEU E 38 26.40 4.67 -13.65
N HIS E 39 25.77 3.49 -13.72
CA HIS E 39 25.46 2.79 -14.97
C HIS E 39 24.26 3.42 -15.67
N GLY E 40 24.03 2.93 -16.89
CA GLY E 40 22.87 3.36 -17.68
C GLY E 40 22.11 2.17 -18.22
N ASN E 41 21.60 2.34 -19.46
CA ASN E 41 20.73 1.36 -20.06
C ASN E 41 21.54 0.35 -20.87
N PRO E 42 21.29 -0.96 -20.83
CA PRO E 42 20.36 -1.74 -19.98
C PRO E 42 21.13 -2.45 -18.89
N THR E 43 22.08 -1.74 -18.24
CA THR E 43 23.06 -2.44 -17.39
C THR E 43 22.73 -2.29 -15.91
N SER E 44 23.74 -2.35 -15.07
CA SER E 44 23.58 -2.31 -13.62
C SER E 44 24.98 -2.09 -13.05
N SER E 45 25.10 -2.19 -11.72
CA SER E 45 26.44 -2.15 -11.13
C SER E 45 27.36 -3.25 -11.66
N TYR E 46 26.79 -4.31 -12.29
CA TYR E 46 27.61 -5.34 -12.91
C TYR E 46 28.55 -4.76 -13.96
N LEU E 47 28.13 -3.69 -14.62
CA LEU E 47 29.00 -3.06 -15.64
C LEU E 47 30.31 -2.53 -15.06
N TRP E 48 30.36 -2.25 -13.77
CA TRP E 48 31.56 -1.71 -13.15
C TRP E 48 32.39 -2.77 -12.42
N ARG E 49 31.99 -4.06 -12.53
CA ARG E 49 32.58 -5.10 -11.68
C ARG E 49 34.10 -5.20 -11.82
N ASN E 50 34.65 -4.90 -12.98
CA ASN E 50 36.09 -5.07 -13.20
C ASN E 50 36.83 -3.77 -13.09
N ILE E 51 36.12 -2.68 -12.86
CA ILE E 51 36.74 -1.37 -12.71
C ILE E 51 36.88 -0.99 -11.25
N ILE E 52 35.85 -1.28 -10.46
CA ILE E 52 35.87 -1.00 -9.03
C ILE E 52 37.10 -1.56 -8.33
N PRO E 53 37.55 -2.78 -8.61
CA PRO E 53 38.68 -3.33 -7.84
C PRO E 53 39.95 -2.50 -7.96
N HIS E 54 40.07 -1.69 -9.01
CA HIS E 54 41.24 -0.83 -9.12
C HIS E 54 41.19 0.38 -8.21
N VAL E 55 39.99 0.77 -7.79
CA VAL E 55 39.75 2.01 -7.06
C VAL E 55 39.55 1.69 -5.58
N ALA E 56 38.93 0.53 -5.27
CA ALA E 56 38.61 0.14 -3.88
C ALA E 56 39.79 0.17 -2.89
N PRO E 57 41.03 -0.12 -3.30
CA PRO E 57 42.13 -0.09 -2.30
C PRO E 57 42.27 1.26 -1.64
N SER E 58 42.02 2.33 -2.37
CA SER E 58 42.27 3.66 -1.84
C SER E 58 41.01 4.52 -1.62
N HIS E 59 39.85 4.16 -2.21
CA HIS E 59 38.67 5.01 -2.07
C HIS E 59 37.44 4.15 -1.84
N ARG E 60 36.51 4.70 -1.09
CA ARG E 60 35.18 4.08 -1.01
C ARG E 60 34.58 4.04 -2.41
N CYS E 61 34.03 2.90 -2.79
CA CYS E 61 33.36 2.77 -4.09
C CYS E 61 31.91 2.39 -3.86
N ILE E 62 30.99 3.17 -4.45
CA ILE E 62 29.56 3.00 -4.24
C ILE E 62 28.97 2.89 -5.63
N ALA E 63 28.25 1.80 -5.91
CA ALA E 63 27.66 1.62 -7.25
C ALA E 63 26.22 1.18 -7.13
N PRO E 64 25.27 2.11 -7.17
CA PRO E 64 23.86 1.72 -7.09
C PRO E 64 23.35 1.11 -8.38
N ASP E 65 22.31 0.28 -8.22
CA ASP E 65 21.48 -0.14 -9.36
C ASP E 65 20.32 0.85 -9.42
N LEU E 66 20.15 1.51 -10.58
CA LEU E 66 19.07 2.46 -10.77
C LEU E 66 17.74 1.79 -10.49
N ILE E 67 16.76 2.59 -10.13
CA ILE E 67 15.45 2.00 -9.82
C ILE E 67 14.94 1.20 -11.04
N GLY E 68 14.31 0.04 -10.76
CA GLY E 68 13.85 -0.83 -11.84
C GLY E 68 14.93 -1.66 -12.52
N MET E 69 16.16 -1.60 -12.04
CA MET E 69 17.28 -2.23 -12.71
C MET E 69 18.13 -3.00 -11.72
N GLY E 70 18.98 -3.91 -12.27
CA GLY E 70 19.88 -4.66 -11.39
C GLY E 70 19.08 -5.38 -10.30
N LYS E 71 19.57 -5.29 -9.07
CA LYS E 71 18.90 -5.89 -7.92
C LYS E 71 18.02 -4.91 -7.18
N SER E 72 17.81 -3.70 -7.70
CA SER E 72 16.89 -2.78 -7.04
C SER E 72 15.44 -3.15 -7.32
N ASP E 73 14.57 -2.61 -6.48
CA ASP E 73 13.15 -2.91 -6.60
C ASP E 73 12.54 -2.36 -7.90
N LYS E 74 11.30 -2.79 -8.17
CA LYS E 74 10.59 -2.48 -9.42
C LYS E 74 9.24 -1.82 -9.13
N PRO E 75 9.24 -0.60 -8.61
CA PRO E 75 7.96 0.08 -8.38
C PRO E 75 7.24 0.38 -9.68
N ASP E 76 5.92 0.65 -9.52
CA ASP E 76 5.07 0.93 -10.68
C ASP E 76 5.23 2.38 -11.11
N LEU E 77 6.28 2.64 -11.89
CA LEU E 77 6.63 3.95 -12.41
C LEU E 77 6.53 3.93 -13.93
N ASP E 78 6.47 5.14 -14.51
CA ASP E 78 6.72 5.31 -15.93
C ASP E 78 8.19 5.11 -16.26
N TYR E 79 9.08 5.23 -15.26
CA TYR E 79 10.53 5.13 -15.52
C TYR E 79 10.99 6.21 -16.50
N ARG E 80 10.37 7.38 -16.42
CA ARG E 80 10.91 8.54 -17.14
C ARG E 80 12.18 9.03 -16.46
N PHE E 81 12.88 9.93 -17.16
CA PHE E 81 14.15 10.43 -16.63
C PHE E 81 13.96 11.03 -15.23
N ASP E 82 12.90 11.84 -15.03
CA ASP E 82 12.70 12.42 -13.70
C ASP E 82 12.46 11.38 -12.62
N ASP E 83 11.88 10.21 -12.96
CA ASP E 83 11.77 9.16 -11.92
C ASP E 83 13.17 8.74 -11.46
N HIS E 84 14.08 8.55 -12.44
CA HIS E 84 15.45 8.12 -12.06
C HIS E 84 16.13 9.21 -11.29
N VAL E 85 15.86 10.47 -11.66
CA VAL E 85 16.45 11.61 -10.93
C VAL E 85 16.01 11.55 -9.47
N ARG E 86 14.72 11.36 -9.24
CA ARG E 86 14.21 11.35 -7.87
C ARG E 86 14.80 10.23 -7.03
N TYR E 87 14.83 9.00 -7.58
CA TYR E 87 15.34 7.88 -6.80
C TYR E 87 16.86 8.00 -6.56
N LEU E 88 17.62 8.41 -7.58
CA LEU E 88 19.06 8.56 -7.32
C LEU E 88 19.31 9.70 -6.33
N ASP E 89 18.58 10.83 -6.44
CA ASP E 89 18.69 11.89 -5.45
C ASP E 89 18.45 11.35 -4.04
N ALA E 90 17.42 10.51 -3.91
CA ALA E 90 17.07 9.96 -2.62
C ALA E 90 18.13 8.98 -2.13
N PHE E 91 18.68 8.19 -3.04
CA PHE E 91 19.74 7.25 -2.71
C PHE E 91 20.97 7.96 -2.17
N ILE E 92 21.39 9.02 -2.86
CA ILE E 92 22.57 9.80 -2.41
C ILE E 92 22.33 10.38 -1.03
N GLU E 93 21.14 10.96 -0.84
CA GLU E 93 20.73 11.48 0.46
C GLU E 93 20.71 10.42 1.54
N ALA E 94 20.23 9.21 1.20
CA ALA E 94 20.11 8.16 2.20
C ALA E 94 21.48 7.67 2.69
N LEU E 95 22.48 7.67 1.80
N LEU E 95 22.48 7.69 1.82
CA LEU E 95 23.85 7.31 2.18
CA LEU E 95 23.84 7.31 2.21
C LEU E 95 24.56 8.44 2.90
C LEU E 95 24.62 8.47 2.83
N GLY E 96 23.99 9.65 2.90
CA GLY E 96 24.61 10.78 3.56
C GLY E 96 25.85 11.26 2.88
N LEU E 97 25.92 11.09 1.56
CA LEU E 97 27.10 11.53 0.86
C LEU E 97 27.18 13.06 0.97
N GLU E 98 28.40 13.55 1.16
CA GLU E 98 28.69 14.98 1.13
C GLU E 98 29.38 15.28 -0.20
N GLU E 99 30.68 15.20 -0.24
CA GLU E 99 31.45 15.37 -1.48
C GLU E 99 31.61 14.00 -2.13
N VAL E 100 31.77 13.98 -3.47
CA VAL E 100 31.89 12.72 -4.20
C VAL E 100 32.75 12.95 -5.45
N VAL E 101 33.31 11.87 -5.97
CA VAL E 101 33.84 11.82 -7.34
C VAL E 101 32.86 10.96 -8.11
N LEU E 102 32.42 11.43 -9.28
CA LEU E 102 31.44 10.68 -10.09
C LEU E 102 32.18 9.90 -11.18
N VAL E 103 31.73 8.67 -11.47
CA VAL E 103 32.26 7.85 -12.60
C VAL E 103 31.01 7.38 -13.35
N ILE E 104 30.80 7.87 -14.57
CA ILE E 104 29.44 7.82 -15.13
C ILE E 104 29.44 7.45 -16.61
N HIS E 105 28.33 6.86 -17.03
CA HIS E 105 28.20 6.31 -18.38
C HIS E 105 26.76 6.42 -18.85
N ASP E 106 26.51 6.71 -20.13
CA ASP E 106 25.15 6.57 -20.71
C ASP E 106 24.13 7.32 -19.84
N TRP E 107 22.97 6.72 -19.52
CA TRP E 107 21.99 7.47 -18.76
C TRP E 107 22.51 7.77 -17.37
N GLY E 108 23.44 6.96 -16.86
CA GLY E 108 24.14 7.30 -15.62
C GLY E 108 24.87 8.62 -15.72
N SER E 109 25.37 8.96 -16.92
CA SER E 109 26.02 10.26 -17.07
C SER E 109 25.03 11.39 -17.14
N ALA E 110 23.86 11.18 -17.78
CA ALA E 110 22.86 12.24 -17.68
C ALA E 110 22.44 12.48 -16.23
N LEU E 111 22.22 11.39 -15.48
CA LEU E 111 21.90 11.53 -14.06
C LEU E 111 23.05 12.21 -13.30
N GLY E 112 24.28 11.77 -13.54
CA GLY E 112 25.41 12.30 -12.78
C GLY E 112 25.73 13.75 -13.11
N PHE E 113 25.75 14.11 -14.39
CA PHE E 113 25.99 15.51 -14.75
C PHE E 113 24.86 16.41 -14.28
N HIS E 114 23.60 15.93 -14.34
CA HIS E 114 22.51 16.75 -13.83
C HIS E 114 22.59 16.94 -12.31
N TRP E 115 22.97 15.88 -11.58
CA TRP E 115 23.19 16.06 -10.13
C TRP E 115 24.39 17.00 -9.85
N ALA E 116 25.46 16.86 -10.64
CA ALA E 116 26.63 17.70 -10.43
C ALA E 116 26.28 19.18 -10.67
N LYS E 117 25.57 19.48 -11.76
CA LYS E 117 25.19 20.87 -12.01
C LYS E 117 24.39 21.43 -10.84
N ARG E 118 23.52 20.59 -10.22
CA ARG E 118 22.76 21.05 -9.05
C ARG E 118 23.56 21.09 -7.75
N ASN E 119 24.69 20.38 -7.67
CA ASN E 119 25.47 20.21 -6.45
C ASN E 119 26.96 20.48 -6.73
N PRO E 120 27.30 21.64 -7.30
CA PRO E 120 28.66 21.77 -7.87
C PRO E 120 29.74 21.74 -6.83
N GLU E 121 29.50 22.23 -5.62
CA GLU E 121 30.54 22.19 -4.59
C GLU E 121 30.71 20.82 -3.98
N ARG E 122 29.81 19.88 -4.25
CA ARG E 122 29.94 18.53 -3.75
C ARG E 122 30.70 17.63 -4.70
N VAL E 123 31.01 18.09 -5.91
CA VAL E 123 31.65 17.25 -6.92
C VAL E 123 33.13 17.58 -6.99
N LYS E 124 33.97 16.60 -6.62
CA LYS E 124 35.42 16.80 -6.58
C LYS E 124 36.06 16.40 -7.89
N GLY E 125 35.35 15.64 -8.73
CA GLY E 125 35.89 15.20 -10.00
C GLY E 125 34.82 14.39 -10.73
N ILE E 126 34.86 14.38 -12.07
CA ILE E 126 33.94 13.54 -12.85
C ILE E 126 34.73 12.76 -13.90
N ALA E 127 34.68 11.42 -13.83
CA ALA E 127 35.19 10.57 -14.91
C ALA E 127 34.00 10.09 -15.72
N PHE E 128 34.10 10.16 -17.04
CA PHE E 128 32.92 9.87 -17.83
C PHE E 128 33.34 9.27 -19.18
N MET E 129 32.40 8.56 -19.80
CA MET E 129 32.68 7.85 -21.04
C MET E 129 31.36 7.54 -21.71
N GLU E 130 31.34 7.66 -23.03
CA GLU E 130 30.14 7.29 -23.81
C GLU E 130 28.88 7.83 -23.14
N PHE E 131 28.87 9.15 -22.99
CA PHE E 131 27.90 9.86 -22.17
C PHE E 131 26.85 10.54 -23.04
N ILE E 132 25.77 10.98 -22.41
N ILE E 132 25.73 10.93 -22.40
CA ILE E 132 24.66 11.56 -23.15
CA ILE E 132 24.61 11.58 -23.08
C ILE E 132 24.87 13.05 -23.37
C ILE E 132 24.95 13.05 -23.36
N ARG E 133 24.87 13.45 -24.63
CA ARG E 133 24.97 14.83 -25.06
C ARG E 133 23.84 15.06 -26.06
N PRO E 134 23.53 16.31 -26.37
CA PRO E 134 22.49 16.56 -27.38
C PRO E 134 22.99 16.11 -28.75
N ILE E 135 22.17 15.31 -29.42
CA ILE E 135 22.51 14.81 -30.76
C ILE E 135 21.79 15.68 -31.77
N PRO E 136 22.50 16.45 -32.63
CA PRO E 136 21.81 17.46 -33.44
C PRO E 136 20.73 16.86 -34.36
N THR E 137 21.08 15.80 -35.09
CA THR E 137 20.15 15.13 -35.99
C THR E 137 20.48 13.64 -35.95
N TRP E 138 19.57 12.84 -36.53
CA TRP E 138 19.86 11.42 -36.67
C TRP E 138 21.13 11.15 -37.48
N ASP E 139 21.62 12.10 -38.26
CA ASP E 139 22.84 11.78 -38.99
C ASP E 139 24.07 11.81 -38.10
N GLU E 140 23.96 12.31 -36.86
CA GLU E 140 25.05 12.21 -35.90
C GLU E 140 24.95 10.97 -35.01
N TRP E 141 23.88 10.19 -35.17
CA TRP E 141 23.80 8.86 -34.62
C TRP E 141 24.49 7.89 -35.58
N PRO E 142 25.32 6.95 -35.10
CA PRO E 142 26.05 6.06 -36.04
C PRO E 142 25.15 5.27 -36.97
N GLU E 143 25.49 5.31 -38.28
CA GLU E 143 24.80 4.51 -39.30
C GLU E 143 24.41 3.09 -38.85
N PHE E 144 25.38 2.35 -38.29
CA PHE E 144 25.12 0.94 -38.05
C PHE E 144 24.07 0.69 -36.95
N ALA E 145 23.69 1.69 -36.16
CA ALA E 145 22.66 1.46 -35.14
C ALA E 145 21.44 2.36 -35.32
N ARG E 146 21.41 3.14 -36.41
CA ARG E 146 20.41 4.19 -36.57
C ARG E 146 19.00 3.59 -36.71
N GLU E 147 18.84 2.62 -37.62
CA GLU E 147 17.52 2.03 -37.84
C GLU E 147 16.95 1.47 -36.53
N LEU E 148 17.81 0.85 -35.71
CA LEU E 148 17.31 0.26 -34.49
C LEU E 148 16.81 1.32 -33.53
N PHE E 149 17.62 2.38 -33.32
CA PHE E 149 17.20 3.38 -32.35
C PHE E 149 16.03 4.20 -32.87
N GLN E 150 15.91 4.32 -34.21
CA GLN E 150 14.73 4.99 -34.75
C GLN E 150 13.50 4.12 -34.55
N ALA E 151 13.68 2.80 -34.65
CA ALA E 151 12.55 1.92 -34.38
C ALA E 151 12.19 1.92 -32.91
N PHE E 152 13.19 2.08 -32.01
CA PHE E 152 12.83 2.11 -30.60
C PHE E 152 11.92 3.27 -30.30
N ARG E 153 12.09 4.37 -31.03
CA ARG E 153 11.30 5.58 -30.82
C ARG E 153 10.06 5.65 -31.71
N THR E 154 9.70 4.56 -32.33
CA THR E 154 8.52 4.51 -33.22
C THR E 154 7.35 3.89 -32.46
N PRO E 155 6.16 4.50 -32.42
CA PRO E 155 5.05 3.89 -31.69
C PRO E 155 4.80 2.43 -32.10
N ASP E 156 4.52 1.61 -31.09
CA ASP E 156 4.28 0.17 -31.15
C ASP E 156 5.50 -0.68 -31.47
N VAL E 157 6.17 -0.35 -32.59
CA VAL E 157 7.36 -1.08 -33.04
C VAL E 157 8.39 -1.11 -31.92
N GLY E 158 8.64 0.05 -31.33
CA GLY E 158 9.66 0.12 -30.28
C GLY E 158 9.35 -0.77 -29.10
N ARG E 159 8.09 -0.78 -28.66
CA ARG E 159 7.71 -1.67 -27.56
C ARG E 159 7.79 -3.12 -27.98
N GLU E 160 7.39 -3.45 -29.22
CA GLU E 160 7.55 -4.83 -29.66
C GLU E 160 9.01 -5.25 -29.58
N LEU E 161 9.95 -4.42 -30.07
CA LEU E 161 11.36 -4.81 -30.04
C LEU E 161 11.88 -4.97 -28.61
N ILE E 162 11.64 -3.96 -27.77
CA ILE E 162 12.33 -3.87 -26.48
C ILE E 162 11.60 -4.67 -25.41
N ILE E 163 10.26 -4.57 -25.36
CA ILE E 163 9.50 -5.29 -24.34
C ILE E 163 9.28 -6.75 -24.75
N ASP E 164 8.75 -6.96 -25.97
CA ASP E 164 8.37 -8.33 -26.37
C ASP E 164 9.58 -9.18 -26.71
N TYR E 165 10.54 -8.62 -27.48
CA TYR E 165 11.69 -9.40 -27.93
C TYR E 165 12.97 -9.11 -27.14
N ASN E 166 12.90 -8.20 -26.15
CA ASN E 166 14.05 -7.92 -25.26
C ASN E 166 15.29 -7.46 -26.02
N ALA E 167 15.05 -6.62 -27.06
CA ALA E 167 16.10 -6.23 -28.00
C ALA E 167 17.23 -5.45 -27.33
N PHE E 168 16.94 -4.70 -26.26
CA PHE E 168 18.04 -3.91 -25.69
C PHE E 168 19.05 -4.81 -25.01
N ILE E 169 18.60 -5.93 -24.44
CA ILE E 169 19.49 -6.91 -23.86
C ILE E 169 20.11 -7.81 -24.93
N GLU E 170 19.27 -8.38 -25.81
CA GLU E 170 19.73 -9.44 -26.69
C GLU E 170 20.41 -8.90 -27.94
N ILE E 171 20.08 -7.69 -28.39
CA ILE E 171 20.73 -7.09 -29.56
C ILE E 171 21.73 -6.02 -29.15
N ILE E 172 21.25 -4.95 -28.50
CA ILE E 172 22.07 -3.75 -28.33
C ILE E 172 23.30 -4.07 -27.50
N LEU E 173 23.12 -4.76 -26.38
CA LEU E 173 24.28 -4.96 -25.51
C LEU E 173 25.44 -5.62 -26.25
N PRO E 174 25.30 -6.81 -26.87
CA PRO E 174 26.45 -7.38 -27.59
C PRO E 174 26.85 -6.57 -28.82
N LYS E 175 25.91 -5.90 -29.49
CA LYS E 175 26.25 -5.03 -30.64
C LYS E 175 27.22 -3.91 -30.26
N PHE E 176 27.12 -3.40 -29.03
CA PHE E 176 27.88 -2.23 -28.59
C PHE E 176 29.10 -2.61 -27.72
N VAL E 177 29.54 -3.87 -27.78
CA VAL E 177 30.80 -4.32 -27.21
C VAL E 177 31.61 -4.91 -28.36
N VAL E 178 32.91 -4.54 -28.45
CA VAL E 178 33.66 -5.02 -29.59
C VAL E 178 34.01 -6.48 -29.44
N ARG E 179 34.54 -6.85 -28.30
CA ARG E 179 34.82 -8.24 -28.05
C ARG E 179 33.51 -8.98 -27.80
N PRO E 180 33.49 -10.30 -27.97
CA PRO E 180 32.24 -11.05 -27.72
C PRO E 180 31.94 -11.26 -26.24
N LEU E 181 30.70 -10.94 -25.84
CA LEU E 181 30.30 -11.19 -24.46
C LEU E 181 30.09 -12.69 -24.26
N THR E 182 30.41 -13.20 -23.08
CA THR E 182 30.19 -14.61 -22.82
C THR E 182 28.76 -14.86 -22.34
N GLU E 183 28.36 -16.13 -22.41
CA GLU E 183 27.03 -16.50 -21.94
C GLU E 183 26.88 -16.13 -20.47
N GLU E 184 27.95 -16.31 -19.69
CA GLU E 184 27.83 -15.98 -18.26
C GLU E 184 27.56 -14.49 -18.06
N GLU E 185 28.26 -13.64 -18.82
CA GLU E 185 28.03 -12.20 -18.73
C GLU E 185 26.61 -11.82 -19.20
N MET E 186 26.17 -12.35 -20.35
CA MET E 186 24.80 -12.11 -20.79
C MET E 186 23.80 -12.57 -19.74
N ASP E 187 24.05 -13.70 -19.08
CA ASP E 187 23.07 -14.14 -18.07
C ASP E 187 22.99 -13.17 -16.87
N HIS E 188 24.13 -12.59 -16.45
CA HIS E 188 24.05 -11.54 -15.44
C HIS E 188 23.19 -10.38 -15.92
N TYR E 189 23.39 -9.94 -17.18
CA TYR E 189 22.65 -8.79 -17.66
C TYR E 189 21.16 -9.11 -17.87
N ARG E 190 20.86 -10.36 -18.21
CA ARG E 190 19.49 -10.81 -18.43
C ARG E 190 18.70 -10.86 -17.11
N GLU E 191 19.36 -11.13 -15.98
CA GLU E 191 18.64 -11.49 -14.75
C GLU E 191 17.52 -10.51 -14.37
N PRO E 192 17.68 -9.17 -14.46
CA PRO E 192 16.61 -8.27 -13.99
C PRO E 192 15.44 -8.16 -14.94
N PHE E 193 15.53 -8.77 -16.14
CA PHE E 193 14.59 -8.53 -17.22
C PHE E 193 14.01 -9.82 -17.78
N LEU E 194 14.08 -10.92 -17.03
CA LEU E 194 13.61 -12.22 -17.54
C LEU E 194 12.13 -12.21 -17.89
N LYS E 195 11.33 -11.37 -17.20
CA LYS E 195 9.90 -11.27 -17.53
C LYS E 195 9.57 -9.95 -18.22
N PRO E 196 8.67 -9.95 -19.21
CA PRO E 196 8.40 -8.73 -19.98
C PRO E 196 7.89 -7.57 -19.14
N GLU E 197 7.19 -7.86 -18.02
CA GLU E 197 6.60 -6.79 -17.22
C GLU E 197 7.67 -5.99 -16.45
N TRP E 198 8.92 -6.42 -16.60
CA TRP E 198 10.06 -5.76 -15.99
C TRP E 198 10.82 -4.85 -16.95
N ARG E 199 10.40 -4.77 -18.21
CA ARG E 199 11.27 -4.17 -19.22
C ARG E 199 10.91 -2.73 -19.56
N GLU E 200 9.95 -2.11 -18.84
CA GLU E 200 9.60 -0.72 -19.13
C GLU E 200 10.80 0.24 -19.10
N PRO E 201 11.74 0.14 -18.15
CA PRO E 201 12.84 1.10 -18.14
C PRO E 201 13.64 1.08 -19.40
N LEU E 202 13.75 -0.13 -19.97
CA LEU E 202 14.60 -0.34 -21.17
C LEU E 202 14.01 0.36 -22.38
N TRP E 203 12.68 0.47 -22.46
CA TRP E 203 12.03 1.14 -23.56
C TRP E 203 11.98 2.65 -23.32
N ARG E 204 11.74 3.06 -22.05
CA ARG E 204 11.59 4.50 -21.83
C ARG E 204 12.93 5.22 -22.07
N PHE E 205 14.07 4.58 -21.76
CA PHE E 205 15.34 5.29 -21.92
C PHE E 205 15.61 5.73 -23.37
N PRO E 206 15.52 4.88 -24.40
CA PRO E 206 15.80 5.41 -25.74
C PRO E 206 14.78 6.43 -26.19
N ASN E 207 13.56 6.38 -25.63
CA ASN E 207 12.56 7.38 -25.93
C ASN E 207 12.80 8.68 -25.22
N GLU E 208 13.79 8.73 -24.33
CA GLU E 208 14.21 9.99 -23.73
C GLU E 208 15.47 10.59 -24.35
N LEU E 209 16.14 9.91 -25.26
CA LEU E 209 17.44 10.40 -25.76
C LEU E 209 17.24 11.77 -26.42
N PRO E 210 18.16 12.72 -26.22
CA PRO E 210 17.93 14.05 -26.77
C PRO E 210 18.39 14.16 -28.21
N ILE E 211 17.46 14.09 -29.18
CA ILE E 211 17.83 14.04 -30.59
C ILE E 211 17.00 15.06 -31.33
N ASN E 212 17.66 16.00 -32.00
CA ASN E 212 17.01 17.05 -32.79
C ASN E 212 15.91 17.76 -32.00
N GLY E 213 16.25 18.18 -30.79
CA GLY E 213 15.32 18.91 -29.96
C GLY E 213 14.31 18.08 -29.20
N GLU E 214 14.29 16.76 -29.39
CA GLU E 214 13.19 16.01 -28.79
C GLU E 214 13.66 14.78 -28.01
N PRO E 215 13.07 14.53 -26.85
CA PRO E 215 12.04 15.34 -26.20
C PRO E 215 12.59 16.67 -25.66
N ALA E 216 11.74 17.70 -25.66
CA ALA E 216 12.24 19.04 -25.40
C ALA E 216 12.74 19.17 -23.97
N ASP E 217 12.06 18.55 -23.02
CA ASP E 217 12.53 18.69 -21.64
C ASP E 217 13.93 18.08 -21.46
N ILE E 218 14.17 16.86 -21.99
CA ILE E 218 15.51 16.27 -21.83
C ILE E 218 16.55 17.07 -22.61
N TRP E 219 16.20 17.50 -23.85
CA TRP E 219 17.10 18.33 -24.62
C TRP E 219 17.57 19.53 -23.80
N ALA E 220 16.61 20.25 -23.17
CA ALA E 220 17.01 21.42 -22.39
C ALA E 220 17.88 21.05 -21.19
N LEU E 221 17.52 19.97 -20.49
CA LEU E 221 18.28 19.57 -19.30
C LEU E 221 19.72 19.21 -19.65
N VAL E 222 19.88 18.46 -20.73
CA VAL E 222 21.19 18.02 -21.20
C VAL E 222 22.01 19.21 -21.70
N GLU E 223 21.41 20.09 -22.50
CA GLU E 223 22.13 21.32 -22.89
C GLU E 223 22.57 22.08 -21.65
N ALA E 224 21.73 22.11 -20.62
CA ALA E 224 22.11 22.87 -19.42
C ALA E 224 23.30 22.25 -18.72
N TYR E 225 23.34 20.93 -18.58
CA TYR E 225 24.53 20.43 -17.89
C TYR E 225 25.73 20.43 -18.79
N MET E 226 25.56 20.44 -20.12
CA MET E 226 26.75 20.58 -20.94
C MET E 226 27.32 21.99 -20.83
N ASN E 227 26.45 22.97 -20.72
CA ASN E 227 26.95 24.33 -20.50
C ASN E 227 27.66 24.43 -19.15
N TRP E 228 27.09 23.82 -18.12
CA TRP E 228 27.77 23.76 -16.85
C TRP E 228 29.18 23.15 -17.00
N LEU E 229 29.25 22.00 -17.67
CA LEU E 229 30.50 21.28 -17.81
C LEU E 229 31.56 22.12 -18.55
N HIS E 230 31.15 22.85 -19.59
CA HIS E 230 32.04 23.77 -20.32
C HIS E 230 32.54 24.90 -19.43
N GLN E 231 31.74 25.34 -18.45
CA GLN E 231 32.16 26.45 -17.57
C GLN E 231 32.94 26.02 -16.34
N SER E 232 32.72 24.78 -15.90
CA SER E 232 33.17 24.40 -14.57
C SER E 232 34.66 24.08 -14.54
N PRO E 233 35.38 24.50 -13.49
CA PRO E 233 36.79 24.10 -13.36
C PRO E 233 36.98 22.72 -12.75
N VAL E 234 35.91 21.96 -12.50
CA VAL E 234 36.04 20.65 -11.81
C VAL E 234 36.99 19.74 -12.57
N PRO E 235 37.82 18.96 -11.90
CA PRO E 235 38.65 17.96 -12.62
C PRO E 235 37.76 17.00 -13.42
N LYS E 236 38.18 16.73 -14.68
CA LYS E 236 37.43 15.83 -15.53
C LYS E 236 38.38 14.81 -16.17
N LEU E 237 37.84 13.60 -16.36
CA LEU E 237 38.56 12.52 -17.04
C LEU E 237 37.62 11.85 -18.04
N LEU E 238 37.94 11.91 -19.34
CA LEU E 238 37.16 11.31 -20.41
C LEU E 238 37.86 10.06 -20.93
N PHE E 239 37.12 8.96 -21.04
CA PHE E 239 37.60 7.78 -21.75
C PHE E 239 36.85 7.68 -23.06
N TRP E 240 37.53 7.33 -24.16
CA TRP E 240 36.84 7.16 -25.42
C TRP E 240 37.49 6.01 -26.18
N GLY E 241 36.71 5.36 -27.05
CA GLY E 241 37.20 4.28 -27.88
C GLY E 241 36.83 4.52 -29.33
N THR E 242 37.39 3.67 -30.17
CA THR E 242 37.15 3.77 -31.60
C THR E 242 36.39 2.54 -32.08
N PRO E 243 35.34 2.72 -32.88
CA PRO E 243 34.83 4.03 -33.36
C PRO E 243 33.93 4.81 -32.44
N GLY E 244 33.60 4.24 -31.29
CA GLY E 244 32.67 4.91 -30.40
C GLY E 244 31.25 4.79 -30.94
N VAL E 245 30.32 5.29 -30.13
CA VAL E 245 28.91 5.41 -30.53
C VAL E 245 28.45 6.83 -30.26
N LEU E 246 28.38 7.21 -28.98
CA LEU E 246 28.00 8.57 -28.64
C LEU E 246 29.16 9.54 -28.75
N ILE E 247 30.39 9.06 -28.55
CA ILE E 247 31.58 9.90 -28.47
C ILE E 247 32.63 9.39 -29.46
N PRO E 248 32.49 9.70 -30.74
CA PRO E 248 33.52 9.35 -31.70
C PRO E 248 34.74 10.24 -31.52
N PRO E 249 35.85 9.92 -32.19
CA PRO E 249 37.08 10.72 -31.97
C PRO E 249 36.90 12.22 -32.17
N ALA E 250 36.20 12.67 -33.24
CA ALA E 250 36.06 14.13 -33.42
C ALA E 250 35.38 14.79 -32.22
N GLU E 251 34.43 14.06 -31.57
CA GLU E 251 33.79 14.60 -30.37
C GLU E 251 34.76 14.63 -29.19
N ALA E 252 35.60 13.61 -29.04
CA ALA E 252 36.63 13.66 -28.01
C ALA E 252 37.47 14.92 -28.17
N ALA E 253 37.83 15.25 -29.43
CA ALA E 253 38.65 16.44 -29.68
C ALA E 253 37.91 17.73 -29.37
N ARG E 254 36.61 17.79 -29.73
CA ARG E 254 35.81 18.98 -29.41
C ARG E 254 35.75 19.17 -27.90
N LEU E 255 35.67 18.06 -27.17
CA LEU E 255 35.61 18.20 -25.72
C LEU E 255 36.95 18.62 -25.15
N ALA E 256 38.07 18.16 -25.76
CA ALA E 256 39.35 18.64 -25.28
C ALA E 256 39.50 20.15 -25.46
N GLU E 257 38.80 20.72 -26.44
CA GLU E 257 38.85 22.18 -26.60
C GLU E 257 37.88 22.91 -25.67
N SER E 258 36.73 22.30 -25.34
CA SER E 258 35.66 23.04 -24.67
C SER E 258 35.61 22.80 -23.17
N LEU E 259 36.25 21.73 -22.66
CA LEU E 259 36.05 21.40 -21.24
C LEU E 259 37.29 21.76 -20.45
N PRO E 260 37.18 22.62 -19.45
CA PRO E 260 38.34 22.94 -18.62
C PRO E 260 38.82 21.73 -17.83
N ASN E 261 40.12 21.69 -17.56
CA ASN E 261 40.67 20.76 -16.57
C ASN E 261 40.37 19.31 -16.94
N LEU E 262 40.53 18.97 -18.22
CA LEU E 262 40.18 17.66 -18.77
C LEU E 262 41.44 16.83 -19.04
N LYS E 263 41.49 15.63 -18.49
CA LYS E 263 42.41 14.59 -18.92
C LYS E 263 41.64 13.62 -19.79
N THR E 264 42.24 13.15 -20.89
CA THR E 264 41.56 12.19 -21.75
C THR E 264 42.41 10.95 -21.96
N VAL E 265 41.77 9.80 -21.94
CA VAL E 265 42.41 8.51 -22.15
C VAL E 265 41.70 7.78 -23.28
N PHE E 266 42.48 7.40 -24.32
CA PHE E 266 41.95 6.54 -25.37
C PHE E 266 42.10 5.09 -24.97
N ILE E 267 41.03 4.29 -25.12
CA ILE E 267 41.05 2.93 -24.58
C ILE E 267 41.26 1.85 -25.62
N GLY E 268 41.45 2.21 -26.90
CA GLY E 268 41.50 1.17 -27.90
C GLY E 268 40.15 0.99 -28.56
N PRO E 269 39.93 -0.19 -29.14
CA PRO E 269 38.62 -0.50 -29.75
C PRO E 269 37.51 -0.35 -28.73
N GLY E 270 36.45 0.31 -29.15
CA GLY E 270 35.32 0.49 -28.23
C GLY E 270 34.15 1.01 -29.00
N LEU E 271 32.94 0.60 -28.58
CA LEU E 271 31.71 1.08 -29.16
C LEU E 271 30.99 1.88 -28.08
N HIS E 272 30.00 1.30 -27.36
CA HIS E 272 29.35 2.06 -26.30
C HIS E 272 29.71 1.58 -24.89
N TYR E 273 29.70 0.26 -24.64
CA TYR E 273 29.96 -0.29 -23.29
C TYR E 273 31.46 -0.50 -23.14
N LEU E 274 32.17 0.64 -23.08
CA LEU E 274 33.65 0.60 -23.08
C LEU E 274 34.19 -0.21 -21.90
N GLN E 275 33.47 -0.25 -20.77
CA GLN E 275 33.88 -1.02 -19.61
C GLN E 275 34.04 -2.50 -19.93
N GLU E 276 33.37 -3.01 -20.96
CA GLU E 276 33.46 -4.43 -21.33
C GLU E 276 34.61 -4.70 -22.29
N ASP E 277 35.16 -3.66 -22.91
CA ASP E 277 36.31 -3.85 -23.81
C ASP E 277 37.64 -3.62 -23.13
N ASN E 278 37.74 -2.66 -22.22
CA ASN E 278 39.03 -2.41 -21.60
C ASN E 278 38.82 -1.93 -20.15
N PRO E 279 38.27 -2.78 -19.30
CA PRO E 279 38.08 -2.37 -17.92
C PRO E 279 39.37 -2.08 -17.20
N ASP E 280 40.47 -2.80 -17.49
CA ASP E 280 41.65 -2.60 -16.67
C ASP E 280 42.26 -1.23 -16.91
N LEU E 281 42.26 -0.76 -18.15
CA LEU E 281 42.81 0.59 -18.36
C LEU E 281 41.91 1.65 -17.75
N ILE E 282 40.59 1.49 -17.92
CA ILE E 282 39.67 2.44 -17.28
C ILE E 282 39.89 2.45 -15.77
N GLY E 283 39.86 1.28 -15.11
CA GLY E 283 40.02 1.28 -13.65
C GLY E 283 41.39 1.81 -13.21
N SER E 284 42.47 1.36 -13.88
CA SER E 284 43.79 1.83 -13.43
C SER E 284 43.98 3.33 -13.66
N GLU E 285 43.40 3.86 -14.75
CA GLU E 285 43.57 5.30 -14.98
C GLU E 285 42.71 6.14 -14.03
N ILE E 286 41.50 5.66 -13.67
CA ILE E 286 40.77 6.36 -12.62
C ILE E 286 41.60 6.39 -11.35
N ALA E 287 42.18 5.24 -10.98
CA ALA E 287 42.95 5.17 -9.72
C ALA E 287 44.17 6.10 -9.76
N ARG E 288 44.83 6.19 -10.92
CA ARG E 288 45.98 7.09 -11.07
C ARG E 288 45.57 8.57 -11.02
N TRP E 289 44.38 8.91 -11.51
CA TRP E 289 43.91 10.29 -11.58
C TRP E 289 43.41 10.81 -10.25
N LEU E 290 42.84 9.94 -9.42
CA LEU E 290 42.28 10.43 -8.16
C LEU E 290 43.26 11.10 -7.22
N PRO E 291 44.50 10.63 -7.05
CA PRO E 291 45.32 11.16 -5.95
C PRO E 291 45.44 12.69 -5.92
N GLU F 3 5.79 11.95 -34.95
CA GLU F 3 4.43 11.97 -35.52
C GLU F 3 3.50 12.92 -34.76
N ILE F 4 2.55 13.52 -35.47
CA ILE F 4 1.70 14.54 -34.86
C ILE F 4 0.74 13.86 -33.88
N GLY F 5 0.71 14.35 -32.64
CA GLY F 5 -0.05 13.67 -31.60
C GLY F 5 -1.55 13.80 -31.82
N THR F 6 -2.29 12.72 -31.45
CA THR F 6 -3.73 12.69 -31.63
C THR F 6 -4.44 12.81 -30.30
N GLY F 7 -3.71 12.65 -29.21
CA GLY F 7 -4.36 12.69 -27.93
C GLY F 7 -4.66 14.10 -27.47
N PHE F 8 -5.48 14.19 -26.42
CA PHE F 8 -5.87 15.46 -25.80
C PHE F 8 -5.67 15.33 -24.31
N PRO F 9 -4.38 15.46 -23.85
CA PRO F 9 -4.02 15.19 -22.45
C PRO F 9 -4.20 16.41 -21.56
N PHE F 10 -5.39 17.00 -21.57
CA PHE F 10 -5.70 18.17 -20.74
C PHE F 10 -6.94 17.91 -19.89
N ASP F 11 -6.79 18.17 -18.60
CA ASP F 11 -7.93 17.97 -17.73
C ASP F 11 -8.98 19.05 -18.02
N PRO F 12 -10.25 18.70 -17.90
CA PRO F 12 -11.33 19.67 -18.20
C PRO F 12 -11.47 20.72 -17.10
N HIS F 13 -11.63 21.99 -17.50
CA HIS F 13 -12.07 23.04 -16.60
C HIS F 13 -13.34 23.66 -17.16
N TYR F 14 -14.25 24.06 -16.27
CA TYR F 14 -15.52 24.66 -16.68
C TYR F 14 -15.76 25.94 -15.90
N VAL F 15 -16.41 26.90 -16.56
CA VAL F 15 -16.86 28.13 -15.92
C VAL F 15 -18.26 28.43 -16.42
N GLU F 16 -19.11 28.91 -15.53
CA GLU F 16 -20.48 29.25 -15.90
C GLU F 16 -20.51 30.69 -16.38
N VAL F 17 -21.08 30.89 -17.57
CA VAL F 17 -21.07 32.15 -18.31
C VAL F 17 -22.49 32.30 -18.86
N LEU F 18 -23.21 33.37 -18.49
CA LEU F 18 -24.52 33.66 -19.12
C LEU F 18 -25.48 32.46 -19.04
N GLY F 19 -25.39 31.70 -17.94
CA GLY F 19 -26.26 30.55 -17.73
C GLY F 19 -25.83 29.24 -18.36
N SER F 20 -24.69 29.20 -19.05
CA SER F 20 -24.18 27.98 -19.68
C SER F 20 -22.77 27.70 -19.18
N ARG F 21 -22.32 26.46 -19.31
CA ARG F 21 -20.97 26.06 -18.92
C ARG F 21 -20.08 26.17 -20.17
N MET F 22 -18.90 26.77 -20.05
CA MET F 22 -17.88 26.78 -21.12
C MET F 22 -16.68 25.99 -20.61
N HIS F 23 -16.22 25.06 -21.45
CA HIS F 23 -15.03 24.25 -21.18
C HIS F 23 -13.77 24.97 -21.65
N TYR F 24 -12.68 24.77 -20.92
CA TYR F 24 -11.41 25.36 -21.33
C TYR F 24 -10.27 24.51 -20.81
N VAL F 25 -9.18 24.53 -21.62
CA VAL F 25 -7.87 24.07 -21.16
C VAL F 25 -7.27 25.17 -20.30
N ASP F 26 -6.58 24.79 -19.23
CA ASP F 26 -5.92 25.76 -18.39
C ASP F 26 -4.70 25.04 -17.82
N VAL F 27 -3.53 25.30 -18.40
CA VAL F 27 -2.28 24.67 -17.92
C VAL F 27 -1.21 25.72 -17.80
N GLY F 28 0.00 25.29 -17.34
CA GLY F 28 1.07 26.23 -17.13
C GLY F 28 0.96 26.90 -15.75
N PRO F 29 1.86 27.86 -15.51
CA PRO F 29 1.84 28.57 -14.21
C PRO F 29 0.51 29.26 -13.96
N ARG F 30 0.18 29.44 -12.70
CA ARG F 30 -1.14 29.96 -12.36
C ARG F 30 -1.21 31.48 -12.36
N ASP F 31 -0.08 32.16 -12.57
CA ASP F 31 -0.06 33.61 -12.62
C ASP F 31 0.69 34.08 -13.87
N GLY F 32 1.01 35.36 -13.92
CA GLY F 32 1.68 35.94 -15.05
C GLY F 32 0.68 36.19 -16.19
N THR F 33 1.20 36.71 -17.28
CA THR F 33 0.36 36.97 -18.46
C THR F 33 -0.02 35.67 -19.11
N PRO F 34 -1.30 35.38 -19.27
CA PRO F 34 -1.70 34.14 -19.93
C PRO F 34 -1.67 34.27 -21.43
N VAL F 35 -1.55 33.13 -22.08
CA VAL F 35 -1.60 33.03 -23.55
C VAL F 35 -2.97 32.41 -23.81
N LEU F 36 -3.81 33.15 -24.51
CA LEU F 36 -5.23 32.80 -24.71
C LEU F 36 -5.34 32.33 -26.15
N PHE F 37 -5.66 31.03 -26.32
CA PHE F 37 -5.74 30.40 -27.65
C PHE F 37 -7.20 30.31 -28.12
N LEU F 38 -7.51 30.86 -29.31
CA LEU F 38 -8.90 30.97 -29.79
C LEU F 38 -9.03 30.24 -31.10
N HIS F 39 -9.75 29.11 -31.05
CA HIS F 39 -10.06 28.32 -32.26
C HIS F 39 -11.21 28.94 -33.03
N GLY F 40 -11.46 28.39 -34.22
CA GLY F 40 -12.63 28.80 -34.99
C GLY F 40 -13.47 27.62 -35.47
N ASN F 41 -13.98 27.75 -36.71
CA ASN F 41 -14.88 26.76 -37.25
C ASN F 41 -14.14 25.64 -37.99
N PRO F 42 -14.49 24.35 -37.86
CA PRO F 42 -15.44 23.69 -36.97
C PRO F 42 -14.70 23.04 -35.81
N THR F 43 -13.73 23.75 -35.21
CA THR F 43 -12.76 23.09 -34.34
C THR F 43 -13.07 23.40 -32.88
N SER F 44 -12.05 23.31 -32.02
CA SER F 44 -12.18 23.48 -30.56
C SER F 44 -10.77 23.66 -30.03
N SER F 45 -10.62 23.65 -28.71
CA SER F 45 -9.26 23.64 -28.13
C SER F 45 -8.43 22.44 -28.63
N TYR F 46 -9.06 21.36 -29.12
CA TYR F 46 -8.33 20.22 -29.68
C TYR F 46 -7.35 20.69 -30.78
N LEU F 47 -7.68 21.76 -31.51
CA LEU F 47 -6.83 22.28 -32.57
C LEU F 47 -5.47 22.75 -32.03
N TRP F 48 -5.43 23.21 -30.78
CA TRP F 48 -4.21 23.70 -30.15
C TRP F 48 -3.43 22.63 -29.39
N ARG F 49 -3.85 21.36 -29.44
CA ARG F 49 -3.33 20.35 -28.50
C ARG F 49 -1.82 20.13 -28.62
N ASN F 50 -1.25 20.29 -29.80
CA ASN F 50 0.19 20.05 -30.00
C ASN F 50 0.98 21.33 -29.99
N ILE F 51 0.31 22.46 -29.82
CA ILE F 51 0.96 23.76 -29.75
C ILE F 51 1.13 24.22 -28.29
N ILE F 52 0.07 24.09 -27.49
CA ILE F 52 0.10 24.42 -26.05
C ILE F 52 1.34 23.86 -25.32
N PRO F 53 1.74 22.59 -25.52
CA PRO F 53 2.85 22.05 -24.71
C PRO F 53 4.15 22.77 -24.92
N HIS F 54 4.35 23.46 -26.06
CA HIS F 54 5.55 24.29 -26.24
C HIS F 54 5.55 25.52 -25.36
N VAL F 55 4.35 25.99 -24.94
CA VAL F 55 4.19 27.27 -24.29
C VAL F 55 3.96 27.10 -22.79
N ALA F 56 3.29 26.02 -22.41
CA ALA F 56 2.92 25.81 -20.99
C ALA F 56 4.09 25.76 -20.00
N PRO F 57 5.33 25.38 -20.37
CA PRO F 57 6.39 25.40 -19.34
C PRO F 57 6.59 26.78 -18.74
N SER F 58 6.40 27.80 -19.53
CA SER F 58 6.75 29.15 -19.13
C SER F 58 5.57 30.11 -18.98
N HIS F 59 4.38 29.79 -19.54
CA HIS F 59 3.26 30.70 -19.48
C HIS F 59 1.98 29.94 -19.24
N ARG F 60 1.12 30.56 -18.48
CA ARG F 60 -0.26 30.05 -18.41
C ARG F 60 -0.86 29.99 -19.80
N CYS F 61 -1.45 28.84 -20.14
CA CYS F 61 -2.16 28.65 -21.41
C CYS F 61 -3.63 28.38 -21.12
N ILE F 62 -4.49 29.16 -21.77
CA ILE F 62 -5.96 29.07 -21.60
C ILE F 62 -6.56 28.90 -22.98
N ALA F 63 -7.33 27.84 -23.18
CA ALA F 63 -7.87 27.60 -24.52
C ALA F 63 -9.33 27.25 -24.33
N PRO F 64 -10.24 28.21 -24.47
CA PRO F 64 -11.66 27.90 -24.36
C PRO F 64 -12.21 27.22 -25.59
N ASP F 65 -13.31 26.51 -25.35
CA ASP F 65 -14.15 26.02 -26.44
C ASP F 65 -15.26 27.05 -26.61
N LEU F 66 -15.40 27.60 -27.82
CA LEU F 66 -16.48 28.57 -28.06
C LEU F 66 -17.82 27.95 -27.70
N ILE F 67 -18.79 28.81 -27.39
CA ILE F 67 -20.10 28.33 -27.04
C ILE F 67 -20.65 27.47 -28.18
N GLY F 68 -21.29 26.33 -27.81
CA GLY F 68 -21.81 25.36 -28.77
C GLY F 68 -20.76 24.52 -29.45
N MET F 69 -19.48 24.61 -29.01
CA MET F 69 -18.42 23.89 -29.66
C MET F 69 -17.61 23.14 -28.61
N GLY F 70 -16.83 22.16 -29.07
CA GLY F 70 -15.98 21.44 -28.13
C GLY F 70 -16.82 20.82 -27.02
N LYS F 71 -16.32 20.93 -25.79
CA LYS F 71 -17.05 20.45 -24.60
C LYS F 71 -17.89 21.53 -23.92
N SER F 72 -18.02 22.70 -24.55
CA SER F 72 -18.90 23.69 -23.95
C SER F 72 -20.35 23.33 -24.18
N ASP F 73 -21.21 23.98 -23.41
CA ASP F 73 -22.66 23.75 -23.50
C ASP F 73 -23.21 24.21 -24.86
N LYS F 74 -24.47 23.82 -25.10
CA LYS F 74 -25.17 24.03 -26.37
C LYS F 74 -26.50 24.73 -26.08
N PRO F 75 -26.46 26.00 -25.69
CA PRO F 75 -27.71 26.75 -25.50
C PRO F 75 -28.41 26.96 -26.85
N ASP F 76 -29.73 27.19 -26.73
CA ASP F 76 -30.53 27.41 -27.93
C ASP F 76 -30.34 28.83 -28.49
N LEU F 77 -29.25 29.01 -29.23
CA LEU F 77 -28.94 30.32 -29.80
C LEU F 77 -28.98 30.26 -31.32
N ASP F 78 -28.87 31.43 -31.98
CA ASP F 78 -28.64 31.41 -33.42
C ASP F 78 -27.18 31.20 -33.74
N TYR F 79 -26.31 31.42 -32.74
CA TYR F 79 -24.85 31.30 -32.92
C TYR F 79 -24.35 32.27 -33.97
N ARG F 80 -24.94 33.48 -33.98
CA ARG F 80 -24.37 34.58 -34.76
C ARG F 80 -23.03 35.01 -34.17
N PHE F 81 -22.29 35.81 -34.96
CA PHE F 81 -21.00 36.27 -34.49
C PHE F 81 -21.10 36.98 -33.13
N ASP F 82 -22.12 37.80 -32.96
CA ASP F 82 -22.27 38.55 -31.73
C ASP F 82 -22.57 37.64 -30.56
N ASP F 83 -23.19 36.47 -30.80
CA ASP F 83 -23.35 35.54 -29.67
C ASP F 83 -22.00 35.04 -29.20
N HIS F 84 -21.12 34.67 -30.13
CA HIS F 84 -19.77 34.30 -29.73
C HIS F 84 -19.02 35.44 -29.04
N VAL F 85 -19.18 36.66 -29.53
CA VAL F 85 -18.54 37.80 -28.90
C VAL F 85 -18.98 37.90 -27.44
N ARG F 86 -20.30 37.82 -27.21
CA ARG F 86 -20.81 37.92 -25.83
C ARG F 86 -20.27 36.81 -24.92
N TYR F 87 -20.31 35.54 -25.38
CA TYR F 87 -19.87 34.47 -24.49
C TYR F 87 -18.36 34.52 -24.24
N LEU F 88 -17.57 34.84 -25.28
CA LEU F 88 -16.13 34.94 -25.05
C LEU F 88 -15.81 36.14 -24.15
N ASP F 89 -16.51 37.26 -24.32
CA ASP F 89 -16.29 38.40 -23.40
C ASP F 89 -16.57 37.96 -21.96
N ALA F 90 -17.67 37.23 -21.76
CA ALA F 90 -18.05 36.83 -20.41
C ALA F 90 -17.07 35.80 -19.85
N PHE F 91 -16.54 34.92 -20.71
CA PHE F 91 -15.50 33.97 -20.34
C PHE F 91 -14.25 34.67 -19.84
N ILE F 92 -13.75 35.66 -20.59
CA ILE F 92 -12.55 36.41 -20.20
C ILE F 92 -12.78 37.10 -18.85
N GLU F 93 -13.96 37.71 -18.69
CA GLU F 93 -14.32 38.32 -17.42
C GLU F 93 -14.37 37.31 -16.27
N ALA F 94 -14.96 36.14 -16.51
CA ALA F 94 -15.16 35.17 -15.44
C ALA F 94 -13.83 34.63 -14.95
N LEU F 95 -12.83 34.53 -15.83
N LEU F 95 -12.83 34.53 -15.83
CA LEU F 95 -11.51 34.09 -15.39
CA LEU F 95 -11.50 34.08 -15.42
C LEU F 95 -10.70 35.20 -14.77
C LEU F 95 -10.66 35.21 -14.86
N GLY F 96 -11.18 36.44 -14.79
CA GLY F 96 -10.44 37.54 -14.20
C GLY F 96 -9.24 37.95 -15.00
N LEU F 97 -9.24 37.72 -16.31
CA LEU F 97 -8.03 38.05 -17.05
C LEU F 97 -7.86 39.56 -17.12
N GLU F 98 -6.61 39.99 -17.08
CA GLU F 98 -6.27 41.40 -17.16
C GLU F 98 -5.55 41.59 -18.48
N GLU F 99 -4.23 41.50 -18.51
CA GLU F 99 -3.50 41.55 -19.77
C GLU F 99 -3.35 40.14 -20.30
N VAL F 100 -3.23 40.00 -21.64
CA VAL F 100 -3.18 38.66 -22.25
C VAL F 100 -2.29 38.72 -23.45
N VAL F 101 -1.79 37.56 -23.88
CA VAL F 101 -1.25 37.35 -25.24
C VAL F 101 -2.25 36.49 -26.00
N LEU F 102 -2.64 36.91 -27.20
CA LEU F 102 -3.60 36.20 -28.00
C LEU F 102 -2.95 35.30 -29.02
N VAL F 103 -3.47 34.08 -29.19
CA VAL F 103 -3.01 33.18 -30.26
C VAL F 103 -4.28 32.73 -30.94
N ILE F 104 -4.47 33.12 -32.22
CA ILE F 104 -5.80 33.10 -32.83
C ILE F 104 -5.79 32.61 -34.28
N HIS F 105 -6.96 32.09 -34.68
CA HIS F 105 -7.15 31.44 -35.97
C HIS F 105 -8.60 31.55 -36.41
N ASP F 106 -8.82 31.79 -37.70
CA ASP F 106 -10.21 31.67 -38.32
C ASP F 106 -11.17 32.54 -37.50
N TRP F 107 -12.36 32.04 -37.12
CA TRP F 107 -13.30 32.87 -36.39
C TRP F 107 -12.76 33.23 -35.01
N GLY F 108 -11.82 32.44 -34.47
CA GLY F 108 -11.14 32.85 -33.26
C GLY F 108 -10.31 34.10 -33.46
N SER F 109 -9.85 34.32 -34.70
CA SER F 109 -9.12 35.54 -34.95
C SER F 109 -10.06 36.71 -35.10
N ALA F 110 -11.24 36.50 -35.69
CA ALA F 110 -12.19 37.61 -35.71
C ALA F 110 -12.57 37.98 -34.29
N LEU F 111 -12.81 36.99 -33.46
CA LEU F 111 -13.11 37.27 -32.06
C LEU F 111 -11.94 37.95 -31.36
N GLY F 112 -10.72 37.44 -31.60
CA GLY F 112 -9.56 37.98 -30.83
C GLY F 112 -9.17 39.38 -31.28
N PHE F 113 -9.16 39.63 -32.60
CA PHE F 113 -8.85 40.98 -33.09
C PHE F 113 -9.92 41.97 -32.65
N HIS F 114 -11.20 41.53 -32.64
CA HIS F 114 -12.26 42.44 -32.22
C HIS F 114 -12.15 42.76 -30.73
N TRP F 115 -11.80 41.75 -29.95
CA TRP F 115 -11.58 42.01 -28.53
C TRP F 115 -10.35 42.90 -28.33
N ALA F 116 -9.29 42.67 -29.08
CA ALA F 116 -8.07 43.46 -28.94
C ALA F 116 -8.34 44.93 -29.26
N LYS F 117 -9.03 45.18 -30.37
CA LYS F 117 -9.37 46.56 -30.73
C LYS F 117 -10.13 47.24 -29.60
N ARG F 118 -11.00 46.48 -28.91
CA ARG F 118 -11.75 47.05 -27.79
C ARG F 118 -10.95 47.13 -26.50
N ASN F 119 -9.82 46.44 -26.42
CA ASN F 119 -9.06 46.31 -25.17
C ASN F 119 -7.60 46.48 -25.49
N PRO F 120 -7.22 47.57 -26.15
CA PRO F 120 -5.85 47.61 -26.71
C PRO F 120 -4.78 47.61 -25.63
N GLU F 121 -5.03 48.17 -24.45
CA GLU F 121 -3.98 48.18 -23.45
C GLU F 121 -3.82 46.84 -22.75
N ARG F 122 -4.81 45.95 -22.87
CA ARG F 122 -4.70 44.61 -22.31
C ARG F 122 -3.98 43.61 -23.21
N VAL F 123 -3.74 43.91 -24.49
CA VAL F 123 -3.16 42.93 -25.39
C VAL F 123 -1.67 43.18 -25.46
N LYS F 124 -0.89 42.19 -24.99
CA LYS F 124 0.57 42.32 -24.94
C LYS F 124 1.22 41.82 -26.20
N GLY F 125 0.48 41.04 -27.00
CA GLY F 125 0.98 40.52 -28.24
C GLY F 125 -0.10 39.71 -28.91
N ILE F 126 -0.06 39.61 -30.23
CA ILE F 126 -0.99 38.75 -30.96
C ILE F 126 -0.22 37.87 -31.93
N ALA F 127 -0.44 36.55 -31.84
CA ALA F 127 0.06 35.60 -32.80
C ALA F 127 -1.17 35.10 -33.57
N PHE F 128 -1.08 35.12 -34.90
CA PHE F 128 -2.26 34.82 -35.70
C PHE F 128 -1.85 34.09 -36.97
N MET F 129 -2.82 33.40 -37.55
CA MET F 129 -2.60 32.52 -38.68
C MET F 129 -3.94 32.24 -39.36
N GLU F 130 -3.94 32.30 -40.69
CA GLU F 130 -5.17 31.96 -41.43
C GLU F 130 -6.40 32.63 -40.79
N PHE F 131 -6.30 33.96 -40.74
CA PHE F 131 -7.24 34.78 -39.99
C PHE F 131 -8.26 35.42 -40.92
N ILE F 132 -9.33 35.96 -40.33
N ILE F 132 -9.34 35.93 -40.32
CA ILE F 132 -10.40 36.52 -41.14
CA ILE F 132 -10.44 36.53 -41.08
C ILE F 132 -10.10 37.97 -41.47
C ILE F 132 -10.07 37.97 -41.46
N ARG F 133 -10.11 38.28 -42.75
CA ARG F 133 -9.90 39.61 -43.28
C ARG F 133 -11.01 39.84 -44.29
N PRO F 134 -11.27 41.09 -44.70
CA PRO F 134 -12.32 41.32 -45.71
C PRO F 134 -11.92 40.64 -47.02
N ILE F 135 -12.84 39.91 -47.62
CA ILE F 135 -12.58 39.18 -48.86
C ILE F 135 -13.23 40.01 -49.97
N PRO F 136 -12.46 40.72 -50.81
CA PRO F 136 -13.14 41.70 -51.68
C PRO F 136 -14.20 41.09 -52.59
N THR F 137 -13.93 39.95 -53.23
CA THR F 137 -14.91 39.29 -54.11
C THR F 137 -14.68 37.78 -54.00
N TRP F 138 -15.58 37.03 -54.56
CA TRP F 138 -15.45 35.57 -54.60
C TRP F 138 -14.19 35.14 -55.35
N ASP F 139 -13.64 36.03 -56.16
CA ASP F 139 -12.40 35.72 -56.88
C ASP F 139 -11.18 35.61 -55.95
N GLU F 140 -11.26 36.24 -54.78
CA GLU F 140 -10.19 36.20 -53.76
C GLU F 140 -10.40 34.99 -52.83
N TRP F 141 -11.50 34.28 -52.95
CA TRP F 141 -11.65 32.98 -52.29
C TRP F 141 -11.00 31.89 -53.16
N PRO F 142 -10.25 30.95 -52.60
CA PRO F 142 -9.54 29.97 -53.45
C PRO F 142 -10.50 29.17 -54.33
N GLU F 143 -10.13 29.02 -55.60
CA GLU F 143 -11.01 28.37 -56.58
C GLU F 143 -11.42 26.97 -56.14
N PHE F 144 -10.49 26.20 -55.54
CA PHE F 144 -10.80 24.81 -55.24
C PHE F 144 -11.86 24.65 -54.15
N ALA F 145 -12.21 25.75 -53.44
CA ALA F 145 -13.19 25.71 -52.37
C ALA F 145 -14.34 26.66 -52.64
N ARG F 146 -14.34 27.31 -53.80
CA ARG F 146 -15.30 28.39 -54.02
C ARG F 146 -16.72 27.85 -54.15
N GLU F 147 -16.91 26.80 -54.93
CA GLU F 147 -18.29 26.31 -55.10
C GLU F 147 -18.85 25.84 -53.79
N LEU F 148 -18.02 25.22 -52.94
CA LEU F 148 -18.54 24.74 -51.65
C LEU F 148 -18.99 25.92 -50.76
N PHE F 149 -18.14 26.94 -50.65
CA PHE F 149 -18.51 28.02 -49.73
C PHE F 149 -19.64 28.84 -50.32
N GLN F 150 -19.73 28.87 -51.67
CA GLN F 150 -20.88 29.55 -52.24
C GLN F 150 -22.17 28.80 -51.91
N ALA F 151 -22.10 27.47 -51.93
CA ALA F 151 -23.25 26.64 -51.59
C ALA F 151 -23.59 26.79 -50.11
N PHE F 152 -22.56 26.91 -49.24
CA PHE F 152 -22.87 27.07 -47.81
C PHE F 152 -23.70 28.32 -47.55
N ARG F 153 -23.49 29.34 -48.38
CA ARG F 153 -24.21 30.61 -48.26
C ARG F 153 -25.42 30.69 -49.17
N THR F 154 -25.83 29.58 -49.76
CA THR F 154 -27.01 29.55 -50.63
C THR F 154 -28.20 29.09 -49.82
N PRO F 155 -29.34 29.76 -49.85
CA PRO F 155 -30.47 29.32 -49.01
C PRO F 155 -30.87 27.87 -49.30
N ASP F 156 -31.19 27.15 -48.22
CA ASP F 156 -31.56 25.74 -48.18
C ASP F 156 -30.40 24.81 -48.45
N VAL F 157 -29.70 25.01 -49.59
CA VAL F 157 -28.58 24.17 -49.96
C VAL F 157 -27.56 24.12 -48.83
N GLY F 158 -27.19 25.29 -48.32
CA GLY F 158 -26.12 25.31 -47.33
C GLY F 158 -26.47 24.59 -46.04
N ARG F 159 -27.70 24.71 -45.59
CA ARG F 159 -28.10 24.02 -44.35
C ARG F 159 -28.12 22.51 -44.61
N GLU F 160 -28.55 22.13 -45.79
CA GLU F 160 -28.56 20.69 -46.11
C GLU F 160 -27.12 20.18 -46.05
N LEU F 161 -26.19 20.87 -46.71
CA LEU F 161 -24.82 20.39 -46.71
C LEU F 161 -24.24 20.30 -45.30
N ILE F 162 -24.37 21.40 -44.53
CA ILE F 162 -23.65 21.51 -43.25
C ILE F 162 -24.39 20.83 -42.12
N ILE F 163 -25.71 21.06 -42.01
CA ILE F 163 -26.49 20.50 -40.93
C ILE F 163 -26.81 19.04 -41.19
N ASP F 164 -27.41 18.73 -42.36
CA ASP F 164 -27.84 17.34 -42.55
C ASP F 164 -26.65 16.42 -42.83
N TYR F 165 -25.74 16.81 -43.73
CA TYR F 165 -24.66 15.93 -44.20
C TYR F 165 -23.29 16.23 -43.58
N ASN F 166 -23.23 17.18 -42.63
CA ASN F 166 -22.03 17.48 -41.83
C ASN F 166 -20.81 17.84 -42.69
N ALA F 167 -21.04 18.62 -43.74
CA ALA F 167 -19.96 18.92 -44.68
C ALA F 167 -18.78 19.64 -44.02
N PHE F 168 -19.02 20.42 -42.96
CA PHE F 168 -17.87 21.20 -42.48
C PHE F 168 -16.87 20.31 -41.79
N ILE F 169 -17.34 19.21 -41.21
CA ILE F 169 -16.46 18.24 -40.55
C ILE F 169 -15.96 17.22 -41.56
N GLU F 170 -16.87 16.66 -42.37
CA GLU F 170 -16.46 15.51 -43.20
C GLU F 170 -15.78 15.91 -44.50
N ILE F 171 -16.03 17.13 -44.99
CA ILE F 171 -15.42 17.62 -46.22
C ILE F 171 -14.39 18.68 -45.92
N ILE F 172 -14.81 19.77 -45.25
CA ILE F 172 -13.92 20.94 -45.22
C ILE F 172 -12.66 20.68 -44.37
N LEU F 173 -12.80 20.07 -43.16
CA LEU F 173 -11.64 19.80 -42.32
C LEU F 173 -10.54 19.03 -43.04
N PRO F 174 -10.78 17.86 -43.62
CA PRO F 174 -9.67 17.20 -44.32
C PRO F 174 -9.26 17.94 -45.56
N LYS F 175 -10.15 18.67 -46.22
CA LYS F 175 -9.79 19.40 -47.44
C LYS F 175 -8.76 20.48 -47.12
N PHE F 176 -8.82 21.02 -45.90
CA PHE F 176 -8.04 22.20 -45.54
C PHE F 176 -6.84 21.85 -44.66
N VAL F 177 -6.42 20.58 -44.64
CA VAL F 177 -5.16 20.11 -44.07
C VAL F 177 -4.37 19.42 -45.18
N VAL F 178 -3.07 19.71 -45.30
CA VAL F 178 -2.33 19.13 -46.44
C VAL F 178 -2.06 17.66 -46.18
N ARG F 179 -1.58 17.33 -44.98
CA ARG F 179 -1.29 15.96 -44.63
C ARG F 179 -2.61 15.25 -44.35
N PRO F 180 -2.63 13.92 -44.38
CA PRO F 180 -3.90 13.22 -44.13
C PRO F 180 -4.23 13.18 -42.64
N LEU F 181 -5.46 13.56 -42.33
CA LEU F 181 -5.91 13.42 -40.96
C LEU F 181 -6.14 11.94 -40.65
N THR F 182 -5.94 11.57 -39.38
CA THR F 182 -6.21 10.19 -39.01
C THR F 182 -7.66 10.06 -38.58
N GLU F 183 -8.13 8.82 -38.51
CA GLU F 183 -9.50 8.56 -38.00
C GLU F 183 -9.64 9.00 -36.55
N GLU F 184 -8.61 8.75 -35.74
CA GLU F 184 -8.65 9.20 -34.35
C GLU F 184 -8.86 10.72 -34.24
N GLU F 185 -8.13 11.50 -35.06
CA GLU F 185 -8.29 12.95 -35.06
C GLU F 185 -9.70 13.33 -35.53
N MET F 186 -10.14 12.71 -36.62
CA MET F 186 -11.50 13.00 -37.09
C MET F 186 -12.51 12.75 -36.00
N ASP F 187 -12.35 11.67 -35.26
CA ASP F 187 -13.34 11.37 -34.22
C ASP F 187 -13.33 12.40 -33.10
N HIS F 188 -12.16 12.95 -32.75
CA HIS F 188 -12.14 14.07 -31.80
C HIS F 188 -12.91 15.28 -32.36
N TYR F 189 -12.71 15.60 -33.63
CA TYR F 189 -13.43 16.74 -34.23
C TYR F 189 -14.93 16.47 -34.39
N ARG F 190 -15.31 15.21 -34.60
CA ARG F 190 -16.71 14.86 -34.78
C ARG F 190 -17.50 14.92 -33.49
N GLU F 191 -16.84 14.72 -32.35
CA GLU F 191 -17.60 14.45 -31.13
C GLU F 191 -18.63 15.55 -30.80
N PRO F 192 -18.33 16.85 -30.93
CA PRO F 192 -19.35 17.86 -30.55
C PRO F 192 -20.51 17.96 -31.52
N PHE F 193 -20.44 17.24 -32.65
CA PHE F 193 -21.39 17.48 -33.74
C PHE F 193 -22.05 16.19 -34.20
N LEU F 194 -22.09 15.17 -33.36
CA LEU F 194 -22.63 13.88 -33.80
C LEU F 194 -24.10 13.98 -34.22
N LYS F 195 -24.84 14.89 -33.61
CA LYS F 195 -26.27 15.04 -33.94
C LYS F 195 -26.50 16.35 -34.67
N PRO F 196 -27.40 16.35 -35.65
CA PRO F 196 -27.56 17.55 -36.47
C PRO F 196 -28.07 18.75 -35.72
N GLU F 197 -28.88 18.56 -34.66
CA GLU F 197 -29.33 19.71 -33.88
C GLU F 197 -28.18 20.42 -33.16
N TRP F 198 -26.95 19.90 -33.28
CA TRP F 198 -25.77 20.51 -32.67
C TRP F 198 -24.98 21.33 -33.69
N ARG F 199 -25.43 21.35 -34.94
CA ARG F 199 -24.56 21.87 -35.99
C ARG F 199 -24.90 23.30 -36.41
N GLU F 200 -25.81 24.00 -35.72
CA GLU F 200 -26.09 25.37 -36.13
C GLU F 200 -24.86 26.28 -36.18
N PRO F 201 -23.92 26.22 -35.23
CA PRO F 201 -22.74 27.11 -35.32
C PRO F 201 -21.97 26.89 -36.60
N LEU F 202 -21.94 25.63 -37.06
CA LEU F 202 -21.12 25.30 -38.23
C LEU F 202 -21.64 25.94 -39.49
N TRP F 203 -22.97 26.13 -39.57
CA TRP F 203 -23.60 26.76 -40.73
C TRP F 203 -23.60 28.30 -40.60
N ARG F 204 -23.79 28.82 -39.37
CA ARG F 204 -23.85 30.27 -39.27
C ARG F 204 -22.48 30.90 -39.57
N PHE F 205 -21.38 30.26 -39.17
CA PHE F 205 -20.06 30.86 -39.42
C PHE F 205 -19.78 31.16 -40.89
N PRO F 206 -19.92 30.25 -41.85
CA PRO F 206 -19.58 30.64 -43.24
C PRO F 206 -20.56 31.67 -43.78
N ASN F 207 -21.79 31.73 -43.21
CA ASN F 207 -22.74 32.78 -43.54
C ASN F 207 -22.43 34.12 -42.90
N GLU F 208 -21.41 34.20 -42.04
CA GLU F 208 -20.91 35.46 -41.53
C GLU F 208 -19.62 35.93 -42.20
N LEU F 209 -19.03 35.13 -43.07
CA LEU F 209 -17.73 35.47 -43.66
C LEU F 209 -17.88 36.77 -44.43
N PRO F 210 -16.96 37.70 -44.27
CA PRO F 210 -17.16 39.02 -44.90
C PRO F 210 -16.67 39.02 -46.35
N ILE F 211 -17.61 38.92 -47.29
CA ILE F 211 -17.28 38.73 -48.71
C ILE F 211 -18.03 39.77 -49.55
N ASN F 212 -17.29 40.65 -50.23
CA ASN F 212 -17.89 41.69 -51.09
C ASN F 212 -18.95 42.50 -50.35
N GLY F 213 -18.62 42.91 -49.13
CA GLY F 213 -19.49 43.78 -48.36
C GLY F 213 -20.58 43.09 -47.56
N GLU F 214 -20.69 41.75 -47.64
CA GLU F 214 -21.81 41.07 -47.01
C GLU F 214 -21.38 39.88 -46.16
N PRO F 215 -21.98 39.71 -44.97
CA PRO F 215 -22.97 40.61 -44.37
C PRO F 215 -22.32 41.93 -43.97
N ALA F 216 -23.09 43.01 -44.08
CA ALA F 216 -22.50 44.35 -43.88
C ALA F 216 -22.01 44.58 -42.46
N ASP F 217 -22.66 44.00 -41.44
CA ASP F 217 -22.18 44.26 -40.08
C ASP F 217 -20.83 43.61 -39.82
N ILE F 218 -20.66 42.36 -40.23
CA ILE F 218 -19.34 41.74 -40.08
C ILE F 218 -18.30 42.43 -40.95
N TRP F 219 -18.65 42.72 -42.23
CA TRP F 219 -17.70 43.46 -43.05
C TRP F 219 -17.17 44.69 -42.33
N ALA F 220 -18.07 45.47 -41.71
CA ALA F 220 -17.60 46.70 -41.09
C ALA F 220 -16.75 46.41 -39.85
N LEU F 221 -17.11 45.38 -39.10
CA LEU F 221 -16.36 45.07 -37.88
C LEU F 221 -14.97 44.53 -38.20
N VAL F 222 -14.85 43.73 -39.26
CA VAL F 222 -13.58 43.20 -39.68
C VAL F 222 -12.73 44.32 -40.27
N GLU F 223 -13.31 45.17 -41.12
CA GLU F 223 -12.54 46.33 -41.59
C GLU F 223 -12.02 47.16 -40.42
N ALA F 224 -12.84 47.35 -39.37
CA ALA F 224 -12.44 48.18 -38.23
C ALA F 224 -11.25 47.55 -37.48
N TYR F 225 -11.29 46.22 -37.27
CA TYR F 225 -10.12 45.70 -36.54
C TYR F 225 -8.90 45.59 -37.47
N MET F 226 -9.06 45.52 -38.78
CA MET F 226 -7.88 45.50 -39.62
C MET F 226 -7.25 46.87 -39.65
N ASN F 227 -8.09 47.92 -39.61
CA ASN F 227 -7.54 49.28 -39.50
C ASN F 227 -6.76 49.45 -38.21
N TRP F 228 -7.33 48.94 -37.09
CA TRP F 228 -6.63 48.97 -35.80
C TRP F 228 -5.29 48.24 -35.89
N LEU F 229 -5.30 47.08 -36.57
CA LEU F 229 -4.09 46.26 -36.63
C LEU F 229 -2.99 46.95 -37.41
N HIS F 230 -3.39 47.68 -38.46
CA HIS F 230 -2.41 48.42 -39.25
C HIS F 230 -1.83 49.60 -38.51
N GLN F 231 -2.59 50.17 -37.54
CA GLN F 231 -2.06 51.33 -36.81
C GLN F 231 -1.38 50.98 -35.50
N SER F 232 -1.66 49.82 -34.93
CA SER F 232 -1.30 49.51 -33.55
C SER F 232 0.18 49.14 -33.46
N PRO F 233 0.88 49.58 -32.42
CA PRO F 233 2.28 49.15 -32.22
C PRO F 233 2.40 47.82 -31.49
N VAL F 234 1.30 47.10 -31.24
CA VAL F 234 1.34 45.83 -30.49
C VAL F 234 2.27 44.84 -31.19
N PRO F 235 3.03 44.05 -30.46
CA PRO F 235 3.78 42.95 -31.09
C PRO F 235 2.86 41.94 -31.78
N LYS F 236 3.29 41.55 -33.01
CA LYS F 236 2.52 40.68 -33.87
C LYS F 236 3.42 39.56 -34.39
N LEU F 237 2.82 38.39 -34.51
CA LEU F 237 3.52 37.22 -35.07
C LEU F 237 2.56 36.53 -36.00
N LEU F 238 2.92 36.43 -37.29
CA LEU F 238 2.07 35.80 -38.30
C LEU F 238 2.69 34.48 -38.75
N PHE F 239 1.93 33.39 -38.68
CA PHE F 239 2.29 32.12 -39.34
C PHE F 239 1.53 31.98 -40.65
N TRP F 240 2.25 31.58 -41.72
CA TRP F 240 1.54 31.42 -43.01
C TRP F 240 2.10 30.21 -43.73
N GLY F 241 1.26 29.59 -44.57
CA GLY F 241 1.65 28.40 -45.31
C GLY F 241 1.41 28.59 -46.79
N THR F 242 1.77 27.58 -47.57
CA THR F 242 1.45 27.63 -48.97
C THR F 242 0.63 26.40 -49.40
N PRO F 243 -0.46 26.58 -50.17
CA PRO F 243 -0.91 27.84 -50.75
C PRO F 243 -1.76 28.70 -49.83
N GLY F 244 -2.03 28.21 -48.59
CA GLY F 244 -2.97 28.94 -47.77
C GLY F 244 -4.39 28.87 -48.28
N VAL F 245 -5.29 29.53 -47.53
CA VAL F 245 -6.71 29.61 -47.89
C VAL F 245 -7.17 31.05 -47.71
N LEU F 246 -7.23 31.54 -46.43
CA LEU F 246 -7.58 32.94 -46.19
C LEU F 246 -6.39 33.85 -46.38
N ILE F 247 -5.16 33.37 -46.12
CA ILE F 247 -3.94 34.19 -46.20
C ILE F 247 -2.95 33.57 -47.18
N PRO F 248 -3.13 33.78 -48.47
CA PRO F 248 -2.20 33.19 -49.44
C PRO F 248 -0.88 33.91 -49.36
N PRO F 249 0.14 33.43 -50.06
CA PRO F 249 1.45 34.06 -49.94
C PRO F 249 1.48 35.54 -50.30
N ALA F 250 0.73 35.98 -51.31
CA ALA F 250 0.74 37.41 -51.63
C ALA F 250 0.21 38.24 -50.49
N GLU F 251 -0.76 37.69 -49.75
CA GLU F 251 -1.29 38.44 -48.61
C GLU F 251 -0.29 38.44 -47.46
N ALA F 252 0.37 37.32 -47.22
CA ALA F 252 1.42 37.31 -46.21
C ALA F 252 2.47 38.35 -46.54
N ALA F 253 2.85 38.46 -47.84
CA ALA F 253 3.84 39.48 -48.21
C ALA F 253 3.30 40.90 -47.95
N ARG F 254 2.03 41.17 -48.30
CA ARG F 254 1.50 42.50 -48.03
C ARG F 254 1.51 42.81 -46.53
N LEU F 255 1.23 41.80 -45.70
CA LEU F 255 1.20 42.04 -44.25
C LEU F 255 2.60 42.29 -43.74
N ALA F 256 3.58 41.54 -44.28
CA ALA F 256 4.98 41.74 -43.91
C ALA F 256 5.41 43.18 -44.20
N GLU F 257 4.87 43.74 -45.29
CA GLU F 257 5.20 45.10 -45.67
C GLU F 257 4.50 46.13 -44.82
N SER F 258 3.27 45.87 -44.37
CA SER F 258 2.44 46.94 -43.84
C SER F 258 2.23 46.91 -42.33
N LEU F 259 2.30 45.78 -41.70
CA LEU F 259 1.90 45.82 -40.28
C LEU F 259 3.04 46.24 -39.39
N PRO F 260 2.85 47.14 -38.42
CA PRO F 260 3.94 47.49 -37.51
C PRO F 260 4.31 46.33 -36.61
N ASN F 261 5.61 46.25 -36.27
CA ASN F 261 6.09 45.38 -35.20
C ASN F 261 5.70 43.91 -35.43
N LEU F 262 5.85 43.44 -36.66
CA LEU F 262 5.46 42.12 -37.12
C LEU F 262 6.66 41.23 -37.37
N LYS F 263 6.62 40.04 -36.81
CA LYS F 263 7.48 38.93 -37.21
C LYS F 263 6.66 37.94 -38.02
N THR F 264 7.24 37.38 -39.07
CA THR F 264 6.52 36.39 -39.88
C THR F 264 7.28 35.08 -39.92
N VAL F 265 6.54 33.97 -39.92
CA VAL F 265 7.10 32.62 -39.93
C VAL F 265 6.37 31.80 -41.00
N PHE F 266 7.10 31.37 -42.03
CA PHE F 266 6.60 30.45 -43.03
C PHE F 266 6.62 29.01 -42.49
N ILE F 267 5.50 28.29 -42.59
CA ILE F 267 5.44 26.98 -41.95
C ILE F 267 5.57 25.84 -42.96
N GLY F 268 5.73 26.13 -44.25
CA GLY F 268 5.73 25.05 -45.22
C GLY F 268 4.38 24.86 -45.87
N PRO F 269 4.09 23.65 -46.36
CA PRO F 269 2.77 23.41 -46.96
C PRO F 269 1.67 23.67 -45.93
N GLY F 270 0.59 24.27 -46.40
CA GLY F 270 -0.49 24.53 -45.43
C GLY F 270 -1.62 25.11 -46.22
N LEU F 271 -2.85 24.79 -45.77
CA LEU F 271 -4.09 25.28 -46.37
C LEU F 271 -4.74 26.17 -45.34
N HIS F 272 -5.70 25.69 -44.54
CA HIS F 272 -6.31 26.56 -43.54
C HIS F 272 -5.94 26.17 -42.12
N TYR F 273 -6.01 24.88 -41.77
CA TYR F 273 -5.77 24.46 -40.37
C TYR F 273 -4.27 24.19 -40.20
N LEU F 274 -3.51 25.27 -40.20
CA LEU F 274 -2.05 25.14 -40.26
C LEU F 274 -1.49 24.37 -39.07
N GLN F 275 -2.21 24.43 -37.94
CA GLN F 275 -1.83 23.75 -36.72
C GLN F 275 -1.75 22.24 -36.91
N GLU F 276 -2.48 21.71 -37.89
CA GLU F 276 -2.47 20.29 -38.18
C GLU F 276 -1.35 19.92 -39.15
N ASP F 277 -0.75 20.90 -39.80
CA ASP F 277 0.37 20.58 -40.70
C ASP F 277 1.72 20.83 -40.04
N ASN F 278 1.91 21.86 -39.23
CA ASN F 278 3.23 22.10 -38.60
C ASN F 278 3.04 22.64 -37.20
N PRO F 279 2.48 21.82 -36.31
CA PRO F 279 2.31 22.30 -34.94
C PRO F 279 3.61 22.57 -34.23
N ASP F 280 4.64 21.81 -34.51
CA ASP F 280 5.85 21.98 -33.72
C ASP F 280 6.52 23.31 -34.03
N LEU F 281 6.49 23.74 -35.29
CA LEU F 281 7.12 25.02 -35.60
C LEU F 281 6.30 26.15 -35.04
N ILE F 282 4.96 26.03 -35.13
CA ILE F 282 4.10 27.09 -34.60
C ILE F 282 4.31 27.25 -33.10
N GLY F 283 4.31 26.14 -32.37
CA GLY F 283 4.46 26.21 -30.93
C GLY F 283 5.85 26.67 -30.50
N SER F 284 6.87 26.13 -31.16
CA SER F 284 8.22 26.51 -30.74
C SER F 284 8.49 27.98 -31.06
N GLU F 285 8.01 28.49 -32.20
CA GLU F 285 8.22 29.89 -32.49
C GLU F 285 7.41 30.79 -31.58
N ILE F 286 6.14 30.42 -31.24
CA ILE F 286 5.46 31.22 -30.22
C ILE F 286 6.30 31.33 -28.94
N ALA F 287 6.77 30.16 -28.47
CA ALA F 287 7.54 30.11 -27.21
C ALA F 287 8.76 31.01 -27.28
N ARG F 288 9.45 31.01 -28.44
CA ARG F 288 10.65 31.84 -28.62
C ARG F 288 10.31 33.31 -28.67
N TRP F 289 9.10 33.65 -29.16
CA TRP F 289 8.72 35.05 -29.31
C TRP F 289 8.21 35.67 -28.02
N LEU F 290 7.62 34.87 -27.11
CA LEU F 290 7.01 35.44 -25.91
C LEU F 290 7.97 36.18 -24.97
N PRO F 291 9.20 35.72 -24.77
CA PRO F 291 10.02 36.34 -23.70
C PRO F 291 10.16 37.82 -23.87
N ALA F 292 10.40 38.27 -25.12
CA ALA F 292 10.52 39.69 -25.41
C ALA F 292 9.23 40.47 -25.13
N LEU F 293 8.10 39.80 -24.93
CA LEU F 293 6.88 40.51 -24.57
C LEU F 293 6.93 40.83 -23.08
CL CL G . 9.26 -41.22 10.22
S SO4 H . 41.15 -36.77 17.46
O1 SO4 H . 40.20 -36.01 16.64
O2 SO4 H . 41.44 -35.97 18.66
O3 SO4 H . 40.56 -38.04 17.86
O4 SO4 H . 42.38 -37.04 16.74
O1 PG4 I . 4.93 -19.94 11.91
C1 PG4 I . 6.02 -20.80 11.84
C2 PG4 I . 5.52 -22.24 12.08
O2 PG4 I . 4.88 -22.69 10.91
C3 PG4 I . 4.43 -24.03 11.08
C4 PG4 I . 3.42 -24.41 9.96
O3 PG4 I . 2.28 -23.60 10.13
C5 PG4 I . 1.52 -23.49 8.95
C6 PG4 I . 0.75 -24.81 8.65
O4 PG4 I . -0.27 -24.98 9.60
C7 PG4 I . -0.94 -26.20 9.34
C8 PG4 I . -1.99 -26.46 10.44
O5 PG4 I . -1.33 -26.49 11.67
C1 GOL J . 19.52 -22.54 23.64
O1 GOL J . 19.97 -23.83 23.34
C2 GOL J . 18.07 -22.54 24.14
O2 GOL J . 17.91 -23.34 25.29
C3 GOL J . 17.63 -21.14 24.56
O3 GOL J . 16.93 -20.58 23.48
C1 GOL K . 8.87 -47.72 -8.87
O1 GOL K . 8.22 -47.39 -10.09
C2 GOL K . 10.34 -47.24 -8.71
O2 GOL K . 11.01 -47.16 -9.93
C3 GOL K . 10.56 -45.89 -8.02
O3 GOL K . 9.76 -44.96 -8.69
C TRS L . 0.46 -50.90 11.38
C1 TRS L . 0.55 -49.45 10.95
C2 TRS L . -0.45 -51.03 12.61
C3 TRS L . 1.85 -51.50 11.65
N TRS L . -0.18 -51.67 10.26
O1 TRS L . 0.63 -49.39 9.54
O2 TRS L . -0.62 -52.37 13.05
O3 TRS L . 2.08 -51.84 13.02
C1 GOL M . 21.88 -53.49 -0.23
O1 GOL M . 21.02 -52.72 -1.04
C2 GOL M . 22.92 -52.49 0.25
O2 GOL M . 22.60 -52.10 1.56
C3 GOL M . 24.30 -53.09 0.21
O3 GOL M . 24.86 -52.89 1.47
C1 GOL N . 36.12 -54.85 20.47
O1 GOL N . 35.79 -53.71 19.72
C2 GOL N . 35.07 -55.95 20.22
O2 GOL N . 35.37 -57.08 20.98
C3 GOL N . 35.21 -56.42 18.81
O3 GOL N . 36.35 -55.75 18.37
CL CL O . -25.14 -15.79 -8.45
S SO4 P . -33.76 -25.40 -7.75
O1 SO4 P . -34.53 -25.76 -6.51
O2 SO4 P . -33.67 -23.96 -7.91
O3 SO4 P . -34.45 -25.94 -8.95
O4 SO4 P . -32.43 -26.04 -7.65
C1 GOL Q . 1.28 -28.23 -1.57
O1 GOL Q . 2.32 -29.03 -1.88
C2 GOL Q . 1.84 -27.52 -0.42
O2 GOL Q . 2.12 -26.32 -1.09
C3 GOL Q . 0.62 -27.57 0.50
O3 GOL Q . -0.10 -28.71 0.08
C1 GOL R . -27.39 -17.53 -26.21
O1 GOL R . -27.12 -16.18 -26.43
C2 GOL R . -26.66 -18.39 -27.26
O2 GOL R . -27.08 -19.71 -27.12
C3 GOL R . -25.14 -18.41 -27.17
O3 GOL R . -24.74 -18.88 -28.42
CL CL S . -3.64 23.00 7.02
S SO4 T . -11.90 13.09 7.53
O1 SO4 T . -12.64 12.75 8.79
O2 SO4 T . -11.85 14.56 7.41
O3 SO4 T . -12.52 12.55 6.33
O4 SO4 T . -10.53 12.53 7.71
S SO4 U . 28.25 28.13 13.86
O1 SO4 U . 27.51 29.13 13.10
O2 SO4 U . 29.09 28.80 14.85
O3 SO4 U . 27.31 27.26 14.58
O4 SO4 U . 29.09 27.35 12.93
C1 GOL V . 24.44 12.65 14.90
O1 GOL V . 24.67 13.52 13.80
C2 GOL V . 23.49 11.53 14.48
O2 GOL V . 24.18 10.57 13.65
C3 GOL V . 23.02 10.94 15.80
O3 GOL V . 21.86 10.24 15.50
CL CL W . -15.38 -8.53 37.77
S SO4 X . -39.44 11.28 20.63
O1 SO4 X . -40.11 12.58 20.73
O2 SO4 X . -38.61 11.22 19.39
O3 SO4 X . -40.40 10.18 20.66
O4 SO4 X . -38.57 11.12 21.81
S SO4 Y . -3.69 -13.95 37.86
O1 SO4 Y . -4.24 -12.60 38.01
O2 SO4 Y . -2.65 -13.96 36.76
O3 SO4 Y . -4.74 -14.92 37.44
O4 SO4 Y . -3.08 -14.38 39.14
O1 PG4 Z . -20.22 13.77 32.67
C1 PG4 Z . -19.31 12.94 33.33
C2 PG4 Z . -19.94 11.56 33.41
O2 PG4 Z . -19.12 10.71 32.65
C3 PG4 Z . -18.76 9.54 33.33
C4 PG4 Z . -18.10 9.95 34.65
O3 PG4 Z . -17.13 8.98 34.88
C5 PG4 Z . -16.18 9.28 35.87
C6 PG4 Z . -15.55 10.59 35.41
O4 PG4 Z . -15.04 11.33 36.49
C7 PG4 Z . -14.56 10.55 37.55
C8 PG4 Z . -13.03 10.66 37.55
O5 PG4 Z . -12.54 10.14 36.35
C1 GOL AA . -12.71 7.87 45.82
O1 GOL AA . -11.33 7.95 46.10
C2 GOL AA . -13.50 8.35 47.07
O2 GOL AA . -13.89 7.21 47.86
C3 GOL AA . -14.73 9.07 46.49
O3 GOL AA . -15.58 9.62 47.46
CL CL BA . 18.88 4.36 -24.31
S SO4 CA . 12.35 10.90 -33.29
O1 SO4 CA . 10.90 11.02 -33.36
O2 SO4 CA . 12.83 11.86 -32.30
O3 SO4 CA . 12.61 9.52 -32.94
O4 SO4 CA . 12.91 11.22 -34.63
C1 GOL DA . 1.05 3.92 -11.85
O1 GOL DA . -0.08 3.08 -12.04
C2 GOL DA . 1.66 4.46 -13.18
O2 GOL DA . 0.66 4.93 -14.02
C3 GOL DA . 2.73 3.69 -13.98
O3 GOL DA . 2.16 2.53 -14.59
C1 GOL EA . 23.61 -9.97 -11.56
O1 GOL EA . 23.37 -8.75 -12.21
C2 GOL EA . 24.88 -9.83 -10.72
O2 GOL EA . 24.94 -8.53 -10.22
C3 GOL EA . 25.21 -10.99 -9.77
O3 GOL EA . 24.76 -10.96 -8.44
O1 PG4 FA . 48.31 21.27 -9.54
C1 PG4 FA . 47.73 22.39 -10.12
C2 PG4 FA . 47.84 23.56 -9.16
O2 PG4 FA . 47.24 24.66 -9.81
C3 PG4 FA . 45.89 24.40 -10.15
C4 PG4 FA . 45.19 25.63 -10.65
O3 PG4 FA . 43.84 25.25 -11.00
C5 PG4 FA . 43.73 24.37 -12.12
C6 PG4 FA . 42.35 23.69 -12.06
O4 PG4 FA . 41.35 24.43 -12.77
C7 PG4 FA . 41.80 24.66 -14.10
C8 PG4 FA . 40.85 25.50 -14.96
O5 PG4 FA . 41.55 25.93 -16.14
C1 GOL GA . 33.61 25.53 -8.93
O1 GOL GA . 32.61 26.04 -9.81
C2 GOL GA . 32.70 24.94 -7.85
O2 GOL GA . 33.32 24.34 -6.74
C3 GOL GA . 32.20 26.32 -7.59
O3 GOL GA . 31.93 26.42 -6.34
CL CL HA . -16.59 29.58 -41.75
C1 GOL IA . -13.45 17.92 -28.82
O1 GOL IA . -14.06 18.33 -27.62
C2 GOL IA . -12.30 16.91 -28.59
O2 GOL IA . -12.81 15.61 -28.51
C3 GOL IA . -11.42 17.13 -27.36
O3 GOL IA . -10.90 15.87 -27.00
#